data_7AUL
# 
_entry.id   7AUL 
# 
_audit_conform.dict_name       mmcif_pdbx.dic 
_audit_conform.dict_version    5.384 
_audit_conform.dict_location   http://mmcif.pdb.org/dictionaries/ascii/mmcif_pdbx.dic 
# 
loop_
_database_2.database_id 
_database_2.database_code 
_database_2.pdbx_database_accession 
_database_2.pdbx_DOI 
PDB   7AUL         pdb_00007aul 10.2210/pdb7aul/pdb 
WWPDB D_1292111533 ?            ?                   
# 
loop_
_pdbx_audit_revision_history.ordinal 
_pdbx_audit_revision_history.data_content_type 
_pdbx_audit_revision_history.major_revision 
_pdbx_audit_revision_history.minor_revision 
_pdbx_audit_revision_history.revision_date 
1 'Structure model' 1 0 2021-05-19 
2 'Structure model' 1 1 2024-01-31 
# 
_pdbx_audit_revision_details.ordinal             1 
_pdbx_audit_revision_details.revision_ordinal    1 
_pdbx_audit_revision_details.data_content_type   'Structure model' 
_pdbx_audit_revision_details.provider            repository 
_pdbx_audit_revision_details.type                'Initial release' 
_pdbx_audit_revision_details.description         ? 
_pdbx_audit_revision_details.details             ? 
# 
loop_
_pdbx_audit_revision_group.ordinal 
_pdbx_audit_revision_group.revision_ordinal 
_pdbx_audit_revision_group.data_content_type 
_pdbx_audit_revision_group.group 
1 2 'Structure model' 'Data collection'        
2 2 'Structure model' 'Database references'    
3 2 'Structure model' 'Refinement description' 
# 
loop_
_pdbx_audit_revision_category.ordinal 
_pdbx_audit_revision_category.revision_ordinal 
_pdbx_audit_revision_category.data_content_type 
_pdbx_audit_revision_category.category 
1 2 'Structure model' chem_comp_atom                
2 2 'Structure model' chem_comp_bond                
3 2 'Structure model' database_2                    
4 2 'Structure model' pdbx_initial_refinement_model 
# 
loop_
_pdbx_audit_revision_item.ordinal 
_pdbx_audit_revision_item.revision_ordinal 
_pdbx_audit_revision_item.data_content_type 
_pdbx_audit_revision_item.item 
1 2 'Structure model' '_database_2.pdbx_DOI'                
2 2 'Structure model' '_database_2.pdbx_database_accession' 
# 
_pdbx_database_status.status_code                     REL 
_pdbx_database_status.status_code_sf                  REL 
_pdbx_database_status.status_code_mr                  ? 
_pdbx_database_status.entry_id                        7AUL 
_pdbx_database_status.recvd_initial_deposition_date   2020-11-03 
_pdbx_database_status.SG_entry                        N 
_pdbx_database_status.deposit_site                    PDBE 
_pdbx_database_status.process_site                    PDBE 
_pdbx_database_status.status_code_cs                  ? 
_pdbx_database_status.status_code_nmr_data            ? 
_pdbx_database_status.methods_development_category    ? 
_pdbx_database_status.pdb_format_compatible           Y 
# 
loop_
_pdbx_database_related.db_name 
_pdbx_database_related.details 
_pdbx_database_related.db_id 
_pdbx_database_related.content_type 
PDB . 7AUI unspecified 
PDB . 7AUJ unspecified 
PDB . 7AUK unspecified 
# 
loop_
_audit_author.name 
_audit_author.pdbx_ordinal 
_audit_author.identifier_ORCID 
'Marquez-Monino, M.A.' 1 0000-0003-4177-9359 
'Gonzalez, B.'         2 0000-0002-0710-0202 
# 
_citation.abstract                  ? 
_citation.abstract_id_CAS           ? 
_citation.book_id_ISBN              ? 
_citation.book_publisher            ? 
_citation.book_publisher_city       ? 
_citation.book_title                ? 
_citation.coordinate_linkage        ? 
_citation.country                   US 
_citation.database_id_Medline       ? 
_citation.details                   ? 
_citation.id                        primary 
_citation.journal_abbrev            'Sci Adv' 
_citation.journal_id_ASTM           ? 
_citation.journal_id_CSD            ? 
_citation.journal_id_ISSN           2375-2548 
_citation.journal_full              ? 
_citation.journal_issue             ? 
_citation.journal_volume            7 
_citation.language                  ? 
_citation.page_first                ? 
_citation.page_last                 ? 
_citation.title                     
;Multiple substrate recognition by yeast diadenosine and diphosphoinositol polyphosphate phosphohydrolase through phosphate clamping.
;
_citation.year                      2021 
_citation.database_id_CSD           ? 
_citation.pdbx_database_id_DOI      10.1126/sciadv.abf6744 
_citation.pdbx_database_id_PubMed   33893105 
_citation.unpublished_flag          ? 
# 
loop_
_citation_author.citation_id 
_citation_author.name 
_citation_author.ordinal 
_citation_author.identifier_ORCID 
primary 'Marquez-Monino, M.A.'  1 0000-0003-4177-9359 
primary 'Ortega-Garcia, R.'     2 ?                   
primary 'Shipton, M.L.'         3 0000-0002-9982-0927 
primary 'Franco-Echevarria, E.' 4 0000-0001-7306-6594 
primary 'Riley, A.M.'           5 0000-0001-9003-3540 
primary 'Sanz-Aparicio, J.'     6 ?                   
primary 'Potter, B.V.L.'        7 0000-0003-3255-9135 
primary 'Gonzalez, B.'          8 0000-0002-0710-0202 
# 
loop_
_entity.id 
_entity.type 
_entity.src_method 
_entity.pdbx_description 
_entity.formula_weight 
_entity.pdbx_number_of_molecules 
_entity.pdbx_ec 
_entity.pdbx_mutation 
_entity.pdbx_fragment 
_entity.details 
1 polymer     man 'Diphosphoinositol polyphosphate phosphohydrolase DDP1'                                  21812.713 1  
3.6.1.52,3.6.1.60 ? ? 'GGS is a rest of purification linker, protein starts in MGK.' 
2 non-polymer syn '(1r,2R,3S,4s,5R,6S)-2,3,4,5,6-pentakis(phosphonooxy)cyclohexyl trihydrogen diphosphate' 740.015   1  ? ? ? ? 
3 non-polymer syn 'ACETATE ION'                                                                            59.044    1  ? ? ? ? 
4 non-polymer syn 'MAGNESIUM ION'                                                                          24.305    1  ? ? ? ? 
5 water       nat water                                                                                    18.015    46 ? ? ? ? 
# 
_entity_name_com.entity_id   1 
_entity_name_com.name        
;Diadenosine 5',5'''-P1,P6-hexaphosphate hydrolase,Ap6A hydrolase,Diadenosine and diphosphoinositol polyphosphate phosphohydrolase 1,Diadenosine hexaphosphate hydrolase (AMP-forming)
;
# 
_entity_poly.entity_id                      1 
_entity_poly.type                           'polypeptide(L)' 
_entity_poly.nstd_linkage                   no 
_entity_poly.nstd_monomer                   no 
_entity_poly.pdbx_seq_one_letter_code       
;GGSMGKTADNHGPVRSETAREGRENQVYSPVTGARLVAGCICLTPDKKQVLMITSSAHKKRWIVPKGGVEKDEPNYETTA
QRETWEEAGCIGKIVANLGTVEDMRPPKDWNKDIKQFENSRKDSEVAKHPPRTEFHFYELEIENLLDKFPECHKRHRKLY
SYTEAKQNLIDAKRPELLEALNRSAIIKDDK
;
_entity_poly.pdbx_seq_one_letter_code_can   
;GGSMGKTADNHGPVRSETAREGRENQVYSPVTGARLVAGCICLTPDKKQVLMITSSAHKKRWIVPKGGVEKDEPNYETTA
QRETWEEAGCIGKIVANLGTVEDMRPPKDWNKDIKQFENSRKDSEVAKHPPRTEFHFYELEIENLLDKFPECHKRHRKLY
SYTEAKQNLIDAKRPELLEALNRSAIIKDDK
;
_entity_poly.pdbx_strand_id                 A 
_entity_poly.pdbx_target_identifier         ? 
# 
loop_
_pdbx_entity_nonpoly.entity_id 
_pdbx_entity_nonpoly.name 
_pdbx_entity_nonpoly.comp_id 
2 '(1r,2R,3S,4s,5R,6S)-2,3,4,5,6-pentakis(phosphonooxy)cyclohexyl trihydrogen diphosphate' I7P 
3 'ACETATE ION'                                                                            ACT 
4 'MAGNESIUM ION'                                                                          MG  
5 water                                                                                    HOH 
# 
loop_
_entity_poly_seq.entity_id 
_entity_poly_seq.num 
_entity_poly_seq.mon_id 
_entity_poly_seq.hetero 
1 1   GLY n 
1 2   GLY n 
1 3   SER n 
1 4   MET n 
1 5   GLY n 
1 6   LYS n 
1 7   THR n 
1 8   ALA n 
1 9   ASP n 
1 10  ASN n 
1 11  HIS n 
1 12  GLY n 
1 13  PRO n 
1 14  VAL n 
1 15  ARG n 
1 16  SER n 
1 17  GLU n 
1 18  THR n 
1 19  ALA n 
1 20  ARG n 
1 21  GLU n 
1 22  GLY n 
1 23  ARG n 
1 24  GLU n 
1 25  ASN n 
1 26  GLN n 
1 27  VAL n 
1 28  TYR n 
1 29  SER n 
1 30  PRO n 
1 31  VAL n 
1 32  THR n 
1 33  GLY n 
1 34  ALA n 
1 35  ARG n 
1 36  LEU n 
1 37  VAL n 
1 38  ALA n 
1 39  GLY n 
1 40  CYS n 
1 41  ILE n 
1 42  CYS n 
1 43  LEU n 
1 44  THR n 
1 45  PRO n 
1 46  ASP n 
1 47  LYS n 
1 48  LYS n 
1 49  GLN n 
1 50  VAL n 
1 51  LEU n 
1 52  MET n 
1 53  ILE n 
1 54  THR n 
1 55  SER n 
1 56  SER n 
1 57  ALA n 
1 58  HIS n 
1 59  LYS n 
1 60  LYS n 
1 61  ARG n 
1 62  TRP n 
1 63  ILE n 
1 64  VAL n 
1 65  PRO n 
1 66  LYS n 
1 67  GLY n 
1 68  GLY n 
1 69  VAL n 
1 70  GLU n 
1 71  LYS n 
1 72  ASP n 
1 73  GLU n 
1 74  PRO n 
1 75  ASN n 
1 76  TYR n 
1 77  GLU n 
1 78  THR n 
1 79  THR n 
1 80  ALA n 
1 81  GLN n 
1 82  ARG n 
1 83  GLU n 
1 84  THR n 
1 85  TRP n 
1 86  GLU n 
1 87  GLU n 
1 88  ALA n 
1 89  GLY n 
1 90  CYS n 
1 91  ILE n 
1 92  GLY n 
1 93  LYS n 
1 94  ILE n 
1 95  VAL n 
1 96  ALA n 
1 97  ASN n 
1 98  LEU n 
1 99  GLY n 
1 100 THR n 
1 101 VAL n 
1 102 GLU n 
1 103 ASP n 
1 104 MET n 
1 105 ARG n 
1 106 PRO n 
1 107 PRO n 
1 108 LYS n 
1 109 ASP n 
1 110 TRP n 
1 111 ASN n 
1 112 LYS n 
1 113 ASP n 
1 114 ILE n 
1 115 LYS n 
1 116 GLN n 
1 117 PHE n 
1 118 GLU n 
1 119 ASN n 
1 120 SER n 
1 121 ARG n 
1 122 LYS n 
1 123 ASP n 
1 124 SER n 
1 125 GLU n 
1 126 VAL n 
1 127 ALA n 
1 128 LYS n 
1 129 HIS n 
1 130 PRO n 
1 131 PRO n 
1 132 ARG n 
1 133 THR n 
1 134 GLU n 
1 135 PHE n 
1 136 HIS n 
1 137 PHE n 
1 138 TYR n 
1 139 GLU n 
1 140 LEU n 
1 141 GLU n 
1 142 ILE n 
1 143 GLU n 
1 144 ASN n 
1 145 LEU n 
1 146 LEU n 
1 147 ASP n 
1 148 LYS n 
1 149 PHE n 
1 150 PRO n 
1 151 GLU n 
1 152 CYS n 
1 153 HIS n 
1 154 LYS n 
1 155 ARG n 
1 156 HIS n 
1 157 ARG n 
1 158 LYS n 
1 159 LEU n 
1 160 TYR n 
1 161 SER n 
1 162 TYR n 
1 163 THR n 
1 164 GLU n 
1 165 ALA n 
1 166 LYS n 
1 167 GLN n 
1 168 ASN n 
1 169 LEU n 
1 170 ILE n 
1 171 ASP n 
1 172 ALA n 
1 173 LYS n 
1 174 ARG n 
1 175 PRO n 
1 176 GLU n 
1 177 LEU n 
1 178 LEU n 
1 179 GLU n 
1 180 ALA n 
1 181 LEU n 
1 182 ASN n 
1 183 ARG n 
1 184 SER n 
1 185 ALA n 
1 186 ILE n 
1 187 ILE n 
1 188 LYS n 
1 189 ASP n 
1 190 ASP n 
1 191 LYS n 
# 
_entity_src_gen.entity_id                          1 
_entity_src_gen.pdbx_src_id                        1 
_entity_src_gen.pdbx_alt_source_flag               sample 
_entity_src_gen.pdbx_seq_type                      'Biological sequence' 
_entity_src_gen.pdbx_beg_seq_num                   1 
_entity_src_gen.pdbx_end_seq_num                   191 
_entity_src_gen.gene_src_common_name               
;Baker's yeast
;
_entity_src_gen.gene_src_genus                     ? 
_entity_src_gen.pdbx_gene_src_gene                 'DDP1, YOR163W, O3575' 
_entity_src_gen.gene_src_species                   ? 
_entity_src_gen.gene_src_strain                    'ATCC 204508 / S288c' 
_entity_src_gen.gene_src_tissue                    ? 
_entity_src_gen.gene_src_tissue_fraction           ? 
_entity_src_gen.gene_src_details                   ? 
_entity_src_gen.pdbx_gene_src_fragment             ? 
_entity_src_gen.pdbx_gene_src_scientific_name      'Saccharomyces cerevisiae (strain ATCC 204508 / S288c)' 
_entity_src_gen.pdbx_gene_src_ncbi_taxonomy_id     559292 
_entity_src_gen.pdbx_gene_src_variant              ? 
_entity_src_gen.pdbx_gene_src_cell_line            ? 
_entity_src_gen.pdbx_gene_src_atcc                 ? 
_entity_src_gen.pdbx_gene_src_organ                ? 
_entity_src_gen.pdbx_gene_src_organelle            ? 
_entity_src_gen.pdbx_gene_src_cell                 ? 
_entity_src_gen.pdbx_gene_src_cellular_location    ? 
_entity_src_gen.host_org_common_name               ? 
_entity_src_gen.pdbx_host_org_scientific_name      'Escherichia coli' 
_entity_src_gen.pdbx_host_org_ncbi_taxonomy_id     562 
_entity_src_gen.host_org_genus                     ? 
_entity_src_gen.pdbx_host_org_gene                 ? 
_entity_src_gen.pdbx_host_org_organ                ? 
_entity_src_gen.host_org_species                   ? 
_entity_src_gen.pdbx_host_org_tissue               ? 
_entity_src_gen.pdbx_host_org_tissue_fraction      ? 
_entity_src_gen.pdbx_host_org_strain               'Rossetta2(DE3)' 
_entity_src_gen.pdbx_host_org_variant              ? 
_entity_src_gen.pdbx_host_org_cell_line            ? 
_entity_src_gen.pdbx_host_org_atcc                 ? 
_entity_src_gen.pdbx_host_org_culture_collection   ? 
_entity_src_gen.pdbx_host_org_cell                 ? 
_entity_src_gen.pdbx_host_org_organelle            ? 
_entity_src_gen.pdbx_host_org_cellular_location    ? 
_entity_src_gen.pdbx_host_org_vector_type          'pET28a(+)' 
_entity_src_gen.pdbx_host_org_vector               ? 
_entity_src_gen.host_org_details                   ? 
_entity_src_gen.expression_system_id               ? 
_entity_src_gen.plasmid_name                       pKLSLt 
_entity_src_gen.plasmid_details                    ? 
_entity_src_gen.pdbx_description                   ? 
# 
loop_
_chem_comp.id 
_chem_comp.type 
_chem_comp.mon_nstd_flag 
_chem_comp.name 
_chem_comp.pdbx_synonyms 
_chem_comp.formula 
_chem_comp.formula_weight 
ACT non-polymer         . 'ACETATE ION'                                                                            ? 'C2 H3 O2 -1' 
59.044  
ALA 'L-peptide linking' y ALANINE                                                                                  ? 'C3 H7 N O2' 
89.093  
ARG 'L-peptide linking' y ARGININE                                                                                 ? 
'C6 H15 N4 O2 1' 175.209 
ASN 'L-peptide linking' y ASPARAGINE                                                                               ? 'C4 H8 N2 O3' 
132.118 
ASP 'L-peptide linking' y 'ASPARTIC ACID'                                                                          ? 'C4 H7 N O4' 
133.103 
CYS 'L-peptide linking' y CYSTEINE                                                                                 ? 
'C3 H7 N O2 S'   121.158 
GLN 'L-peptide linking' y GLUTAMINE                                                                                ? 
'C5 H10 N2 O3'   146.144 
GLU 'L-peptide linking' y 'GLUTAMIC ACID'                                                                          ? 'C5 H9 N O4' 
147.129 
GLY 'peptide linking'   y GLYCINE                                                                                  ? 'C2 H5 N O2' 
75.067  
HIS 'L-peptide linking' y HISTIDINE                                                                                ? 
'C6 H10 N3 O2 1' 156.162 
HOH non-polymer         . WATER                                                                                    ? 'H2 O' 18.015 
I7P non-polymer         . '(1r,2R,3S,4s,5R,6S)-2,3,4,5,6-pentakis(phosphonooxy)cyclohexyl trihydrogen diphosphate' 
'1D-myo-inositol 5-diphosphate 1,2,3,4,6-pentakisphosphate' 'C6 H19 O27 P7'  740.015 
ILE 'L-peptide linking' y ISOLEUCINE                                                                               ? 'C6 H13 N O2' 
131.173 
LEU 'L-peptide linking' y LEUCINE                                                                                  ? 'C6 H13 N O2' 
131.173 
LYS 'L-peptide linking' y LYSINE                                                                                   ? 
'C6 H15 N2 O2 1' 147.195 
MET 'L-peptide linking' y METHIONINE                                                                               ? 
'C5 H11 N O2 S'  149.211 
MG  non-polymer         . 'MAGNESIUM ION'                                                                          ? 'Mg 2' 24.305 
PHE 'L-peptide linking' y PHENYLALANINE                                                                            ? 'C9 H11 N O2' 
165.189 
PRO 'L-peptide linking' y PROLINE                                                                                  ? 'C5 H9 N O2' 
115.130 
SER 'L-peptide linking' y SERINE                                                                                   ? 'C3 H7 N O3' 
105.093 
THR 'L-peptide linking' y THREONINE                                                                                ? 'C4 H9 N O3' 
119.119 
TRP 'L-peptide linking' y TRYPTOPHAN                                                                               ? 
'C11 H12 N2 O2'  204.225 
TYR 'L-peptide linking' y TYROSINE                                                                                 ? 'C9 H11 N O3' 
181.189 
VAL 'L-peptide linking' y VALINE                                                                                   ? 'C5 H11 N O2' 
117.146 
# 
loop_
_pdbx_poly_seq_scheme.asym_id 
_pdbx_poly_seq_scheme.entity_id 
_pdbx_poly_seq_scheme.seq_id 
_pdbx_poly_seq_scheme.mon_id 
_pdbx_poly_seq_scheme.ndb_seq_num 
_pdbx_poly_seq_scheme.pdb_seq_num 
_pdbx_poly_seq_scheme.auth_seq_num 
_pdbx_poly_seq_scheme.pdb_mon_id 
_pdbx_poly_seq_scheme.auth_mon_id 
_pdbx_poly_seq_scheme.pdb_strand_id 
_pdbx_poly_seq_scheme.pdb_ins_code 
_pdbx_poly_seq_scheme.hetero 
A 1 1   GLY 1   -2  ?   ?   ?   A . n 
A 1 2   GLY 2   -1  ?   ?   ?   A . n 
A 1 3   SER 3   0   ?   ?   ?   A . n 
A 1 4   MET 4   1   ?   ?   ?   A . n 
A 1 5   GLY 5   2   ?   ?   ?   A . n 
A 1 6   LYS 6   3   ?   ?   ?   A . n 
A 1 7   THR 7   4   ?   ?   ?   A . n 
A 1 8   ALA 8   5   ?   ?   ?   A . n 
A 1 9   ASP 9   6   ?   ?   ?   A . n 
A 1 10  ASN 10  7   ?   ?   ?   A . n 
A 1 11  HIS 11  8   ?   ?   ?   A . n 
A 1 12  GLY 12  9   ?   ?   ?   A . n 
A 1 13  PRO 13  10  ?   ?   ?   A . n 
A 1 14  VAL 14  11  ?   ?   ?   A . n 
A 1 15  ARG 15  12  ?   ?   ?   A . n 
A 1 16  SER 16  13  ?   ?   ?   A . n 
A 1 17  GLU 17  14  ?   ?   ?   A . n 
A 1 18  THR 18  15  ?   ?   ?   A . n 
A 1 19  ALA 19  16  ?   ?   ?   A . n 
A 1 20  ARG 20  17  ?   ?   ?   A . n 
A 1 21  GLU 21  18  ?   ?   ?   A . n 
A 1 22  GLY 22  19  ?   ?   ?   A . n 
A 1 23  ARG 23  20  20  ARG ARG A . n 
A 1 24  GLU 24  21  21  GLU GLU A . n 
A 1 25  ASN 25  22  22  ASN ASN A . n 
A 1 26  GLN 26  23  23  GLN GLN A . n 
A 1 27  VAL 27  24  24  VAL VAL A . n 
A 1 28  TYR 28  25  25  TYR TYR A . n 
A 1 29  SER 29  26  26  SER SER A . n 
A 1 30  PRO 30  27  27  PRO PRO A . n 
A 1 31  VAL 31  28  28  VAL VAL A . n 
A 1 32  THR 32  29  29  THR THR A . n 
A 1 33  GLY 33  30  30  GLY GLY A . n 
A 1 34  ALA 34  31  31  ALA ALA A . n 
A 1 35  ARG 35  32  32  ARG ARG A . n 
A 1 36  LEU 36  33  33  LEU LEU A . n 
A 1 37  VAL 37  34  34  VAL VAL A . n 
A 1 38  ALA 38  35  35  ALA ALA A . n 
A 1 39  GLY 39  36  36  GLY GLY A . n 
A 1 40  CYS 40  37  37  CYS CYS A . n 
A 1 41  ILE 41  38  38  ILE ILE A . n 
A 1 42  CYS 42  39  39  CYS CYS A . n 
A 1 43  LEU 43  40  40  LEU LEU A . n 
A 1 44  THR 44  41  41  THR THR A . n 
A 1 45  PRO 45  42  42  PRO PRO A . n 
A 1 46  ASP 46  43  43  ASP ASP A . n 
A 1 47  LYS 47  44  44  LYS LYS A . n 
A 1 48  LYS 48  45  45  LYS LYS A . n 
A 1 49  GLN 49  46  46  GLN GLN A . n 
A 1 50  VAL 50  47  47  VAL VAL A . n 
A 1 51  LEU 51  48  48  LEU LEU A . n 
A 1 52  MET 52  49  49  MET MET A . n 
A 1 53  ILE 53  50  50  ILE ILE A . n 
A 1 54  THR 54  51  51  THR THR A . n 
A 1 55  SER 55  52  52  SER SER A . n 
A 1 56  SER 56  53  53  SER SER A . n 
A 1 57  ALA 57  54  54  ALA ALA A . n 
A 1 58  HIS 58  55  55  HIS HIS A . n 
A 1 59  LYS 59  56  56  LYS LYS A . n 
A 1 60  LYS 60  57  57  LYS LYS A . n 
A 1 61  ARG 61  58  58  ARG ARG A . n 
A 1 62  TRP 62  59  59  TRP TRP A . n 
A 1 63  ILE 63  60  60  ILE ILE A . n 
A 1 64  VAL 64  61  61  VAL VAL A . n 
A 1 65  PRO 65  62  62  PRO PRO A . n 
A 1 66  LYS 66  63  63  LYS LYS A . n 
A 1 67  GLY 67  64  64  GLY GLY A . n 
A 1 68  GLY 68  65  65  GLY GLY A . n 
A 1 69  VAL 69  66  66  VAL VAL A . n 
A 1 70  GLU 70  67  67  GLU GLU A . n 
A 1 71  LYS 71  68  68  LYS LYS A . n 
A 1 72  ASP 72  69  69  ASP ASP A . n 
A 1 73  GLU 73  70  70  GLU GLU A . n 
A 1 74  PRO 74  71  71  PRO PRO A . n 
A 1 75  ASN 75  72  72  ASN ASN A . n 
A 1 76  TYR 76  73  73  TYR TYR A . n 
A 1 77  GLU 77  74  74  GLU GLU A . n 
A 1 78  THR 78  75  75  THR THR A . n 
A 1 79  THR 79  76  76  THR THR A . n 
A 1 80  ALA 80  77  77  ALA ALA A . n 
A 1 81  GLN 81  78  78  GLN GLN A . n 
A 1 82  ARG 82  79  79  ARG ARG A . n 
A 1 83  GLU 83  80  80  GLU GLU A . n 
A 1 84  THR 84  81  81  THR THR A . n 
A 1 85  TRP 85  82  82  TRP TRP A . n 
A 1 86  GLU 86  83  83  GLU GLU A . n 
A 1 87  GLU 87  84  84  GLU GLU A . n 
A 1 88  ALA 88  85  85  ALA ALA A . n 
A 1 89  GLY 89  86  86  GLY GLY A . n 
A 1 90  CYS 90  87  87  CYS CYS A . n 
A 1 91  ILE 91  88  88  ILE ILE A . n 
A 1 92  GLY 92  89  89  GLY GLY A . n 
A 1 93  LYS 93  90  90  LYS LYS A . n 
A 1 94  ILE 94  91  91  ILE ILE A . n 
A 1 95  VAL 95  92  92  VAL VAL A . n 
A 1 96  ALA 96  93  93  ALA ALA A . n 
A 1 97  ASN 97  94  94  ASN ASN A . n 
A 1 98  LEU 98  95  95  LEU LEU A . n 
A 1 99  GLY 99  96  96  GLY GLY A . n 
A 1 100 THR 100 97  97  THR THR A . n 
A 1 101 VAL 101 98  98  VAL VAL A . n 
A 1 102 GLU 102 99  99  GLU GLU A . n 
A 1 103 ASP 103 100 100 ASP ASP A . n 
A 1 104 MET 104 101 101 MET MET A . n 
A 1 105 ARG 105 102 102 ARG ARG A . n 
A 1 106 PRO 106 103 103 PRO PRO A . n 
A 1 107 PRO 107 104 104 PRO PRO A . n 
A 1 108 LYS 108 105 105 LYS LYS A . n 
A 1 109 ASP 109 106 106 ASP ASP A . n 
A 1 110 TRP 110 107 107 TRP TRP A . n 
A 1 111 ASN 111 108 108 ASN ASN A . n 
A 1 112 LYS 112 109 109 LYS LYS A . n 
A 1 113 ASP 113 110 110 ASP ASP A . n 
A 1 114 ILE 114 111 111 ILE ILE A . n 
A 1 115 LYS 115 112 112 LYS LYS A . n 
A 1 116 GLN 116 113 113 GLN GLN A . n 
A 1 117 PHE 117 114 114 PHE PHE A . n 
A 1 118 GLU 118 115 115 GLU GLU A . n 
A 1 119 ASN 119 116 116 ASN ASN A . n 
A 1 120 SER 120 117 117 SER SER A . n 
A 1 121 ARG 121 118 118 ARG ARG A . n 
A 1 122 LYS 122 119 119 LYS LYS A . n 
A 1 123 ASP 123 120 120 ASP ASP A . n 
A 1 124 SER 124 121 121 SER SER A . n 
A 1 125 GLU 125 122 122 GLU GLU A . n 
A 1 126 VAL 126 123 123 VAL VAL A . n 
A 1 127 ALA 127 124 124 ALA ALA A . n 
A 1 128 LYS 128 125 125 LYS LYS A . n 
A 1 129 HIS 129 126 126 HIS HIS A . n 
A 1 130 PRO 130 127 127 PRO PRO A . n 
A 1 131 PRO 131 128 128 PRO PRO A . n 
A 1 132 ARG 132 129 129 ARG ARG A . n 
A 1 133 THR 133 130 130 THR THR A . n 
A 1 134 GLU 134 131 131 GLU GLU A . n 
A 1 135 PHE 135 132 132 PHE PHE A . n 
A 1 136 HIS 136 133 133 HIS HIS A . n 
A 1 137 PHE 137 134 134 PHE PHE A . n 
A 1 138 TYR 138 135 135 TYR TYR A . n 
A 1 139 GLU 139 136 136 GLU GLU A . n 
A 1 140 LEU 140 137 137 LEU LEU A . n 
A 1 141 GLU 141 138 138 GLU GLU A . n 
A 1 142 ILE 142 139 139 ILE ILE A . n 
A 1 143 GLU 143 140 140 GLU GLU A . n 
A 1 144 ASN 144 141 141 ASN ASN A . n 
A 1 145 LEU 145 142 142 LEU LEU A . n 
A 1 146 LEU 146 143 143 LEU LEU A . n 
A 1 147 ASP 147 144 144 ASP ASP A . n 
A 1 148 LYS 148 145 145 LYS LYS A . n 
A 1 149 PHE 149 146 146 PHE PHE A . n 
A 1 150 PRO 150 147 147 PRO PRO A . n 
A 1 151 GLU 151 148 148 GLU GLU A . n 
A 1 152 CYS 152 149 149 CYS CYS A . n 
A 1 153 HIS 153 150 150 HIS HIS A . n 
A 1 154 LYS 154 151 151 LYS LYS A . n 
A 1 155 ARG 155 152 152 ARG ARG A . n 
A 1 156 HIS 156 153 153 HIS HIS A . n 
A 1 157 ARG 157 154 154 ARG ARG A . n 
A 1 158 LYS 158 155 155 LYS LYS A . n 
A 1 159 LEU 159 156 156 LEU LEU A . n 
A 1 160 TYR 160 157 157 TYR TYR A . n 
A 1 161 SER 161 158 158 SER SER A . n 
A 1 162 TYR 162 159 159 TYR TYR A . n 
A 1 163 THR 163 160 160 THR THR A . n 
A 1 164 GLU 164 161 161 GLU GLU A . n 
A 1 165 ALA 165 162 162 ALA ALA A . n 
A 1 166 LYS 166 163 163 LYS LYS A . n 
A 1 167 GLN 167 164 164 GLN GLN A . n 
A 1 168 ASN 168 165 165 ASN ASN A . n 
A 1 169 LEU 169 166 166 LEU LEU A . n 
A 1 170 ILE 170 167 167 ILE ILE A . n 
A 1 171 ASP 171 168 168 ASP ASP A . n 
A 1 172 ALA 172 169 169 ALA ALA A . n 
A 1 173 LYS 173 170 170 LYS LYS A . n 
A 1 174 ARG 174 171 171 ARG ARG A . n 
A 1 175 PRO 175 172 172 PRO PRO A . n 
A 1 176 GLU 176 173 173 GLU GLU A . n 
A 1 177 LEU 177 174 174 LEU LEU A . n 
A 1 178 LEU 178 175 175 LEU LEU A . n 
A 1 179 GLU 179 176 176 GLU GLU A . n 
A 1 180 ALA 180 177 177 ALA ALA A . n 
A 1 181 LEU 181 178 178 LEU LEU A . n 
A 1 182 ASN 182 179 179 ASN ASN A . n 
A 1 183 ARG 183 180 180 ARG ARG A . n 
A 1 184 SER 184 181 181 SER SER A . n 
A 1 185 ALA 185 182 182 ALA ALA A . n 
A 1 186 ILE 186 183 183 ILE ILE A . n 
A 1 187 ILE 187 184 184 ILE ILE A . n 
A 1 188 LYS 188 185 185 LYS LYS A . n 
A 1 189 ASP 189 186 186 ASP ASP A . n 
A 1 190 ASP 190 187 187 ASP ASP A . n 
A 1 191 LYS 191 188 ?   ?   ?   A . n 
# 
loop_
_pdbx_nonpoly_scheme.asym_id 
_pdbx_nonpoly_scheme.entity_id 
_pdbx_nonpoly_scheme.mon_id 
_pdbx_nonpoly_scheme.ndb_seq_num 
_pdbx_nonpoly_scheme.pdb_seq_num 
_pdbx_nonpoly_scheme.auth_seq_num 
_pdbx_nonpoly_scheme.pdb_mon_id 
_pdbx_nonpoly_scheme.auth_mon_id 
_pdbx_nonpoly_scheme.pdb_strand_id 
_pdbx_nonpoly_scheme.pdb_ins_code 
B 2 I7P 1  201 201 I7P I7P A . 
C 3 ACT 1  202 301 ACT ACT A . 
D 4 MG  1  203 1   MG  MG  A . 
E 5 HOH 1  301 51  HOH HOH A . 
E 5 HOH 2  302 41  HOH HOH A . 
E 5 HOH 3  303 56  HOH HOH A . 
E 5 HOH 4  304 58  HOH HOH A . 
E 5 HOH 5  305 9   HOH HOH A . 
E 5 HOH 6  306 63  HOH HOH A . 
E 5 HOH 7  307 17  HOH HOH A . 
E 5 HOH 8  308 62  HOH HOH A . 
E 5 HOH 9  309 25  HOH HOH A . 
E 5 HOH 10 310 72  HOH HOH A . 
E 5 HOH 11 311 4   HOH HOH A . 
E 5 HOH 12 312 69  HOH HOH A . 
E 5 HOH 13 313 26  HOH HOH A . 
E 5 HOH 14 314 29  HOH HOH A . 
E 5 HOH 15 315 53  HOH HOH A . 
E 5 HOH 16 316 31  HOH HOH A . 
E 5 HOH 17 317 71  HOH HOH A . 
E 5 HOH 18 318 73  HOH HOH A . 
E 5 HOH 19 319 34  HOH HOH A . 
E 5 HOH 20 320 14  HOH HOH A . 
E 5 HOH 21 321 1   HOH HOH A . 
E 5 HOH 22 322 12  HOH HOH A . 
E 5 HOH 23 323 11  HOH HOH A . 
E 5 HOH 24 324 3   HOH HOH A . 
E 5 HOH 25 325 54  HOH HOH A . 
E 5 HOH 26 326 22  HOH HOH A . 
E 5 HOH 27 327 16  HOH HOH A . 
E 5 HOH 28 328 20  HOH HOH A . 
E 5 HOH 29 329 68  HOH HOH A . 
E 5 HOH 30 330 5   HOH HOH A . 
E 5 HOH 31 331 28  HOH HOH A . 
E 5 HOH 32 332 21  HOH HOH A . 
E 5 HOH 33 333 40  HOH HOH A . 
E 5 HOH 34 334 70  HOH HOH A . 
E 5 HOH 35 335 55  HOH HOH A . 
E 5 HOH 36 336 7   HOH HOH A . 
E 5 HOH 37 337 19  HOH HOH A . 
E 5 HOH 38 338 27  HOH HOH A . 
E 5 HOH 39 339 18  HOH HOH A . 
E 5 HOH 40 340 24  HOH HOH A . 
E 5 HOH 41 341 35  HOH HOH A . 
E 5 HOH 42 342 66  HOH HOH A . 
E 5 HOH 43 343 67  HOH HOH A . 
E 5 HOH 44 344 65  HOH HOH A . 
E 5 HOH 45 345 15  HOH HOH A . 
E 5 HOH 46 346 10  HOH HOH A . 
# 
loop_
_software.citation_id 
_software.classification 
_software.compiler_name 
_software.compiler_version 
_software.contact_author 
_software.contact_author_email 
_software.date 
_software.description 
_software.dependencies 
_software.hardware 
_software.language 
_software.location 
_software.mods 
_software.name 
_software.os 
_software.os_version 
_software.type 
_software.version 
_software.pdbx_ordinal 
? refinement        ? ? ? ? ? ? ? ? ? ? ? REFMAC      ? ? ? 5.8.0267 1 
? 'data extraction' ? ? ? ? ? ? ? ? ? ? ? PDB_EXTRACT ? ? ? 3.25     2 
? 'data reduction'  ? ? ? ? ? ? ? ? ? ? ? XDS         ? ? ? .        3 
? 'data scaling'    ? ? ? ? ? ? ? ? ? ? ? XDS         ? ? ? .        4 
? phasing           ? ? ? ? ? ? ? ? ? ? ? REFMAC      ? ? ? .        5 
? 'model building'  ? ? ? ? ? ? ? ? ? ? ? Coot        ? ? ? .        6 
# 
_cell.angle_alpha                  90.000 
_cell.angle_alpha_esd              ? 
_cell.angle_beta                   90.000 
_cell.angle_beta_esd               ? 
_cell.angle_gamma                  120.000 
_cell.angle_gamma_esd              ? 
_cell.entry_id                     7AUL 
_cell.details                      ? 
_cell.formula_units_Z              ? 
_cell.length_a                     61.634 
_cell.length_a_esd                 ? 
_cell.length_b                     61.634 
_cell.length_b_esd                 ? 
_cell.length_c                     95.978 
_cell.length_c_esd                 ? 
_cell.volume                       ? 
_cell.volume_esd                   ? 
_cell.Z_PDB                        6 
_cell.reciprocal_angle_alpha       ? 
_cell.reciprocal_angle_beta        ? 
_cell.reciprocal_angle_gamma       ? 
_cell.reciprocal_angle_alpha_esd   ? 
_cell.reciprocal_angle_beta_esd    ? 
_cell.reciprocal_angle_gamma_esd   ? 
_cell.reciprocal_length_a          ? 
_cell.reciprocal_length_b          ? 
_cell.reciprocal_length_c          ? 
_cell.reciprocal_length_a_esd      ? 
_cell.reciprocal_length_b_esd      ? 
_cell.reciprocal_length_c_esd      ? 
_cell.pdbx_unique_axis             ? 
# 
_symmetry.entry_id                         7AUL 
_symmetry.cell_setting                     ? 
_symmetry.Int_Tables_number                154 
_symmetry.space_group_name_Hall            ? 
_symmetry.space_group_name_H-M             'P 32 2 1' 
_symmetry.pdbx_full_space_group_name_H-M   ? 
# 
_exptl.absorpt_coefficient_mu     ? 
_exptl.absorpt_correction_T_max   ? 
_exptl.absorpt_correction_T_min   ? 
_exptl.absorpt_correction_type    ? 
_exptl.absorpt_process_details    ? 
_exptl.entry_id                   7AUL 
_exptl.crystals_number            1 
_exptl.details                    ? 
_exptl.method                     'X-RAY DIFFRACTION' 
_exptl.method_details             ? 
# 
_exptl_crystal.colour                      ? 
_exptl_crystal.density_diffrn              ? 
_exptl_crystal.density_Matthews            2.42 
_exptl_crystal.density_method              ? 
_exptl_crystal.density_percent_sol         49.14 
_exptl_crystal.description                 'Hexagonal prism' 
_exptl_crystal.F_000                       ? 
_exptl_crystal.id                          1 
_exptl_crystal.preparation                 ? 
_exptl_crystal.size_max                    ? 
_exptl_crystal.size_mid                    ? 
_exptl_crystal.size_min                    ? 
_exptl_crystal.size_rad                    ? 
_exptl_crystal.colour_lustre               ? 
_exptl_crystal.colour_modifier             ? 
_exptl_crystal.colour_primary              ? 
_exptl_crystal.density_meas                ? 
_exptl_crystal.density_meas_esd            ? 
_exptl_crystal.density_meas_gt             ? 
_exptl_crystal.density_meas_lt             ? 
_exptl_crystal.density_meas_temp           ? 
_exptl_crystal.density_meas_temp_esd       ? 
_exptl_crystal.density_meas_temp_gt        ? 
_exptl_crystal.density_meas_temp_lt        ? 
_exptl_crystal.pdbx_crystal_image_url      ? 
_exptl_crystal.pdbx_crystal_image_format   ? 
_exptl_crystal.pdbx_mosaicity              ? 
_exptl_crystal.pdbx_mosaicity_esd          ? 
# 
_exptl_crystal_grow.apparatus       ? 
_exptl_crystal_grow.atmosphere      ? 
_exptl_crystal_grow.crystal_id      1 
_exptl_crystal_grow.details         ? 
_exptl_crystal_grow.method          'VAPOR DIFFUSION, SITTING DROP' 
_exptl_crystal_grow.method_ref      ? 
_exptl_crystal_grow.pH              4.5 
_exptl_crystal_grow.pressure        ? 
_exptl_crystal_grow.pressure_esd    ? 
_exptl_crystal_grow.seeding         ? 
_exptl_crystal_grow.seeding_ref     ? 
_exptl_crystal_grow.temp            291 
_exptl_crystal_grow.temp_details    ? 
_exptl_crystal_grow.temp_esd        ? 
_exptl_crystal_grow.time            ? 
_exptl_crystal_grow.pdbx_details    
;25% PEG 3350, 0.1 M Sodium acetate pH 4.5, 0.1 M NaCl, 5 mM Magnesium chloride. 

Protein buffer: 20 mM Tris pH 8.0, 150 mM NaCl, 1 mM DTT, 5 mM 5-InsP7.
;
_exptl_crystal_grow.pdbx_pH_range   ? 
# 
_diffrn.ambient_environment              ? 
_diffrn.ambient_temp                     100 
_diffrn.ambient_temp_details             ? 
_diffrn.ambient_temp_esd                 ? 
_diffrn.crystal_id                       1 
_diffrn.crystal_support                  ? 
_diffrn.crystal_treatment                ? 
_diffrn.details                          ? 
_diffrn.id                               1 
_diffrn.ambient_pressure                 ? 
_diffrn.ambient_pressure_esd             ? 
_diffrn.ambient_pressure_gt              ? 
_diffrn.ambient_pressure_lt              ? 
_diffrn.ambient_temp_gt                  ? 
_diffrn.ambient_temp_lt                  ? 
_diffrn.pdbx_serial_crystal_experiment   N 
# 
_diffrn_detector.details                      'KB focusing mirrors' 
_diffrn_detector.detector                     PIXEL 
_diffrn_detector.diffrn_id                    1 
_diffrn_detector.type                         'DECTRIS PILATUS 6M' 
_diffrn_detector.area_resol_mean              ? 
_diffrn_detector.dtime                        ? 
_diffrn_detector.pdbx_frames_total            ? 
_diffrn_detector.pdbx_collection_time_total   ? 
_diffrn_detector.pdbx_collection_date         2020-07-16 
_diffrn_detector.pdbx_frequency               ? 
# 
_diffrn_radiation.collimation                      ? 
_diffrn_radiation.diffrn_id                        1 
_diffrn_radiation.filter_edge                      ? 
_diffrn_radiation.inhomogeneity                    ? 
_diffrn_radiation.monochromator                    'Si(111) channel-cut, cryocooled' 
_diffrn_radiation.polarisn_norm                    ? 
_diffrn_radiation.polarisn_ratio                   ? 
_diffrn_radiation.probe                            ? 
_diffrn_radiation.type                             ? 
_diffrn_radiation.xray_symbol                      ? 
_diffrn_radiation.wavelength_id                    1 
_diffrn_radiation.pdbx_monochromatic_or_laue_m_l   M 
_diffrn_radiation.pdbx_wavelength_list             ? 
_diffrn_radiation.pdbx_wavelength                  ? 
_diffrn_radiation.pdbx_diffrn_protocol             'SINGLE WAVELENGTH' 
_diffrn_radiation.pdbx_analyzer                    ? 
_diffrn_radiation.pdbx_scattering_type             x-ray 
# 
_diffrn_radiation_wavelength.id           1 
_diffrn_radiation_wavelength.wavelength   0.979260 
_diffrn_radiation_wavelength.wt           1.0 
# 
_diffrn_source.current                     ? 
_diffrn_source.details                     ? 
_diffrn_source.diffrn_id                   1 
_diffrn_source.power                       ? 
_diffrn_source.size                        ? 
_diffrn_source.source                      SYNCHROTRON 
_diffrn_source.target                      ? 
_diffrn_source.type                        'ALBA BEAMLINE XALOC' 
_diffrn_source.voltage                     ? 
_diffrn_source.take-off_angle              ? 
_diffrn_source.pdbx_wavelength_list        0.979260 
_diffrn_source.pdbx_wavelength             ? 
_diffrn_source.pdbx_synchrotron_beamline   XALOC 
_diffrn_source.pdbx_synchrotron_site       ALBA 
# 
_reflns.B_iso_Wilson_estimate            32.802 
_reflns.entry_id                         7AUL 
_reflns.data_reduction_details           ? 
_reflns.data_reduction_method            ? 
_reflns.d_resolution_high                1.85 
_reflns.d_resolution_low                 47.99 
_reflns.details                          ? 
_reflns.limit_h_max                      ? 
_reflns.limit_h_min                      ? 
_reflns.limit_k_max                      ? 
_reflns.limit_k_min                      ? 
_reflns.limit_l_max                      ? 
_reflns.limit_l_min                      ? 
_reflns.number_all                       ? 
_reflns.number_obs                       18607 
_reflns.observed_criterion               ? 
_reflns.observed_criterion_F_max         ? 
_reflns.observed_criterion_F_min         ? 
_reflns.observed_criterion_I_max         ? 
_reflns.observed_criterion_I_min         ? 
_reflns.observed_criterion_sigma_F       ? 
_reflns.observed_criterion_sigma_I       ? 
_reflns.percent_possible_obs             100.0 
_reflns.R_free_details                   ? 
_reflns.Rmerge_F_all                     ? 
_reflns.Rmerge_F_obs                     ? 
_reflns.Friedel_coverage                 ? 
_reflns.number_gt                        ? 
_reflns.threshold_expression             ? 
_reflns.pdbx_redundancy                  15.2 
_reflns.pdbx_Rmerge_I_obs                0.078 
_reflns.pdbx_Rmerge_I_all                ? 
_reflns.pdbx_Rsym_value                  ? 
_reflns.pdbx_netI_over_av_sigmaI         ? 
_reflns.pdbx_netI_over_sigmaI            17.9 
_reflns.pdbx_res_netI_over_av_sigmaI_2   ? 
_reflns.pdbx_res_netI_over_sigmaI_2      ? 
_reflns.pdbx_chi_squared                 ? 
_reflns.pdbx_scaling_rejects             ? 
_reflns.pdbx_d_res_high_opt              ? 
_reflns.pdbx_d_res_low_opt               ? 
_reflns.pdbx_d_res_opt_method            ? 
_reflns.phase_calculation_details        ? 
_reflns.pdbx_Rrim_I_all                  ? 
_reflns.pdbx_Rpim_I_all                  0.021 
_reflns.pdbx_d_opt                       ? 
_reflns.pdbx_number_measured_all         ? 
_reflns.pdbx_diffrn_id                   1 
_reflns.pdbx_ordinal                     1 
_reflns.pdbx_CC_half                     0.998 
_reflns.pdbx_CC_star                     ? 
_reflns.pdbx_R_split                     ? 
# 
_reflns_shell.d_res_high                  1.85 
_reflns_shell.d_res_low                   1.89 
_reflns_shell.meanI_over_sigI_all         ? 
_reflns_shell.meanI_over_sigI_obs         3.2 
_reflns_shell.number_measured_all         ? 
_reflns_shell.number_measured_obs         ? 
_reflns_shell.number_possible             ? 
_reflns_shell.number_unique_all           ? 
_reflns_shell.number_unique_obs           1124 
_reflns_shell.percent_possible_all        100.0 
_reflns_shell.percent_possible_obs        ? 
_reflns_shell.Rmerge_F_all                ? 
_reflns_shell.Rmerge_F_obs                ? 
_reflns_shell.Rmerge_I_all                ? 
_reflns_shell.Rmerge_I_obs                0.650 
_reflns_shell.meanI_over_sigI_gt          ? 
_reflns_shell.meanI_over_uI_all           ? 
_reflns_shell.meanI_over_uI_gt            ? 
_reflns_shell.number_measured_gt          ? 
_reflns_shell.number_unique_gt            ? 
_reflns_shell.percent_possible_gt         ? 
_reflns_shell.Rmerge_F_gt                 ? 
_reflns_shell.Rmerge_I_gt                 ? 
_reflns_shell.pdbx_redundancy             13.6 
_reflns_shell.pdbx_Rsym_value             ? 
_reflns_shell.pdbx_chi_squared            ? 
_reflns_shell.pdbx_netI_over_sigmaI_all   ? 
_reflns_shell.pdbx_netI_over_sigmaI_obs   ? 
_reflns_shell.pdbx_Rrim_I_all             ? 
_reflns_shell.pdbx_Rpim_I_all             0.183 
_reflns_shell.pdbx_rejects                ? 
_reflns_shell.pdbx_ordinal                1 
_reflns_shell.pdbx_diffrn_id              1 
_reflns_shell.pdbx_CC_half                0.914 
_reflns_shell.pdbx_CC_star                ? 
_reflns_shell.pdbx_R_split                ? 
# 
_refine.aniso_B[1][1]                            0.0800 
_refine.aniso_B[1][2]                            0.0400 
_refine.aniso_B[1][3]                            -0.0000 
_refine.aniso_B[2][2]                            0.0800 
_refine.aniso_B[2][3]                            -0.0000 
_refine.aniso_B[3][3]                            -0.2700 
_refine.B_iso_max                                122.810 
_refine.B_iso_mean                               46.4130 
_refine.B_iso_min                                24.250 
_refine.correlation_coeff_Fo_to_Fc               0.9390 
_refine.correlation_coeff_Fo_to_Fc_free          0.9270 
_refine.details                                  
'HYDROGENS HAVE BEEN ADDED IN THE RIDING POSITIONS U VALUES      : REFINED INDIVIDUALLY' 
_refine.diff_density_max                         ? 
_refine.diff_density_max_esd                     ? 
_refine.diff_density_min                         ? 
_refine.diff_density_min_esd                     ? 
_refine.diff_density_rms                         ? 
_refine.diff_density_rms_esd                     ? 
_refine.entry_id                                 7AUL 
_refine.pdbx_refine_id                           'X-RAY DIFFRACTION' 
_refine.ls_abs_structure_details                 ? 
_refine.ls_abs_structure_Flack                   ? 
_refine.ls_abs_structure_Flack_esd               ? 
_refine.ls_abs_structure_Rogers                  ? 
_refine.ls_abs_structure_Rogers_esd              ? 
_refine.ls_d_res_high                            1.8500 
_refine.ls_d_res_low                             46.6900 
_refine.ls_extinction_coef                       ? 
_refine.ls_extinction_coef_esd                   ? 
_refine.ls_extinction_expression                 ? 
_refine.ls_extinction_method                     ? 
_refine.ls_goodness_of_fit_all                   ? 
_refine.ls_goodness_of_fit_all_esd               ? 
_refine.ls_goodness_of_fit_obs                   ? 
_refine.ls_goodness_of_fit_obs_esd               ? 
_refine.ls_hydrogen_treatment                    ? 
_refine.ls_matrix_type                           ? 
_refine.ls_number_constraints                    ? 
_refine.ls_number_parameters                     ? 
_refine.ls_number_reflns_all                     ? 
_refine.ls_number_reflns_obs                     17636 
_refine.ls_number_reflns_R_free                  938 
_refine.ls_number_reflns_R_work                  ? 
_refine.ls_number_restraints                     ? 
_refine.ls_percent_reflns_obs                    99.9800 
_refine.ls_percent_reflns_R_free                 5.1000 
_refine.ls_R_factor_all                          ? 
_refine.ls_R_factor_obs                          0.2603 
_refine.ls_R_factor_R_free                       0.2814 
_refine.ls_R_factor_R_free_error                 ? 
_refine.ls_R_factor_R_free_error_details         ? 
_refine.ls_R_factor_R_work                       0.2591 
_refine.ls_R_Fsqd_factor_obs                     ? 
_refine.ls_R_I_factor_obs                        ? 
_refine.ls_redundancy_reflns_all                 ? 
_refine.ls_redundancy_reflns_obs                 ? 
_refine.ls_restrained_S_all                      ? 
_refine.ls_restrained_S_obs                      ? 
_refine.ls_shift_over_esd_max                    ? 
_refine.ls_shift_over_esd_mean                   ? 
_refine.ls_structure_factor_coef                 ? 
_refine.ls_weighting_details                     ? 
_refine.ls_weighting_scheme                      ? 
_refine.ls_wR_factor_all                         ? 
_refine.ls_wR_factor_obs                         ? 
_refine.ls_wR_factor_R_free                      ? 
_refine.ls_wR_factor_R_work                      ? 
_refine.occupancy_max                            ? 
_refine.occupancy_min                            ? 
_refine.solvent_model_details                    MASK 
_refine.solvent_model_param_bsol                 ? 
_refine.solvent_model_param_ksol                 ? 
_refine.pdbx_R_complete                          ? 
_refine.ls_R_factor_gt                           ? 
_refine.ls_goodness_of_fit_gt                    ? 
_refine.ls_goodness_of_fit_ref                   ? 
_refine.ls_shift_over_su_max                     ? 
_refine.ls_shift_over_su_max_lt                  ? 
_refine.ls_shift_over_su_mean                    ? 
_refine.ls_shift_over_su_mean_lt                 ? 
_refine.pdbx_ls_sigma_I                          ? 
_refine.pdbx_ls_sigma_F                          0.000 
_refine.pdbx_ls_sigma_Fsqd                       ? 
_refine.pdbx_data_cutoff_high_absF               ? 
_refine.pdbx_data_cutoff_high_rms_absF           ? 
_refine.pdbx_data_cutoff_low_absF                ? 
_refine.pdbx_isotropic_thermal_model             ? 
_refine.pdbx_ls_cross_valid_method               THROUGHOUT 
_refine.pdbx_method_to_determine_struct          'FOURIER SYNTHESIS' 
_refine.pdbx_starting_model                      7AUK 
_refine.pdbx_stereochemistry_target_values       'MAXIMUM LIKELIHOOD' 
_refine.pdbx_R_Free_selection_details            RANDOM 
_refine.pdbx_stereochem_target_val_spec_case     ? 
_refine.pdbx_overall_ESU_R                       0.1750 
_refine.pdbx_overall_ESU_R_Free                  0.1540 
_refine.pdbx_solvent_vdw_probe_radii             1.2000 
_refine.pdbx_solvent_ion_probe_radii             0.8000 
_refine.pdbx_solvent_shrinkage_radii             0.8000 
_refine.pdbx_real_space_R                        ? 
_refine.pdbx_density_correlation                 ? 
_refine.pdbx_pd_number_of_powder_patterns        ? 
_refine.pdbx_pd_number_of_points                 ? 
_refine.pdbx_pd_meas_number_of_points            ? 
_refine.pdbx_pd_proc_ls_prof_R_factor            ? 
_refine.pdbx_pd_proc_ls_prof_wR_factor           ? 
_refine.pdbx_pd_Marquardt_correlation_coeff      ? 
_refine.pdbx_pd_Fsqrd_R_factor                   ? 
_refine.pdbx_pd_ls_matrix_band_width             ? 
_refine.pdbx_overall_phase_error                 ? 
_refine.pdbx_overall_SU_R_free_Cruickshank_DPI   ? 
_refine.pdbx_overall_SU_R_free_Blow_DPI          ? 
_refine.pdbx_overall_SU_R_Blow_DPI               ? 
_refine.pdbx_TLS_residual_ADP_flag               ? 
_refine.pdbx_diffrn_id                           1 
_refine.overall_SU_B                             4.3800 
_refine.overall_SU_ML                            0.1320 
_refine.overall_SU_R_Cruickshank_DPI             ? 
_refine.overall_SU_R_free                        ? 
_refine.overall_FOM_free_R_set                   ? 
_refine.overall_FOM_work_R_set                   ? 
_refine.pdbx_average_fsc_overall                 ? 
_refine.pdbx_average_fsc_work                    ? 
_refine.pdbx_average_fsc_free                    ? 
# 
_refine_hist.pdbx_refine_id                   'X-RAY DIFFRACTION' 
_refine_hist.cycle_id                         final 
_refine_hist.details                          ? 
_refine_hist.d_res_high                       1.8500 
_refine_hist.d_res_low                        46.6900 
_refine_hist.number_atoms_solvent             46 
_refine_hist.number_atoms_total               1498 
_refine_hist.number_reflns_all                ? 
_refine_hist.number_reflns_obs                ? 
_refine_hist.number_reflns_R_free             ? 
_refine_hist.number_reflns_R_work             ? 
_refine_hist.R_factor_all                     ? 
_refine_hist.R_factor_obs                     ? 
_refine_hist.R_factor_R_free                  ? 
_refine_hist.R_factor_R_work                  ? 
_refine_hist.pdbx_number_residues_total       168 
_refine_hist.pdbx_B_iso_mean_ligand           79.78 
_refine_hist.pdbx_B_iso_mean_solvent          44.45 
_refine_hist.pdbx_number_atoms_protein        1367 
_refine_hist.pdbx_number_atoms_nucleic_acid   0 
_refine_hist.pdbx_number_atoms_ligand         85 
_refine_hist.pdbx_number_atoms_lipid          ? 
_refine_hist.pdbx_number_atoms_carb           ? 
_refine_hist.pdbx_pseudo_atom_details         ? 
# 
loop_
_refine_ls_restr.pdbx_refine_id 
_refine_ls_restr.criterion 
_refine_ls_restr.dev_ideal 
_refine_ls_restr.dev_ideal_target 
_refine_ls_restr.number 
_refine_ls_restr.rejects 
_refine_ls_restr.type 
_refine_ls_restr.weight 
_refine_ls_restr.pdbx_restraint_function 
'X-RAY DIFFRACTION' ? 0.005  0.013  1479 ? r_bond_refined_d       ? ? 
'X-RAY DIFFRACTION' ? 0.001  0.017  1351 ? r_bond_other_d         ? ? 
'X-RAY DIFFRACTION' ? 1.414  1.690  2020 ? r_angle_refined_deg    ? ? 
'X-RAY DIFFRACTION' ? 1.135  1.591  3140 ? r_angle_other_deg      ? ? 
'X-RAY DIFFRACTION' ? 7.167  5.000  167  ? r_dihedral_angle_1_deg ? ? 
'X-RAY DIFFRACTION' ? 30.263 22.375 80   ? r_dihedral_angle_2_deg ? ? 
'X-RAY DIFFRACTION' ? 14.349 15.000 265  ? r_dihedral_angle_3_deg ? ? 
'X-RAY DIFFRACTION' ? 12.902 15.000 11   ? r_dihedral_angle_4_deg ? ? 
'X-RAY DIFFRACTION' ? 0.061  0.200  194  ? r_chiral_restr         ? ? 
'X-RAY DIFFRACTION' ? 0.005  0.020  1556 ? r_gen_planes_refined   ? ? 
'X-RAY DIFFRACTION' ? 0.001  0.020  306  ? r_gen_planes_other     ? ? 
# 
_refine_ls_shell.pdbx_refine_id                   'X-RAY DIFFRACTION' 
_refine_ls_shell.d_res_high                       1.8500 
_refine_ls_shell.d_res_low                        1.8980 
_refine_ls_shell.number_reflns_all                1345 
_refine_ls_shell.number_reflns_obs                ? 
_refine_ls_shell.number_reflns_R_free             61 
_refine_ls_shell.number_reflns_R_work             1284 
_refine_ls_shell.percent_reflns_obs               100.0000 
_refine_ls_shell.percent_reflns_R_free            ? 
_refine_ls_shell.R_factor_all                     ? 
_refine_ls_shell.R_factor_obs                     ? 
_refine_ls_shell.R_factor_R_free                  0.4320 
_refine_ls_shell.R_factor_R_free_error            0.0000 
_refine_ls_shell.R_factor_R_work                  0.3340 
_refine_ls_shell.redundancy_reflns_all            ? 
_refine_ls_shell.redundancy_reflns_obs            ? 
_refine_ls_shell.wR_factor_all                    ? 
_refine_ls_shell.wR_factor_obs                    ? 
_refine_ls_shell.wR_factor_R_free                 ? 
_refine_ls_shell.wR_factor_R_work                 ? 
_refine_ls_shell.pdbx_R_complete                  ? 
_refine_ls_shell.pdbx_total_number_of_bins_used   20 
_refine_ls_shell.pdbx_phase_error                 ? 
_refine_ls_shell.pdbx_fsc_work                    ? 
_refine_ls_shell.pdbx_fsc_free                    ? 
# 
_struct.entry_id                     7AUL 
_struct.title                        
'Yeast Diphosphoinositol Polyphosphate Phosphohydrolase DDP1 in complex with 5-InsP7 in presence of Mg' 
_struct.pdbx_model_details           ? 
_struct.pdbx_formula_weight          ? 
_struct.pdbx_formula_weight_method   ? 
_struct.pdbx_model_type_details      ? 
_struct.pdbx_CASP_flag               N 
# 
_struct_keywords.entry_id        7AUL 
_struct_keywords.text            
'Inositol, PP-InsP, Pyrophosphatase, Polyphosphate, Diadenosine polyphosphate, DDP1, Nudix, HYDROLASE' 
_struct_keywords.pdbx_keywords   HYDROLASE 
# 
loop_
_struct_asym.id 
_struct_asym.pdbx_blank_PDB_chainid_flag 
_struct_asym.pdbx_modified 
_struct_asym.entity_id 
_struct_asym.details 
A N N 1 ? 
B N N 2 ? 
C N N 3 ? 
D N N 4 ? 
E N N 5 ? 
# 
_struct_ref.id                         1 
_struct_ref.db_name                    UNP 
_struct_ref.db_code                    DDP1_YEAST 
_struct_ref.pdbx_db_accession          Q99321 
_struct_ref.pdbx_db_isoform            ? 
_struct_ref.entity_id                  1 
_struct_ref.pdbx_seq_one_letter_code   
;MGKTADNHGPVRSETAREGRENQVYSPVTGARLVAGCICLTPDKKQVLMITSSAHKKRWIVPKGGVEKDEPNYETTAQRE
TWEEAGCIGKIVANLGTVEDMRPPKDWNKDIKQFENSRKDSEVAKHPPRTEFHFYELEIENLLDKFPECHKRHRKLYSYT
EAKQNLIDAKRPELLEALNRSAIIKDDK
;
_struct_ref.pdbx_align_begin           1 
# 
_struct_ref_seq.align_id                      1 
_struct_ref_seq.ref_id                        1 
_struct_ref_seq.pdbx_PDB_id_code              7AUL 
_struct_ref_seq.pdbx_strand_id                A 
_struct_ref_seq.seq_align_beg                 4 
_struct_ref_seq.pdbx_seq_align_beg_ins_code   ? 
_struct_ref_seq.seq_align_end                 191 
_struct_ref_seq.pdbx_seq_align_end_ins_code   ? 
_struct_ref_seq.pdbx_db_accession             Q99321 
_struct_ref_seq.db_align_beg                  1 
_struct_ref_seq.pdbx_db_align_beg_ins_code    ? 
_struct_ref_seq.db_align_end                  188 
_struct_ref_seq.pdbx_db_align_end_ins_code    ? 
_struct_ref_seq.pdbx_auth_seq_align_beg       1 
_struct_ref_seq.pdbx_auth_seq_align_end       188 
# 
loop_
_struct_ref_seq_dif.align_id 
_struct_ref_seq_dif.pdbx_pdb_id_code 
_struct_ref_seq_dif.mon_id 
_struct_ref_seq_dif.pdbx_pdb_strand_id 
_struct_ref_seq_dif.seq_num 
_struct_ref_seq_dif.pdbx_pdb_ins_code 
_struct_ref_seq_dif.pdbx_seq_db_name 
_struct_ref_seq_dif.pdbx_seq_db_accession_code 
_struct_ref_seq_dif.db_mon_id 
_struct_ref_seq_dif.pdbx_seq_db_seq_num 
_struct_ref_seq_dif.details 
_struct_ref_seq_dif.pdbx_auth_seq_num 
_struct_ref_seq_dif.pdbx_ordinal 
1 7AUL GLY A 1 ? UNP Q99321 ? ? 'expression tag' -2 1 
1 7AUL GLY A 2 ? UNP Q99321 ? ? 'expression tag' -1 2 
1 7AUL SER A 3 ? UNP Q99321 ? ? 'expression tag' 0  3 
# 
_pdbx_struct_assembly.id                   1 
_pdbx_struct_assembly.details              author_and_software_defined_assembly 
_pdbx_struct_assembly.method_details       PISA 
_pdbx_struct_assembly.oligomeric_details   monomeric 
_pdbx_struct_assembly.oligomeric_count     1 
# 
loop_
_pdbx_struct_assembly_prop.biol_id 
_pdbx_struct_assembly_prop.type 
_pdbx_struct_assembly_prop.value 
_pdbx_struct_assembly_prop.details 
1 'ABSA (A^2)' 310   ? 
1 MORE         -11   ? 
1 'SSA (A^2)'  10230 ? 
# 
_pdbx_struct_assembly_gen.assembly_id       1 
_pdbx_struct_assembly_gen.oper_expression   1 
_pdbx_struct_assembly_gen.asym_id_list      A,B,C,D,E 
# 
_pdbx_struct_assembly_auth_evidence.id                     1 
_pdbx_struct_assembly_auth_evidence.assembly_id            1 
_pdbx_struct_assembly_auth_evidence.experimental_support   'gel filtration' 
_pdbx_struct_assembly_auth_evidence.details                ? 
# 
_pdbx_struct_oper_list.id                   1 
_pdbx_struct_oper_list.type                 'identity operation' 
_pdbx_struct_oper_list.name                 1_555 
_pdbx_struct_oper_list.symmetry_operation   x,y,z 
_pdbx_struct_oper_list.matrix[1][1]         1.0000000000 
_pdbx_struct_oper_list.matrix[1][2]         0.0000000000 
_pdbx_struct_oper_list.matrix[1][3]         0.0000000000 
_pdbx_struct_oper_list.vector[1]            0.0000000000 
_pdbx_struct_oper_list.matrix[2][1]         0.0000000000 
_pdbx_struct_oper_list.matrix[2][2]         1.0000000000 
_pdbx_struct_oper_list.matrix[2][3]         0.0000000000 
_pdbx_struct_oper_list.vector[2]            0.0000000000 
_pdbx_struct_oper_list.matrix[3][1]         0.0000000000 
_pdbx_struct_oper_list.matrix[3][2]         0.0000000000 
_pdbx_struct_oper_list.matrix[3][3]         1.0000000000 
_pdbx_struct_oper_list.vector[3]            0.0000000000 
# 
loop_
_struct_conf.conf_type_id 
_struct_conf.id 
_struct_conf.pdbx_PDB_helix_id 
_struct_conf.beg_label_comp_id 
_struct_conf.beg_label_asym_id 
_struct_conf.beg_label_seq_id 
_struct_conf.pdbx_beg_PDB_ins_code 
_struct_conf.end_label_comp_id 
_struct_conf.end_label_asym_id 
_struct_conf.end_label_seq_id 
_struct_conf.pdbx_end_PDB_ins_code 
_struct_conf.beg_auth_comp_id 
_struct_conf.beg_auth_asym_id 
_struct_conf.beg_auth_seq_id 
_struct_conf.end_auth_comp_id 
_struct_conf.end_auth_asym_id 
_struct_conf.end_auth_seq_id 
_struct_conf.pdbx_PDB_helix_class 
_struct_conf.details 
_struct_conf.pdbx_PDB_helix_length 
HELX_P HELX_P1 AA1 ASN A 75  ? GLY A 89  ? ASN A 72  GLY A 86  1 ? 15 
HELX_P HELX_P2 AA2 TYR A 162 ? LYS A 173 ? TYR A 159 LYS A 170 1 ? 12 
HELX_P HELX_P3 AA3 ARG A 174 ? SER A 184 ? ARG A 171 SER A 181 1 ? 11 
# 
_struct_conf_type.id          HELX_P 
_struct_conf_type.criteria    ? 
_struct_conf_type.reference   ? 
# 
loop_
_struct_conn.id 
_struct_conn.conn_type_id 
_struct_conn.pdbx_leaving_atom_flag 
_struct_conn.pdbx_PDB_id 
_struct_conn.ptnr1_label_asym_id 
_struct_conn.ptnr1_label_comp_id 
_struct_conn.ptnr1_label_seq_id 
_struct_conn.ptnr1_label_atom_id 
_struct_conn.pdbx_ptnr1_label_alt_id 
_struct_conn.pdbx_ptnr1_PDB_ins_code 
_struct_conn.pdbx_ptnr1_standard_comp_id 
_struct_conn.ptnr1_symmetry 
_struct_conn.ptnr2_label_asym_id 
_struct_conn.ptnr2_label_comp_id 
_struct_conn.ptnr2_label_seq_id 
_struct_conn.ptnr2_label_atom_id 
_struct_conn.pdbx_ptnr2_label_alt_id 
_struct_conn.pdbx_ptnr2_PDB_ins_code 
_struct_conn.ptnr1_auth_asym_id 
_struct_conn.ptnr1_auth_comp_id 
_struct_conn.ptnr1_auth_seq_id 
_struct_conn.ptnr2_auth_asym_id 
_struct_conn.ptnr2_auth_comp_id 
_struct_conn.ptnr2_auth_seq_id 
_struct_conn.ptnr2_symmetry 
_struct_conn.pdbx_ptnr3_label_atom_id 
_struct_conn.pdbx_ptnr3_label_seq_id 
_struct_conn.pdbx_ptnr3_label_comp_id 
_struct_conn.pdbx_ptnr3_label_asym_id 
_struct_conn.pdbx_ptnr3_label_alt_id 
_struct_conn.pdbx_ptnr3_PDB_ins_code 
_struct_conn.details 
_struct_conn.pdbx_dist_value 
_struct_conn.pdbx_value_order 
_struct_conn.pdbx_role 
metalc1 metalc ? ? A LYS 66 O   ? ? ? 1_555 D MG  . MG ? ? A LYS 63  A MG  203 1_555 ? ? ? ? ? ? ? 2.416 ? ? 
metalc2 metalc ? ? A GLU 87 OE1 ? ? ? 1_555 D MG  . MG ? ? A GLU 84  A MG  203 1_555 ? ? ? ? ? ? ? 2.354 ? ? 
metalc3 metalc ? ? B I7P .  O22 B ? ? 1_555 D MG  . MG ? ? A I7P 201 A MG  203 1_555 ? ? ? ? ? ? ? 1.905 ? ? 
metalc4 metalc ? ? B I7P .  O25 A ? ? 1_555 D MG  . MG ? ? A I7P 201 A MG  203 1_555 ? ? ? ? ? ? ? 1.759 ? ? 
metalc5 metalc ? ? B I7P .  O32 B ? ? 1_555 D MG  . MG ? ? A I7P 201 A MG  203 1_555 ? ? ? ? ? ? ? 2.900 ? ? 
metalc6 metalc ? ? B I7P .  O43 B ? ? 1_555 D MG  . MG ? ? A I7P 201 A MG  203 1_555 ? ? ? ? ? ? ? 2.368 ? ? 
metalc7 metalc ? ? B I7P .  O44 A ? ? 1_555 D MG  . MG ? ? A I7P 201 A MG  203 1_555 ? ? ? ? ? ? ? 2.432 ? ? 
metalc8 metalc ? ? B I7P .  O65 A ? ? 1_555 D MG  . MG ? ? A I7P 201 A MG  203 1_555 ? ? ? ? ? ? ? 2.236 ? ? 
metalc9 metalc ? ? D MG  .  MG  ? ? ? 1_555 E HOH . O  ? ? A MG  203 A HOH 331 1_555 ? ? ? ? ? ? ? 2.647 ? ? 
# 
_struct_conn_type.id          metalc 
_struct_conn_type.criteria    ? 
_struct_conn_type.reference   ? 
# 
loop_
_pdbx_struct_conn_angle.id 
_pdbx_struct_conn_angle.ptnr1_label_atom_id 
_pdbx_struct_conn_angle.ptnr1_label_alt_id 
_pdbx_struct_conn_angle.ptnr1_label_asym_id 
_pdbx_struct_conn_angle.ptnr1_label_comp_id 
_pdbx_struct_conn_angle.ptnr1_label_seq_id 
_pdbx_struct_conn_angle.ptnr1_auth_atom_id 
_pdbx_struct_conn_angle.ptnr1_auth_asym_id 
_pdbx_struct_conn_angle.ptnr1_auth_comp_id 
_pdbx_struct_conn_angle.ptnr1_auth_seq_id 
_pdbx_struct_conn_angle.ptnr1_PDB_ins_code 
_pdbx_struct_conn_angle.ptnr1_symmetry 
_pdbx_struct_conn_angle.ptnr2_label_atom_id 
_pdbx_struct_conn_angle.ptnr2_label_alt_id 
_pdbx_struct_conn_angle.ptnr2_label_asym_id 
_pdbx_struct_conn_angle.ptnr2_label_comp_id 
_pdbx_struct_conn_angle.ptnr2_label_seq_id 
_pdbx_struct_conn_angle.ptnr2_auth_atom_id 
_pdbx_struct_conn_angle.ptnr2_auth_asym_id 
_pdbx_struct_conn_angle.ptnr2_auth_comp_id 
_pdbx_struct_conn_angle.ptnr2_auth_seq_id 
_pdbx_struct_conn_angle.ptnr2_PDB_ins_code 
_pdbx_struct_conn_angle.ptnr2_symmetry 
_pdbx_struct_conn_angle.ptnr3_label_atom_id 
_pdbx_struct_conn_angle.ptnr3_label_alt_id 
_pdbx_struct_conn_angle.ptnr3_label_asym_id 
_pdbx_struct_conn_angle.ptnr3_label_comp_id 
_pdbx_struct_conn_angle.ptnr3_label_seq_id 
_pdbx_struct_conn_angle.ptnr3_auth_atom_id 
_pdbx_struct_conn_angle.ptnr3_auth_asym_id 
_pdbx_struct_conn_angle.ptnr3_auth_comp_id 
_pdbx_struct_conn_angle.ptnr3_auth_seq_id 
_pdbx_struct_conn_angle.ptnr3_PDB_ins_code 
_pdbx_struct_conn_angle.ptnr3_symmetry 
_pdbx_struct_conn_angle.value 
_pdbx_struct_conn_angle.value_esd 
1  O   ? A LYS 66 ? A LYS 63  ? 1_555 MG ? D MG . ? A MG 203 ? 1_555 OE1 ? A GLU 87 ? A GLU 84  ? 1_555 67.5  ? 
2  O   ? A LYS 66 ? A LYS 63  ? 1_555 MG ? D MG . ? A MG 203 ? 1_555 O22 B B I7P .  ? A I7P 201 ? 1_555 96.5  ? 
3  OE1 ? A GLU 87 ? A GLU 84  ? 1_555 MG ? D MG . ? A MG 203 ? 1_555 O22 B B I7P .  ? A I7P 201 ? 1_555 161.2 ? 
4  O   ? A LYS 66 ? A LYS 63  ? 1_555 MG ? D MG . ? A MG 203 ? 1_555 O25 A B I7P .  ? A I7P 201 ? 1_555 100.8 ? 
5  OE1 ? A GLU 87 ? A GLU 84  ? 1_555 MG ? D MG . ? A MG 203 ? 1_555 O25 A B I7P .  ? A I7P 201 ? 1_555 167.4 ? 
6  O22 B B I7P .  ? A I7P 201 ? 1_555 MG ? D MG . ? A MG 203 ? 1_555 O25 A B I7P .  ? A I7P 201 ? 1_555 15.5  ? 
7  O   ? A LYS 66 ? A LYS 63  ? 1_555 MG ? D MG . ? A MG 203 ? 1_555 O32 B B I7P .  ? A I7P 201 ? 1_555 127.6 ? 
8  OE1 ? A GLU 87 ? A GLU 84  ? 1_555 MG ? D MG . ? A MG 203 ? 1_555 O32 B B I7P .  ? A I7P 201 ? 1_555 138.5 ? 
9  O22 B B I7P .  ? A I7P 201 ? 1_555 MG ? D MG . ? A MG 203 ? 1_555 O32 B B I7P .  ? A I7P 201 ? 1_555 59.0  ? 
10 O25 A B I7P .  ? A I7P 201 ? 1_555 MG ? D MG . ? A MG 203 ? 1_555 O32 B B I7P .  ? A I7P 201 ? 1_555 45.0  ? 
11 O   ? A LYS 66 ? A LYS 63  ? 1_555 MG ? D MG . ? A MG 203 ? 1_555 O43 B B I7P .  ? A I7P 201 ? 1_555 159.2 ? 
12 OE1 ? A GLU 87 ? A GLU 84  ? 1_555 MG ? D MG . ? A MG 203 ? 1_555 O43 B B I7P .  ? A I7P 201 ? 1_555 97.2  ? 
13 O22 B B I7P .  ? A I7P 201 ? 1_555 MG ? D MG . ? A MG 203 ? 1_555 O43 B B I7P .  ? A I7P 201 ? 1_555 95.6  ? 
14 O25 A B I7P .  ? A I7P 201 ? 1_555 MG ? D MG . ? A MG 203 ? 1_555 O43 B B I7P .  ? A I7P 201 ? 1_555 95.3  ? 
15 O32 B B I7P .  ? A I7P 201 ? 1_555 MG ? D MG . ? A MG 203 ? 1_555 O43 B B I7P .  ? A I7P 201 ? 1_555 73.2  ? 
16 O   ? A LYS 66 ? A LYS 63  ? 1_555 MG ? D MG . ? A MG 203 ? 1_555 O44 A B I7P .  ? A I7P 201 ? 1_555 158.8 ? 
17 OE1 ? A GLU 87 ? A GLU 84  ? 1_555 MG ? D MG . ? A MG 203 ? 1_555 O44 A B I7P .  ? A I7P 201 ? 1_555 98.0  ? 
18 O22 B B I7P .  ? A I7P 201 ? 1_555 MG ? D MG . ? A MG 203 ? 1_555 O44 A B I7P .  ? A I7P 201 ? 1_555 94.4  ? 
19 O25 A B I7P .  ? A I7P 201 ? 1_555 MG ? D MG . ? A MG 203 ? 1_555 O44 A B I7P .  ? A I7P 201 ? 1_555 94.5  ? 
20 O32 B B I7P .  ? A I7P 201 ? 1_555 MG ? D MG . ? A MG 203 ? 1_555 O44 A B I7P .  ? A I7P 201 ? 1_555 73.5  ? 
21 O43 B B I7P .  ? A I7P 201 ? 1_555 MG ? D MG . ? A MG 203 ? 1_555 O44 A B I7P .  ? A I7P 201 ? 1_555 1.6   ? 
22 O   ? A LYS 66 ? A LYS 63  ? 1_555 MG ? D MG . ? A MG 203 ? 1_555 O65 A B I7P .  ? A I7P 201 ? 1_555 90.7  ? 
23 OE1 ? A GLU 87 ? A GLU 84  ? 1_555 MG ? D MG . ? A MG 203 ? 1_555 O65 A B I7P .  ? A I7P 201 ? 1_555 87.2  ? 
24 O22 B B I7P .  ? A I7P 201 ? 1_555 MG ? D MG . ? A MG 203 ? 1_555 O65 A B I7P .  ? A I7P 201 ? 1_555 103.4 ? 
25 O25 A B I7P .  ? A I7P 201 ? 1_555 MG ? D MG . ? A MG 203 ? 1_555 O65 A B I7P .  ? A I7P 201 ? 1_555 88.4  ? 
26 O32 B B I7P .  ? A I7P 201 ? 1_555 MG ? D MG . ? A MG 203 ? 1_555 O65 A B I7P .  ? A I7P 201 ? 1_555 57.5  ? 
27 O43 B B I7P .  ? A I7P 201 ? 1_555 MG ? D MG . ? A MG 203 ? 1_555 O65 A B I7P .  ? A I7P 201 ? 1_555 103.0 ? 
28 O44 A B I7P .  ? A I7P 201 ? 1_555 MG ? D MG . ? A MG 203 ? 1_555 O65 A B I7P .  ? A I7P 201 ? 1_555 104.4 ? 
29 O   ? A LYS 66 ? A LYS 63  ? 1_555 MG ? D MG . ? A MG 203 ? 1_555 O   ? E HOH .  ? A HOH 331 ? 1_555 78.1  ? 
30 OE1 ? A GLU 87 ? A GLU 84  ? 1_555 MG ? D MG . ? A MG 203 ? 1_555 O   ? E HOH .  ? A HOH 331 ? 1_555 78.1  ? 
31 O22 B B I7P .  ? A I7P 201 ? 1_555 MG ? D MG . ? A MG 203 ? 1_555 O   ? E HOH .  ? A HOH 331 ? 1_555 89.3  ? 
32 O25 A B I7P .  ? A I7P 201 ? 1_555 MG ? D MG . ? A MG 203 ? 1_555 O   ? E HOH .  ? A HOH 331 ? 1_555 104.7 ? 
33 O32 B B I7P .  ? A I7P 201 ? 1_555 MG ? D MG . ? A MG 203 ? 1_555 O   ? E HOH .  ? A HOH 331 ? 1_555 138.4 ? 
34 O43 B B I7P .  ? A I7P 201 ? 1_555 MG ? D MG . ? A MG 203 ? 1_555 O   ? E HOH .  ? A HOH 331 ? 1_555 85.1  ? 
35 O44 A B I7P .  ? A I7P 201 ? 1_555 MG ? D MG . ? A MG 203 ? 1_555 O   ? E HOH .  ? A HOH 331 ? 1_555 83.9  ? 
36 O65 A B I7P .  ? A I7P 201 ? 1_555 MG ? D MG . ? A MG 203 ? 1_555 O   ? E HOH .  ? A HOH 331 ? 1_555 164.1 ? 
# 
loop_
_struct_sheet.id 
_struct_sheet.type 
_struct_sheet.number_strands 
_struct_sheet.details 
AA1 ? 4 ? 
AA2 ? 3 ? 
AA3 ? 2 ? 
# 
loop_
_struct_sheet_order.sheet_id 
_struct_sheet_order.range_id_1 
_struct_sheet_order.range_id_2 
_struct_sheet_order.offset 
_struct_sheet_order.sense 
AA1 1 2 ? anti-parallel 
AA1 2 3 ? parallel      
AA1 3 4 ? anti-parallel 
AA2 1 2 ? anti-parallel 
AA2 2 3 ? anti-parallel 
AA3 1 2 ? anti-parallel 
# 
loop_
_struct_sheet_range.sheet_id 
_struct_sheet_range.id 
_struct_sheet_range.beg_label_comp_id 
_struct_sheet_range.beg_label_asym_id 
_struct_sheet_range.beg_label_seq_id 
_struct_sheet_range.pdbx_beg_PDB_ins_code 
_struct_sheet_range.end_label_comp_id 
_struct_sheet_range.end_label_asym_id 
_struct_sheet_range.end_label_seq_id 
_struct_sheet_range.pdbx_end_PDB_ins_code 
_struct_sheet_range.beg_auth_comp_id 
_struct_sheet_range.beg_auth_asym_id 
_struct_sheet_range.beg_auth_seq_id 
_struct_sheet_range.end_auth_comp_id 
_struct_sheet_range.end_auth_asym_id 
_struct_sheet_range.end_auth_seq_id 
AA1 1 LYS A 66  ? GLY A 68  ? LYS A 63  GLY A 65  
AA1 2 ARG A 35  ? LEU A 43  ? ARG A 32  LEU A 40  
AA1 3 THR A 133 ? LEU A 145 ? THR A 130 LEU A 142 
AA1 4 CYS A 90  ? ASP A 103 ? CYS A 87  ASP A 100 
AA2 1 TRP A 62  ? ILE A 63  ? TRP A 59  ILE A 60  
AA2 2 GLN A 49  ? THR A 54  ? GLN A 46  THR A 51  
AA2 3 ARG A 157 ? SER A 161 ? ARG A 154 SER A 158 
AA3 1 PHE A 117 ? ASN A 119 ? PHE A 114 ASN A 116 
AA3 2 SER A 124 ? VAL A 126 ? SER A 121 VAL A 123 
# 
loop_
_pdbx_struct_sheet_hbond.sheet_id 
_pdbx_struct_sheet_hbond.range_id_1 
_pdbx_struct_sheet_hbond.range_id_2 
_pdbx_struct_sheet_hbond.range_1_label_atom_id 
_pdbx_struct_sheet_hbond.range_1_label_comp_id 
_pdbx_struct_sheet_hbond.range_1_label_asym_id 
_pdbx_struct_sheet_hbond.range_1_label_seq_id 
_pdbx_struct_sheet_hbond.range_1_PDB_ins_code 
_pdbx_struct_sheet_hbond.range_1_auth_atom_id 
_pdbx_struct_sheet_hbond.range_1_auth_comp_id 
_pdbx_struct_sheet_hbond.range_1_auth_asym_id 
_pdbx_struct_sheet_hbond.range_1_auth_seq_id 
_pdbx_struct_sheet_hbond.range_2_label_atom_id 
_pdbx_struct_sheet_hbond.range_2_label_comp_id 
_pdbx_struct_sheet_hbond.range_2_label_asym_id 
_pdbx_struct_sheet_hbond.range_2_label_seq_id 
_pdbx_struct_sheet_hbond.range_2_PDB_ins_code 
_pdbx_struct_sheet_hbond.range_2_auth_atom_id 
_pdbx_struct_sheet_hbond.range_2_auth_comp_id 
_pdbx_struct_sheet_hbond.range_2_auth_asym_id 
_pdbx_struct_sheet_hbond.range_2_auth_seq_id 
AA1 1 2 O GLY A 67  ? O GLY A 64  N ALA A 38  ? N ALA A 35  
AA1 2 3 N LEU A 43  ? N LEU A 40  O ILE A 142 ? O ILE A 139 
AA1 3 4 O PHE A 135 ? O PHE A 132 N VAL A 101 ? N VAL A 98  
AA2 1 2 O ILE A 63  ? O ILE A 60  N ILE A 53  ? N ILE A 50  
AA2 2 3 N VAL A 50  ? N VAL A 47  O TYR A 160 ? O TYR A 157 
AA3 1 2 N GLU A 118 ? N GLU A 115 O GLU A 125 ? O GLU A 122 
# 
loop_
_pdbx_validate_torsion.id 
_pdbx_validate_torsion.PDB_model_num 
_pdbx_validate_torsion.auth_comp_id 
_pdbx_validate_torsion.auth_asym_id 
_pdbx_validate_torsion.auth_seq_id 
_pdbx_validate_torsion.PDB_ins_code 
_pdbx_validate_torsion.label_alt_id 
_pdbx_validate_torsion.phi 
_pdbx_validate_torsion.psi 
1 1 PRO A 104 ? ? -63.50 -174.06 
2 1 ASN A 108 ? ? 84.98  -29.94  
3 1 ASP A 186 ? ? -69.99 86.33   
# 
loop_
_pdbx_struct_special_symmetry.id 
_pdbx_struct_special_symmetry.PDB_model_num 
_pdbx_struct_special_symmetry.auth_asym_id 
_pdbx_struct_special_symmetry.auth_comp_id 
_pdbx_struct_special_symmetry.auth_seq_id 
_pdbx_struct_special_symmetry.PDB_ins_code 
_pdbx_struct_special_symmetry.label_asym_id 
_pdbx_struct_special_symmetry.label_comp_id 
_pdbx_struct_special_symmetry.label_seq_id 
1 1 A HOH 339 ? E HOH . 
2 1 A HOH 346 ? E HOH . 
# 
_pdbx_entry_details.entry_id                 7AUL 
_pdbx_entry_details.has_ligand_of_interest   Y 
_pdbx_entry_details.compound_details         ? 
_pdbx_entry_details.source_details           ? 
_pdbx_entry_details.nonpolymer_details       ? 
_pdbx_entry_details.sequence_details         ? 
# 
loop_
_pdbx_unobs_or_zero_occ_residues.id 
_pdbx_unobs_or_zero_occ_residues.PDB_model_num 
_pdbx_unobs_or_zero_occ_residues.polymer_flag 
_pdbx_unobs_or_zero_occ_residues.occupancy_flag 
_pdbx_unobs_or_zero_occ_residues.auth_asym_id 
_pdbx_unobs_or_zero_occ_residues.auth_comp_id 
_pdbx_unobs_or_zero_occ_residues.auth_seq_id 
_pdbx_unobs_or_zero_occ_residues.PDB_ins_code 
_pdbx_unobs_or_zero_occ_residues.label_asym_id 
_pdbx_unobs_or_zero_occ_residues.label_comp_id 
_pdbx_unobs_or_zero_occ_residues.label_seq_id 
1  1 Y 1 A GLY -2  ? A GLY 1   
2  1 Y 1 A GLY -1  ? A GLY 2   
3  1 Y 1 A SER 0   ? A SER 3   
4  1 Y 1 A MET 1   ? A MET 4   
5  1 Y 1 A GLY 2   ? A GLY 5   
6  1 Y 1 A LYS 3   ? A LYS 6   
7  1 Y 1 A THR 4   ? A THR 7   
8  1 Y 1 A ALA 5   ? A ALA 8   
9  1 Y 1 A ASP 6   ? A ASP 9   
10 1 Y 1 A ASN 7   ? A ASN 10  
11 1 Y 1 A HIS 8   ? A HIS 11  
12 1 Y 1 A GLY 9   ? A GLY 12  
13 1 Y 1 A PRO 10  ? A PRO 13  
14 1 Y 1 A VAL 11  ? A VAL 14  
15 1 Y 1 A ARG 12  ? A ARG 15  
16 1 Y 1 A SER 13  ? A SER 16  
17 1 Y 1 A GLU 14  ? A GLU 17  
18 1 Y 1 A THR 15  ? A THR 18  
19 1 Y 1 A ALA 16  ? A ALA 19  
20 1 Y 1 A ARG 17  ? A ARG 20  
21 1 Y 1 A GLU 18  ? A GLU 21  
22 1 Y 1 A GLY 19  ? A GLY 22  
23 1 Y 1 A LYS 188 ? A LYS 191 
# 
loop_
_chem_comp_atom.comp_id 
_chem_comp_atom.atom_id 
_chem_comp_atom.type_symbol 
_chem_comp_atom.pdbx_aromatic_flag 
_chem_comp_atom.pdbx_stereo_config 
_chem_comp_atom.pdbx_ordinal 
ACT C    C  N N 1   
ACT O    O  N N 2   
ACT OXT  O  N N 3   
ACT CH3  C  N N 4   
ACT H1   H  N N 5   
ACT H2   H  N N 6   
ACT H3   H  N N 7   
ALA N    N  N N 8   
ALA CA   C  N S 9   
ALA C    C  N N 10  
ALA O    O  N N 11  
ALA CB   C  N N 12  
ALA OXT  O  N N 13  
ALA H    H  N N 14  
ALA H2   H  N N 15  
ALA HA   H  N N 16  
ALA HB1  H  N N 17  
ALA HB2  H  N N 18  
ALA HB3  H  N N 19  
ALA HXT  H  N N 20  
ARG N    N  N N 21  
ARG CA   C  N S 22  
ARG C    C  N N 23  
ARG O    O  N N 24  
ARG CB   C  N N 25  
ARG CG   C  N N 26  
ARG CD   C  N N 27  
ARG NE   N  N N 28  
ARG CZ   C  N N 29  
ARG NH1  N  N N 30  
ARG NH2  N  N N 31  
ARG OXT  O  N N 32  
ARG H    H  N N 33  
ARG H2   H  N N 34  
ARG HA   H  N N 35  
ARG HB2  H  N N 36  
ARG HB3  H  N N 37  
ARG HG2  H  N N 38  
ARG HG3  H  N N 39  
ARG HD2  H  N N 40  
ARG HD3  H  N N 41  
ARG HE   H  N N 42  
ARG HH11 H  N N 43  
ARG HH12 H  N N 44  
ARG HH21 H  N N 45  
ARG HH22 H  N N 46  
ARG HXT  H  N N 47  
ASN N    N  N N 48  
ASN CA   C  N S 49  
ASN C    C  N N 50  
ASN O    O  N N 51  
ASN CB   C  N N 52  
ASN CG   C  N N 53  
ASN OD1  O  N N 54  
ASN ND2  N  N N 55  
ASN OXT  O  N N 56  
ASN H    H  N N 57  
ASN H2   H  N N 58  
ASN HA   H  N N 59  
ASN HB2  H  N N 60  
ASN HB3  H  N N 61  
ASN HD21 H  N N 62  
ASN HD22 H  N N 63  
ASN HXT  H  N N 64  
ASP N    N  N N 65  
ASP CA   C  N S 66  
ASP C    C  N N 67  
ASP O    O  N N 68  
ASP CB   C  N N 69  
ASP CG   C  N N 70  
ASP OD1  O  N N 71  
ASP OD2  O  N N 72  
ASP OXT  O  N N 73  
ASP H    H  N N 74  
ASP H2   H  N N 75  
ASP HA   H  N N 76  
ASP HB2  H  N N 77  
ASP HB3  H  N N 78  
ASP HD2  H  N N 79  
ASP HXT  H  N N 80  
CYS N    N  N N 81  
CYS CA   C  N R 82  
CYS C    C  N N 83  
CYS O    O  N N 84  
CYS CB   C  N N 85  
CYS SG   S  N N 86  
CYS OXT  O  N N 87  
CYS H    H  N N 88  
CYS H2   H  N N 89  
CYS HA   H  N N 90  
CYS HB2  H  N N 91  
CYS HB3  H  N N 92  
CYS HG   H  N N 93  
CYS HXT  H  N N 94  
GLN N    N  N N 95  
GLN CA   C  N S 96  
GLN C    C  N N 97  
GLN O    O  N N 98  
GLN CB   C  N N 99  
GLN CG   C  N N 100 
GLN CD   C  N N 101 
GLN OE1  O  N N 102 
GLN NE2  N  N N 103 
GLN OXT  O  N N 104 
GLN H    H  N N 105 
GLN H2   H  N N 106 
GLN HA   H  N N 107 
GLN HB2  H  N N 108 
GLN HB3  H  N N 109 
GLN HG2  H  N N 110 
GLN HG3  H  N N 111 
GLN HE21 H  N N 112 
GLN HE22 H  N N 113 
GLN HXT  H  N N 114 
GLU N    N  N N 115 
GLU CA   C  N S 116 
GLU C    C  N N 117 
GLU O    O  N N 118 
GLU CB   C  N N 119 
GLU CG   C  N N 120 
GLU CD   C  N N 121 
GLU OE1  O  N N 122 
GLU OE2  O  N N 123 
GLU OXT  O  N N 124 
GLU H    H  N N 125 
GLU H2   H  N N 126 
GLU HA   H  N N 127 
GLU HB2  H  N N 128 
GLU HB3  H  N N 129 
GLU HG2  H  N N 130 
GLU HG3  H  N N 131 
GLU HE2  H  N N 132 
GLU HXT  H  N N 133 
GLY N    N  N N 134 
GLY CA   C  N N 135 
GLY C    C  N N 136 
GLY O    O  N N 137 
GLY OXT  O  N N 138 
GLY H    H  N N 139 
GLY H2   H  N N 140 
GLY HA2  H  N N 141 
GLY HA3  H  N N 142 
GLY HXT  H  N N 143 
HIS N    N  N N 144 
HIS CA   C  N S 145 
HIS C    C  N N 146 
HIS O    O  N N 147 
HIS CB   C  N N 148 
HIS CG   C  Y N 149 
HIS ND1  N  Y N 150 
HIS CD2  C  Y N 151 
HIS CE1  C  Y N 152 
HIS NE2  N  Y N 153 
HIS OXT  O  N N 154 
HIS H    H  N N 155 
HIS H2   H  N N 156 
HIS HA   H  N N 157 
HIS HB2  H  N N 158 
HIS HB3  H  N N 159 
HIS HD1  H  N N 160 
HIS HD2  H  N N 161 
HIS HE1  H  N N 162 
HIS HE2  H  N N 163 
HIS HXT  H  N N 164 
HOH O    O  N N 165 
HOH H1   H  N N 166 
HOH H2   H  N N 167 
I7P C1   C  N R 168 
I7P C2   C  N N 169 
I7P C3   C  N S 170 
I7P C4   C  N R 171 
I7P C5   C  N N 172 
I7P C6   C  N S 173 
I7P O11  O  N N 174 
I7P O12  O  N N 175 
I7P O13  O  N N 176 
I7P O14  O  N N 177 
I7P O15  O  N N 178 
I7P O16  O  N N 179 
I7P O21  O  N N 180 
I7P O22  O  N N 181 
I7P O23  O  N N 182 
I7P O24  O  N N 183 
I7P O25  O  N N 184 
I7P O26  O  N N 185 
I7P O31  O  N N 186 
I7P O32  O  N N 187 
I7P O33  O  N N 188 
I7P O34  O  N N 189 
I7P O35  O  N N 190 
I7P O36  O  N N 191 
I7P O41  O  N N 192 
I7P O42  O  N N 193 
I7P O43  O  N N 194 
I7P O44  O  N N 195 
I7P O45  O  N N 196 
I7P O46  O  N N 197 
I7P O55  O  N N 198 
I7P O65  O  N N 199 
I7P O75  O  N N 200 
I7P PA1  P  N N 201 
I7P PA2  P  N N 202 
I7P PA3  P  N N 203 
I7P PA4  P  N N 204 
I7P PA5  P  N N 205 
I7P PA6  P  N N 206 
I7P PB5  P  N N 207 
I7P H1   H  N N 208 
I7P H2   H  N N 209 
I7P H3   H  N N 210 
I7P H4   H  N N 211 
I7P H5   H  N N 212 
I7P H6   H  N N 213 
I7P HO21 H  N N 214 
I7P HO22 H  N N 215 
I7P HO23 H  N N 216 
I7P HO24 H  N N 217 
I7P HO26 H  N N 218 
I7P HO31 H  N N 219 
I7P HO35 H  N N 220 
I7P HO36 H  N N 221 
I7P HO42 H  N N 222 
I7P HO43 H  N N 223 
I7P HO44 H  N N 224 
I7P HO55 H  N N 225 
I7P HO65 H  N N 226 
ILE N    N  N N 227 
ILE CA   C  N S 228 
ILE C    C  N N 229 
ILE O    O  N N 230 
ILE CB   C  N S 231 
ILE CG1  C  N N 232 
ILE CG2  C  N N 233 
ILE CD1  C  N N 234 
ILE OXT  O  N N 235 
ILE H    H  N N 236 
ILE H2   H  N N 237 
ILE HA   H  N N 238 
ILE HB   H  N N 239 
ILE HG12 H  N N 240 
ILE HG13 H  N N 241 
ILE HG21 H  N N 242 
ILE HG22 H  N N 243 
ILE HG23 H  N N 244 
ILE HD11 H  N N 245 
ILE HD12 H  N N 246 
ILE HD13 H  N N 247 
ILE HXT  H  N N 248 
LEU N    N  N N 249 
LEU CA   C  N S 250 
LEU C    C  N N 251 
LEU O    O  N N 252 
LEU CB   C  N N 253 
LEU CG   C  N N 254 
LEU CD1  C  N N 255 
LEU CD2  C  N N 256 
LEU OXT  O  N N 257 
LEU H    H  N N 258 
LEU H2   H  N N 259 
LEU HA   H  N N 260 
LEU HB2  H  N N 261 
LEU HB3  H  N N 262 
LEU HG   H  N N 263 
LEU HD11 H  N N 264 
LEU HD12 H  N N 265 
LEU HD13 H  N N 266 
LEU HD21 H  N N 267 
LEU HD22 H  N N 268 
LEU HD23 H  N N 269 
LEU HXT  H  N N 270 
LYS N    N  N N 271 
LYS CA   C  N S 272 
LYS C    C  N N 273 
LYS O    O  N N 274 
LYS CB   C  N N 275 
LYS CG   C  N N 276 
LYS CD   C  N N 277 
LYS CE   C  N N 278 
LYS NZ   N  N N 279 
LYS OXT  O  N N 280 
LYS H    H  N N 281 
LYS H2   H  N N 282 
LYS HA   H  N N 283 
LYS HB2  H  N N 284 
LYS HB3  H  N N 285 
LYS HG2  H  N N 286 
LYS HG3  H  N N 287 
LYS HD2  H  N N 288 
LYS HD3  H  N N 289 
LYS HE2  H  N N 290 
LYS HE3  H  N N 291 
LYS HZ1  H  N N 292 
LYS HZ2  H  N N 293 
LYS HZ3  H  N N 294 
LYS HXT  H  N N 295 
MET N    N  N N 296 
MET CA   C  N S 297 
MET C    C  N N 298 
MET O    O  N N 299 
MET CB   C  N N 300 
MET CG   C  N N 301 
MET SD   S  N N 302 
MET CE   C  N N 303 
MET OXT  O  N N 304 
MET H    H  N N 305 
MET H2   H  N N 306 
MET HA   H  N N 307 
MET HB2  H  N N 308 
MET HB3  H  N N 309 
MET HG2  H  N N 310 
MET HG3  H  N N 311 
MET HE1  H  N N 312 
MET HE2  H  N N 313 
MET HE3  H  N N 314 
MET HXT  H  N N 315 
MG  MG   MG N N 316 
PHE N    N  N N 317 
PHE CA   C  N S 318 
PHE C    C  N N 319 
PHE O    O  N N 320 
PHE CB   C  N N 321 
PHE CG   C  Y N 322 
PHE CD1  C  Y N 323 
PHE CD2  C  Y N 324 
PHE CE1  C  Y N 325 
PHE CE2  C  Y N 326 
PHE CZ   C  Y N 327 
PHE OXT  O  N N 328 
PHE H    H  N N 329 
PHE H2   H  N N 330 
PHE HA   H  N N 331 
PHE HB2  H  N N 332 
PHE HB3  H  N N 333 
PHE HD1  H  N N 334 
PHE HD2  H  N N 335 
PHE HE1  H  N N 336 
PHE HE2  H  N N 337 
PHE HZ   H  N N 338 
PHE HXT  H  N N 339 
PRO N    N  N N 340 
PRO CA   C  N S 341 
PRO C    C  N N 342 
PRO O    O  N N 343 
PRO CB   C  N N 344 
PRO CG   C  N N 345 
PRO CD   C  N N 346 
PRO OXT  O  N N 347 
PRO H    H  N N 348 
PRO HA   H  N N 349 
PRO HB2  H  N N 350 
PRO HB3  H  N N 351 
PRO HG2  H  N N 352 
PRO HG3  H  N N 353 
PRO HD2  H  N N 354 
PRO HD3  H  N N 355 
PRO HXT  H  N N 356 
SER N    N  N N 357 
SER CA   C  N S 358 
SER C    C  N N 359 
SER O    O  N N 360 
SER CB   C  N N 361 
SER OG   O  N N 362 
SER OXT  O  N N 363 
SER H    H  N N 364 
SER H2   H  N N 365 
SER HA   H  N N 366 
SER HB2  H  N N 367 
SER HB3  H  N N 368 
SER HG   H  N N 369 
SER HXT  H  N N 370 
THR N    N  N N 371 
THR CA   C  N S 372 
THR C    C  N N 373 
THR O    O  N N 374 
THR CB   C  N R 375 
THR OG1  O  N N 376 
THR CG2  C  N N 377 
THR OXT  O  N N 378 
THR H    H  N N 379 
THR H2   H  N N 380 
THR HA   H  N N 381 
THR HB   H  N N 382 
THR HG1  H  N N 383 
THR HG21 H  N N 384 
THR HG22 H  N N 385 
THR HG23 H  N N 386 
THR HXT  H  N N 387 
TRP N    N  N N 388 
TRP CA   C  N S 389 
TRP C    C  N N 390 
TRP O    O  N N 391 
TRP CB   C  N N 392 
TRP CG   C  Y N 393 
TRP CD1  C  Y N 394 
TRP CD2  C  Y N 395 
TRP NE1  N  Y N 396 
TRP CE2  C  Y N 397 
TRP CE3  C  Y N 398 
TRP CZ2  C  Y N 399 
TRP CZ3  C  Y N 400 
TRP CH2  C  Y N 401 
TRP OXT  O  N N 402 
TRP H    H  N N 403 
TRP H2   H  N N 404 
TRP HA   H  N N 405 
TRP HB2  H  N N 406 
TRP HB3  H  N N 407 
TRP HD1  H  N N 408 
TRP HE1  H  N N 409 
TRP HE3  H  N N 410 
TRP HZ2  H  N N 411 
TRP HZ3  H  N N 412 
TRP HH2  H  N N 413 
TRP HXT  H  N N 414 
TYR N    N  N N 415 
TYR CA   C  N S 416 
TYR C    C  N N 417 
TYR O    O  N N 418 
TYR CB   C  N N 419 
TYR CG   C  Y N 420 
TYR CD1  C  Y N 421 
TYR CD2  C  Y N 422 
TYR CE1  C  Y N 423 
TYR CE2  C  Y N 424 
TYR CZ   C  Y N 425 
TYR OH   O  N N 426 
TYR OXT  O  N N 427 
TYR H    H  N N 428 
TYR H2   H  N N 429 
TYR HA   H  N N 430 
TYR HB2  H  N N 431 
TYR HB3  H  N N 432 
TYR HD1  H  N N 433 
TYR HD2  H  N N 434 
TYR HE1  H  N N 435 
TYR HE2  H  N N 436 
TYR HH   H  N N 437 
TYR HXT  H  N N 438 
VAL N    N  N N 439 
VAL CA   C  N S 440 
VAL C    C  N N 441 
VAL O    O  N N 442 
VAL CB   C  N N 443 
VAL CG1  C  N N 444 
VAL CG2  C  N N 445 
VAL OXT  O  N N 446 
VAL H    H  N N 447 
VAL H2   H  N N 448 
VAL HA   H  N N 449 
VAL HB   H  N N 450 
VAL HG11 H  N N 451 
VAL HG12 H  N N 452 
VAL HG13 H  N N 453 
VAL HG21 H  N N 454 
VAL HG22 H  N N 455 
VAL HG23 H  N N 456 
VAL HXT  H  N N 457 
# 
loop_
_chem_comp_bond.comp_id 
_chem_comp_bond.atom_id_1 
_chem_comp_bond.atom_id_2 
_chem_comp_bond.value_order 
_chem_comp_bond.pdbx_aromatic_flag 
_chem_comp_bond.pdbx_stereo_config 
_chem_comp_bond.pdbx_ordinal 
ACT C   O    doub N N 1   
ACT C   OXT  sing N N 2   
ACT C   CH3  sing N N 3   
ACT CH3 H1   sing N N 4   
ACT CH3 H2   sing N N 5   
ACT CH3 H3   sing N N 6   
ALA N   CA   sing N N 7   
ALA N   H    sing N N 8   
ALA N   H2   sing N N 9   
ALA CA  C    sing N N 10  
ALA CA  CB   sing N N 11  
ALA CA  HA   sing N N 12  
ALA C   O    doub N N 13  
ALA C   OXT  sing N N 14  
ALA CB  HB1  sing N N 15  
ALA CB  HB2  sing N N 16  
ALA CB  HB3  sing N N 17  
ALA OXT HXT  sing N N 18  
ARG N   CA   sing N N 19  
ARG N   H    sing N N 20  
ARG N   H2   sing N N 21  
ARG CA  C    sing N N 22  
ARG CA  CB   sing N N 23  
ARG CA  HA   sing N N 24  
ARG C   O    doub N N 25  
ARG C   OXT  sing N N 26  
ARG CB  CG   sing N N 27  
ARG CB  HB2  sing N N 28  
ARG CB  HB3  sing N N 29  
ARG CG  CD   sing N N 30  
ARG CG  HG2  sing N N 31  
ARG CG  HG3  sing N N 32  
ARG CD  NE   sing N N 33  
ARG CD  HD2  sing N N 34  
ARG CD  HD3  sing N N 35  
ARG NE  CZ   sing N N 36  
ARG NE  HE   sing N N 37  
ARG CZ  NH1  sing N N 38  
ARG CZ  NH2  doub N N 39  
ARG NH1 HH11 sing N N 40  
ARG NH1 HH12 sing N N 41  
ARG NH2 HH21 sing N N 42  
ARG NH2 HH22 sing N N 43  
ARG OXT HXT  sing N N 44  
ASN N   CA   sing N N 45  
ASN N   H    sing N N 46  
ASN N   H2   sing N N 47  
ASN CA  C    sing N N 48  
ASN CA  CB   sing N N 49  
ASN CA  HA   sing N N 50  
ASN C   O    doub N N 51  
ASN C   OXT  sing N N 52  
ASN CB  CG   sing N N 53  
ASN CB  HB2  sing N N 54  
ASN CB  HB3  sing N N 55  
ASN CG  OD1  doub N N 56  
ASN CG  ND2  sing N N 57  
ASN ND2 HD21 sing N N 58  
ASN ND2 HD22 sing N N 59  
ASN OXT HXT  sing N N 60  
ASP N   CA   sing N N 61  
ASP N   H    sing N N 62  
ASP N   H2   sing N N 63  
ASP CA  C    sing N N 64  
ASP CA  CB   sing N N 65  
ASP CA  HA   sing N N 66  
ASP C   O    doub N N 67  
ASP C   OXT  sing N N 68  
ASP CB  CG   sing N N 69  
ASP CB  HB2  sing N N 70  
ASP CB  HB3  sing N N 71  
ASP CG  OD1  doub N N 72  
ASP CG  OD2  sing N N 73  
ASP OD2 HD2  sing N N 74  
ASP OXT HXT  sing N N 75  
CYS N   CA   sing N N 76  
CYS N   H    sing N N 77  
CYS N   H2   sing N N 78  
CYS CA  C    sing N N 79  
CYS CA  CB   sing N N 80  
CYS CA  HA   sing N N 81  
CYS C   O    doub N N 82  
CYS C   OXT  sing N N 83  
CYS CB  SG   sing N N 84  
CYS CB  HB2  sing N N 85  
CYS CB  HB3  sing N N 86  
CYS SG  HG   sing N N 87  
CYS OXT HXT  sing N N 88  
GLN N   CA   sing N N 89  
GLN N   H    sing N N 90  
GLN N   H2   sing N N 91  
GLN CA  C    sing N N 92  
GLN CA  CB   sing N N 93  
GLN CA  HA   sing N N 94  
GLN C   O    doub N N 95  
GLN C   OXT  sing N N 96  
GLN CB  CG   sing N N 97  
GLN CB  HB2  sing N N 98  
GLN CB  HB3  sing N N 99  
GLN CG  CD   sing N N 100 
GLN CG  HG2  sing N N 101 
GLN CG  HG3  sing N N 102 
GLN CD  OE1  doub N N 103 
GLN CD  NE2  sing N N 104 
GLN NE2 HE21 sing N N 105 
GLN NE2 HE22 sing N N 106 
GLN OXT HXT  sing N N 107 
GLU N   CA   sing N N 108 
GLU N   H    sing N N 109 
GLU N   H2   sing N N 110 
GLU CA  C    sing N N 111 
GLU CA  CB   sing N N 112 
GLU CA  HA   sing N N 113 
GLU C   O    doub N N 114 
GLU C   OXT  sing N N 115 
GLU CB  CG   sing N N 116 
GLU CB  HB2  sing N N 117 
GLU CB  HB3  sing N N 118 
GLU CG  CD   sing N N 119 
GLU CG  HG2  sing N N 120 
GLU CG  HG3  sing N N 121 
GLU CD  OE1  doub N N 122 
GLU CD  OE2  sing N N 123 
GLU OE2 HE2  sing N N 124 
GLU OXT HXT  sing N N 125 
GLY N   CA   sing N N 126 
GLY N   H    sing N N 127 
GLY N   H2   sing N N 128 
GLY CA  C    sing N N 129 
GLY CA  HA2  sing N N 130 
GLY CA  HA3  sing N N 131 
GLY C   O    doub N N 132 
GLY C   OXT  sing N N 133 
GLY OXT HXT  sing N N 134 
HIS N   CA   sing N N 135 
HIS N   H    sing N N 136 
HIS N   H2   sing N N 137 
HIS CA  C    sing N N 138 
HIS CA  CB   sing N N 139 
HIS CA  HA   sing N N 140 
HIS C   O    doub N N 141 
HIS C   OXT  sing N N 142 
HIS CB  CG   sing N N 143 
HIS CB  HB2  sing N N 144 
HIS CB  HB3  sing N N 145 
HIS CG  ND1  sing Y N 146 
HIS CG  CD2  doub Y N 147 
HIS ND1 CE1  doub Y N 148 
HIS ND1 HD1  sing N N 149 
HIS CD2 NE2  sing Y N 150 
HIS CD2 HD2  sing N N 151 
HIS CE1 NE2  sing Y N 152 
HIS CE1 HE1  sing N N 153 
HIS NE2 HE2  sing N N 154 
HIS OXT HXT  sing N N 155 
HOH O   H1   sing N N 156 
HOH O   H2   sing N N 157 
I7P O11 C1   sing N N 158 
I7P C2  C1   sing N N 159 
I7P C1  C6   sing N N 160 
I7P C1  H1   sing N N 161 
I7P O12 C2   sing N N 162 
I7P C2  C3   sing N N 163 
I7P C2  H2   sing N N 164 
I7P O13 C3   sing N N 165 
I7P C3  C4   sing N N 166 
I7P C3  H3   sing N N 167 
I7P C4  C5   sing N N 168 
I7P C4  O14  sing N N 169 
I7P C4  H4   sing N N 170 
I7P C6  C5   sing N N 171 
I7P C5  O15  sing N N 172 
I7P C5  H5   sing N N 173 
I7P C6  O16  sing N N 174 
I7P C6  H6   sing N N 175 
I7P PA1 O11  sing N N 176 
I7P PA2 O12  sing N N 177 
I7P O13 PA3  sing N N 178 
I7P O14 PA4  sing N N 179 
I7P O15 PA5  sing N N 180 
I7P PA6 O16  sing N N 181 
I7P PA1 O21  sing N N 182 
I7P O21 HO21 sing N N 183 
I7P O22 PA2  sing N N 184 
I7P O22 HO22 sing N N 185 
I7P PA3 O23  sing N N 186 
I7P O23 HO23 sing N N 187 
I7P O24 PA4  sing N N 188 
I7P O24 HO24 sing N N 189 
I7P PA5 O25  doub N N 190 
I7P PA6 O26  sing N N 191 
I7P O26 HO26 sing N N 192 
I7P O31 PA1  sing N N 193 
I7P O31 HO31 sing N N 194 
I7P O32 PA2  doub N N 195 
I7P O33 PA3  doub N N 196 
I7P O34 PA4  doub N N 197 
I7P PA5 O35  sing N N 198 
I7P O35 HO35 sing N N 199 
I7P PA6 O36  sing N N 200 
I7P O36 HO36 sing N N 201 
I7P O41 PA1  doub N N 202 
I7P O42 PA2  sing N N 203 
I7P O42 HO42 sing N N 204 
I7P O43 PA3  sing N N 205 
I7P O43 HO43 sing N N 206 
I7P PA4 O44  sing N N 207 
I7P O44 HO44 sing N N 208 
I7P O45 PA5  sing N N 209 
I7P O45 PB5  sing N N 210 
I7P O46 PA6  doub N N 211 
I7P PB5 O55  sing N N 212 
I7P O55 HO55 sing N N 213 
I7P O65 PB5  sing N N 214 
I7P O65 HO65 sing N N 215 
I7P O75 PB5  doub N N 216 
ILE N   CA   sing N N 217 
ILE N   H    sing N N 218 
ILE N   H2   sing N N 219 
ILE CA  C    sing N N 220 
ILE CA  CB   sing N N 221 
ILE CA  HA   sing N N 222 
ILE C   O    doub N N 223 
ILE C   OXT  sing N N 224 
ILE CB  CG1  sing N N 225 
ILE CB  CG2  sing N N 226 
ILE CB  HB   sing N N 227 
ILE CG1 CD1  sing N N 228 
ILE CG1 HG12 sing N N 229 
ILE CG1 HG13 sing N N 230 
ILE CG2 HG21 sing N N 231 
ILE CG2 HG22 sing N N 232 
ILE CG2 HG23 sing N N 233 
ILE CD1 HD11 sing N N 234 
ILE CD1 HD12 sing N N 235 
ILE CD1 HD13 sing N N 236 
ILE OXT HXT  sing N N 237 
LEU N   CA   sing N N 238 
LEU N   H    sing N N 239 
LEU N   H2   sing N N 240 
LEU CA  C    sing N N 241 
LEU CA  CB   sing N N 242 
LEU CA  HA   sing N N 243 
LEU C   O    doub N N 244 
LEU C   OXT  sing N N 245 
LEU CB  CG   sing N N 246 
LEU CB  HB2  sing N N 247 
LEU CB  HB3  sing N N 248 
LEU CG  CD1  sing N N 249 
LEU CG  CD2  sing N N 250 
LEU CG  HG   sing N N 251 
LEU CD1 HD11 sing N N 252 
LEU CD1 HD12 sing N N 253 
LEU CD1 HD13 sing N N 254 
LEU CD2 HD21 sing N N 255 
LEU CD2 HD22 sing N N 256 
LEU CD2 HD23 sing N N 257 
LEU OXT HXT  sing N N 258 
LYS N   CA   sing N N 259 
LYS N   H    sing N N 260 
LYS N   H2   sing N N 261 
LYS CA  C    sing N N 262 
LYS CA  CB   sing N N 263 
LYS CA  HA   sing N N 264 
LYS C   O    doub N N 265 
LYS C   OXT  sing N N 266 
LYS CB  CG   sing N N 267 
LYS CB  HB2  sing N N 268 
LYS CB  HB3  sing N N 269 
LYS CG  CD   sing N N 270 
LYS CG  HG2  sing N N 271 
LYS CG  HG3  sing N N 272 
LYS CD  CE   sing N N 273 
LYS CD  HD2  sing N N 274 
LYS CD  HD3  sing N N 275 
LYS CE  NZ   sing N N 276 
LYS CE  HE2  sing N N 277 
LYS CE  HE3  sing N N 278 
LYS NZ  HZ1  sing N N 279 
LYS NZ  HZ2  sing N N 280 
LYS NZ  HZ3  sing N N 281 
LYS OXT HXT  sing N N 282 
MET N   CA   sing N N 283 
MET N   H    sing N N 284 
MET N   H2   sing N N 285 
MET CA  C    sing N N 286 
MET CA  CB   sing N N 287 
MET CA  HA   sing N N 288 
MET C   O    doub N N 289 
MET C   OXT  sing N N 290 
MET CB  CG   sing N N 291 
MET CB  HB2  sing N N 292 
MET CB  HB3  sing N N 293 
MET CG  SD   sing N N 294 
MET CG  HG2  sing N N 295 
MET CG  HG3  sing N N 296 
MET SD  CE   sing N N 297 
MET CE  HE1  sing N N 298 
MET CE  HE2  sing N N 299 
MET CE  HE3  sing N N 300 
MET OXT HXT  sing N N 301 
PHE N   CA   sing N N 302 
PHE N   H    sing N N 303 
PHE N   H2   sing N N 304 
PHE CA  C    sing N N 305 
PHE CA  CB   sing N N 306 
PHE CA  HA   sing N N 307 
PHE C   O    doub N N 308 
PHE C   OXT  sing N N 309 
PHE CB  CG   sing N N 310 
PHE CB  HB2  sing N N 311 
PHE CB  HB3  sing N N 312 
PHE CG  CD1  doub Y N 313 
PHE CG  CD2  sing Y N 314 
PHE CD1 CE1  sing Y N 315 
PHE CD1 HD1  sing N N 316 
PHE CD2 CE2  doub Y N 317 
PHE CD2 HD2  sing N N 318 
PHE CE1 CZ   doub Y N 319 
PHE CE1 HE1  sing N N 320 
PHE CE2 CZ   sing Y N 321 
PHE CE2 HE2  sing N N 322 
PHE CZ  HZ   sing N N 323 
PHE OXT HXT  sing N N 324 
PRO N   CA   sing N N 325 
PRO N   CD   sing N N 326 
PRO N   H    sing N N 327 
PRO CA  C    sing N N 328 
PRO CA  CB   sing N N 329 
PRO CA  HA   sing N N 330 
PRO C   O    doub N N 331 
PRO C   OXT  sing N N 332 
PRO CB  CG   sing N N 333 
PRO CB  HB2  sing N N 334 
PRO CB  HB3  sing N N 335 
PRO CG  CD   sing N N 336 
PRO CG  HG2  sing N N 337 
PRO CG  HG3  sing N N 338 
PRO CD  HD2  sing N N 339 
PRO CD  HD3  sing N N 340 
PRO OXT HXT  sing N N 341 
SER N   CA   sing N N 342 
SER N   H    sing N N 343 
SER N   H2   sing N N 344 
SER CA  C    sing N N 345 
SER CA  CB   sing N N 346 
SER CA  HA   sing N N 347 
SER C   O    doub N N 348 
SER C   OXT  sing N N 349 
SER CB  OG   sing N N 350 
SER CB  HB2  sing N N 351 
SER CB  HB3  sing N N 352 
SER OG  HG   sing N N 353 
SER OXT HXT  sing N N 354 
THR N   CA   sing N N 355 
THR N   H    sing N N 356 
THR N   H2   sing N N 357 
THR CA  C    sing N N 358 
THR CA  CB   sing N N 359 
THR CA  HA   sing N N 360 
THR C   O    doub N N 361 
THR C   OXT  sing N N 362 
THR CB  OG1  sing N N 363 
THR CB  CG2  sing N N 364 
THR CB  HB   sing N N 365 
THR OG1 HG1  sing N N 366 
THR CG2 HG21 sing N N 367 
THR CG2 HG22 sing N N 368 
THR CG2 HG23 sing N N 369 
THR OXT HXT  sing N N 370 
TRP N   CA   sing N N 371 
TRP N   H    sing N N 372 
TRP N   H2   sing N N 373 
TRP CA  C    sing N N 374 
TRP CA  CB   sing N N 375 
TRP CA  HA   sing N N 376 
TRP C   O    doub N N 377 
TRP C   OXT  sing N N 378 
TRP CB  CG   sing N N 379 
TRP CB  HB2  sing N N 380 
TRP CB  HB3  sing N N 381 
TRP CG  CD1  doub Y N 382 
TRP CG  CD2  sing Y N 383 
TRP CD1 NE1  sing Y N 384 
TRP CD1 HD1  sing N N 385 
TRP CD2 CE2  doub Y N 386 
TRP CD2 CE3  sing Y N 387 
TRP NE1 CE2  sing Y N 388 
TRP NE1 HE1  sing N N 389 
TRP CE2 CZ2  sing Y N 390 
TRP CE3 CZ3  doub Y N 391 
TRP CE3 HE3  sing N N 392 
TRP CZ2 CH2  doub Y N 393 
TRP CZ2 HZ2  sing N N 394 
TRP CZ3 CH2  sing Y N 395 
TRP CZ3 HZ3  sing N N 396 
TRP CH2 HH2  sing N N 397 
TRP OXT HXT  sing N N 398 
TYR N   CA   sing N N 399 
TYR N   H    sing N N 400 
TYR N   H2   sing N N 401 
TYR CA  C    sing N N 402 
TYR CA  CB   sing N N 403 
TYR CA  HA   sing N N 404 
TYR C   O    doub N N 405 
TYR C   OXT  sing N N 406 
TYR CB  CG   sing N N 407 
TYR CB  HB2  sing N N 408 
TYR CB  HB3  sing N N 409 
TYR CG  CD1  doub Y N 410 
TYR CG  CD2  sing Y N 411 
TYR CD1 CE1  sing Y N 412 
TYR CD1 HD1  sing N N 413 
TYR CD2 CE2  doub Y N 414 
TYR CD2 HD2  sing N N 415 
TYR CE1 CZ   doub Y N 416 
TYR CE1 HE1  sing N N 417 
TYR CE2 CZ   sing Y N 418 
TYR CE2 HE2  sing N N 419 
TYR CZ  OH   sing N N 420 
TYR OH  HH   sing N N 421 
TYR OXT HXT  sing N N 422 
VAL N   CA   sing N N 423 
VAL N   H    sing N N 424 
VAL N   H2   sing N N 425 
VAL CA  C    sing N N 426 
VAL CA  CB   sing N N 427 
VAL CA  HA   sing N N 428 
VAL C   O    doub N N 429 
VAL C   OXT  sing N N 430 
VAL CB  CG1  sing N N 431 
VAL CB  CG2  sing N N 432 
VAL CB  HB   sing N N 433 
VAL CG1 HG11 sing N N 434 
VAL CG1 HG12 sing N N 435 
VAL CG1 HG13 sing N N 436 
VAL CG2 HG21 sing N N 437 
VAL CG2 HG22 sing N N 438 
VAL CG2 HG23 sing N N 439 
VAL OXT HXT  sing N N 440 
# 
_pdbx_audit_support.funding_organization   'Spanish Ministry of Economy and Competitiveness' 
_pdbx_audit_support.country                Spain 
_pdbx_audit_support.grant_number           BFU2017-89913-P 
_pdbx_audit_support.ordinal                1 
# 
loop_
_pdbx_entity_instance_feature.ordinal 
_pdbx_entity_instance_feature.comp_id 
_pdbx_entity_instance_feature.asym_id 
_pdbx_entity_instance_feature.seq_num 
_pdbx_entity_instance_feature.auth_comp_id 
_pdbx_entity_instance_feature.auth_asym_id 
_pdbx_entity_instance_feature.auth_seq_num 
_pdbx_entity_instance_feature.feature_type 
_pdbx_entity_instance_feature.details 
1 I7P ? ? I7P ? ? 'SUBJECT OF INVESTIGATION' ? 
2 MG  ? ? MG  ? ? 'SUBJECT OF INVESTIGATION' ? 
# 
_pdbx_initial_refinement_model.id               1 
_pdbx_initial_refinement_model.entity_id_list   ? 
_pdbx_initial_refinement_model.type             'experimental model' 
_pdbx_initial_refinement_model.source_name      PDB 
_pdbx_initial_refinement_model.accession_code   7AUK 
_pdbx_initial_refinement_model.details          ? 
# 
_atom_sites.entry_id                    7AUL 
_atom_sites.Cartn_transf_matrix[1][1]   ? 
_atom_sites.Cartn_transf_matrix[1][2]   ? 
_atom_sites.Cartn_transf_matrix[1][3]   ? 
_atom_sites.Cartn_transf_matrix[2][1]   ? 
_atom_sites.Cartn_transf_matrix[2][2]   ? 
_atom_sites.Cartn_transf_matrix[2][3]   ? 
_atom_sites.Cartn_transf_matrix[3][1]   ? 
_atom_sites.Cartn_transf_matrix[3][2]   ? 
_atom_sites.Cartn_transf_matrix[3][3]   ? 
_atom_sites.Cartn_transf_vector[1]      ? 
_atom_sites.Cartn_transf_vector[2]      ? 
_atom_sites.Cartn_transf_vector[3]      ? 
_atom_sites.fract_transf_matrix[1][1]   0.01259189 
_atom_sites.fract_transf_matrix[1][2]   0.01350396 
_atom_sites.fract_transf_matrix[1][3]   0.00317469 
_atom_sites.fract_transf_matrix[2][1]   0.00637034 
_atom_sites.fract_transf_matrix[2][2]   0.00297277 
_atom_sites.fract_transf_matrix[2][3]   0.01736611 
_atom_sites.fract_transf_matrix[3][1]   0.00771458 
_atom_sites.fract_transf_matrix[3][2]   -0.00680197 
_atom_sites.fract_transf_matrix[3][3]   -0.00166553 
_atom_sites.fract_transf_vector[1]      0.031593 
_atom_sites.fract_transf_vector[2]      -0.406988 
_atom_sites.fract_transf_vector[3]      -0.028447 
_atom_sites.solution_primary            ? 
_atom_sites.solution_secondary          ? 
_atom_sites.solution_hydrogens          ? 
_atom_sites.special_details             ? 
# 
loop_
_atom_type.symbol 
C  
MG 
N  
O  
P  
S  
# 
loop_
_atom_site.group_PDB 
_atom_site.id 
_atom_site.type_symbol 
_atom_site.label_atom_id 
_atom_site.label_alt_id 
_atom_site.label_comp_id 
_atom_site.label_asym_id 
_atom_site.label_entity_id 
_atom_site.label_seq_id 
_atom_site.pdbx_PDB_ins_code 
_atom_site.Cartn_x 
_atom_site.Cartn_y 
_atom_site.Cartn_z 
_atom_site.occupancy 
_atom_site.B_iso_or_equiv 
_atom_site.pdbx_formal_charge 
_atom_site.auth_seq_id 
_atom_site.auth_comp_id 
_atom_site.auth_asym_id 
_atom_site.auth_atom_id 
_atom_site.pdbx_PDB_model_num 
ATOM   1    N  N   . ARG A 1 23  ? 3.695   -6.956  17.764  1.00 91.16  ? 20  ARG A N   1 
ATOM   2    C  CA  . ARG A 1 23  ? 3.002   -6.853  19.091  1.00 93.54  ? 20  ARG A CA  1 
ATOM   3    C  C   . ARG A 1 23  ? 1.882   -5.808  18.993  1.00 90.92  ? 20  ARG A C   1 
ATOM   4    O  O   . ARG A 1 23  ? 1.920   -4.988  18.051  1.00 91.12  ? 20  ARG A O   1 
ATOM   5    C  CB  . ARG A 1 23  ? 4.008   -6.515  20.197  1.00 96.44  ? 20  ARG A CB  1 
ATOM   6    C  CG  . ARG A 1 23  ? 5.059   -7.593  20.422  1.00 98.39  ? 20  ARG A CG  1 
ATOM   7    C  CD  . ARG A 1 23  ? 6.073   -7.232  21.491  1.00 100.40 ? 20  ARG A CD  1 
ATOM   8    N  NE  . ARG A 1 23  ? 7.053   -8.297  21.674  1.00 103.62 ? 20  ARG A NE  1 
ATOM   9    C  CZ  . ARG A 1 23  ? 8.097   -8.245  22.499  1.00 102.62 ? 20  ARG A CZ  1 
ATOM   10   N  NH1 . ARG A 1 23  ? 8.921   -9.277  22.584  1.00 100.58 ? 20  ARG A NH1 1 
ATOM   11   N  NH2 . ARG A 1 23  ? 8.316   -7.168  23.235  1.00 105.43 ? 20  ARG A NH2 1 
ATOM   12   N  N   . GLU A 1 24  ? 0.935   -5.829  19.939  1.00 87.22  ? 21  GLU A N   1 
ATOM   13   C  CA  . GLU A 1 24  ? -0.329  -5.039  19.890  1.00 81.49  ? 21  GLU A CA  1 
ATOM   14   C  C   . GLU A 1 24  ? -0.057  -3.562  20.214  1.00 75.81  ? 21  GLU A C   1 
ATOM   15   O  O   . GLU A 1 24  ? -0.711  -3.011  21.125  1.00 72.62  ? 21  GLU A O   1 
ATOM   16   C  CB  . GLU A 1 24  ? -1.384  -5.654  20.815  1.00 83.20  ? 21  GLU A CB  1 
ATOM   17   C  CG  . GLU A 1 24  ? -2.048  -6.893  20.234  1.00 85.37  ? 21  GLU A CG  1 
ATOM   18   C  CD  . GLU A 1 24  ? -2.979  -6.629  19.059  1.00 85.77  ? 21  GLU A CD  1 
ATOM   19   O  OE1 . GLU A 1 24  ? -3.974  -5.896  19.243  1.00 83.22  ? 21  GLU A OE1 1 
ATOM   20   O  OE2 . GLU A 1 24  ? -2.700  -7.144  17.957  1.00 81.90  ? 21  GLU A OE2 1 
ATOM   21   N  N   . ASN A 1 25  ? 0.848   -2.938  19.455  1.00 70.31  ? 22  ASN A N   1 
ATOM   22   C  CA  . ASN A 1 25  ? 0.938   -1.462  19.295  1.00 67.19  ? 22  ASN A CA  1 
ATOM   23   C  C   . ASN A 1 25  ? 0.004   -1.037  18.156  1.00 60.26  ? 22  ASN A C   1 
ATOM   24   O  O   . ASN A 1 25  ? -0.074  0.175   17.882  1.00 57.42  ? 22  ASN A O   1 
ATOM   25   C  CB  . ASN A 1 25  ? 2.375   -1.002  19.036  1.00 67.08  ? 22  ASN A CB  1 
ATOM   26   C  CG  . ASN A 1 25  ? 2.981   -0.300  20.228  1.00 71.95  ? 22  ASN A CG  1 
ATOM   27   O  OD1 . ASN A 1 25  ? 2.934   -0.815  21.342  1.00 75.01  ? 22  ASN A OD1 1 
ATOM   28   N  ND2 . ASN A 1 25  ? 3.541   0.880   20.009  1.00 75.36  ? 22  ASN A ND2 1 
ATOM   29   N  N   . GLN A 1 26  ? -0.695  -2.000  17.545  1.00 55.10  ? 23  GLN A N   1 
ATOM   30   C  CA  . GLN A 1 26  ? -1.436  -1.840  16.264  1.00 51.65  ? 23  GLN A CA  1 
ATOM   31   C  C   . GLN A 1 26  ? -2.772  -1.138  16.530  1.00 46.27  ? 23  GLN A C   1 
ATOM   32   O  O   . GLN A 1 26  ? -3.402  -1.433  17.564  1.00 41.20  ? 23  GLN A O   1 
ATOM   33   C  CB  . GLN A 1 26  ? -1.654  -3.206  15.612  1.00 55.85  ? 23  GLN A CB  1 
ATOM   34   C  CG  . GLN A 1 26  ? -0.379  -4.032  15.481  1.00 60.49  ? 23  GLN A CG  1 
ATOM   35   C  CD  . GLN A 1 26  ? -0.641  -5.396  14.888  1.00 64.04  ? 23  GLN A CD  1 
ATOM   36   O  OE1 . GLN A 1 26  ? -1.203  -5.520  13.804  1.00 67.05  ? 23  GLN A OE1 1 
ATOM   37   N  NE2 . GLN A 1 26  ? -0.224  -6.436  15.593  1.00 62.65  ? 23  GLN A NE2 1 
ATOM   38   N  N   . VAL A 1 27  ? -3.190  -0.245  15.626  1.00 41.92  ? 24  VAL A N   1 
ATOM   39   C  CA  . VAL A 1 27  ? -4.457  0.535   15.749  1.00 40.31  ? 24  VAL A CA  1 
ATOM   40   C  C   . VAL A 1 27  ? -5.467  -0.030  14.741  1.00 38.14  ? 24  VAL A C   1 
ATOM   41   O  O   . VAL A 1 27  ? -5.078  -0.290  13.587  1.00 37.96  ? 24  VAL A O   1 
ATOM   42   C  CB  . VAL A 1 27  ? -4.246  2.047   15.545  1.00 40.94  ? 24  VAL A CB  1 
ATOM   43   C  CG1 . VAL A 1 27  ? -5.485  2.833   15.942  1.00 41.11  ? 24  VAL A CG1 1 
ATOM   44   C  CG2 . VAL A 1 27  ? -3.029  2.556   16.309  1.00 42.15  ? 24  VAL A CG2 1 
ATOM   45   N  N   . TYR A 1 28  ? -6.713  -0.195  15.183  1.00 40.31  ? 25  TYR A N   1 
ATOM   46   C  CA  . TYR A 1 28  ? -7.828  -0.793  14.407  1.00 38.89  ? 25  TYR A CA  1 
ATOM   47   C  C   . TYR A 1 28  ? -8.967  0.222   14.329  1.00 37.77  ? 25  TYR A C   1 
ATOM   48   O  O   . TYR A 1 28  ? -9.137  1.013   15.282  1.00 38.30  ? 25  TYR A O   1 
ATOM   49   C  CB  . TYR A 1 28  ? -8.284  -2.107  15.052  1.00 41.07  ? 25  TYR A CB  1 
ATOM   50   C  CG  . TYR A 1 28  ? -7.238  -3.191  15.030  1.00 43.51  ? 25  TYR A CG  1 
ATOM   51   C  CD1 . TYR A 1 28  ? -7.106  -4.037  13.940  1.00 42.38  ? 25  TYR A CD1 1 
ATOM   52   C  CD2 . TYR A 1 28  ? -6.337  -3.335  16.074  1.00 45.99  ? 25  TYR A CD2 1 
ATOM   53   C  CE1 . TYR A 1 28  ? -6.119  -5.007  13.892  1.00 43.51  ? 25  TYR A CE1 1 
ATOM   54   C  CE2 . TYR A 1 28  ? -5.351  -4.308  16.046  1.00 46.75  ? 25  TYR A CE2 1 
ATOM   55   C  CZ  . TYR A 1 28  ? -5.243  -5.148  14.952  1.00 46.65  ? 25  TYR A CZ  1 
ATOM   56   O  OH  . TYR A 1 28  ? -4.279  -6.109  14.912  1.00 49.40  ? 25  TYR A OH  1 
ATOM   57   N  N   . SER A 1 29  ? -9.703  0.210   13.216  1.00 35.30  ? 26  SER A N   1 
ATOM   58   C  CA  . SER A 1 29  ? -10.964 0.965   13.036  1.00 34.27  ? 26  SER A CA  1 
ATOM   59   C  C   . SER A 1 29  ? -11.926 0.559   14.145  1.00 36.61  ? 26  SER A C   1 
ATOM   60   O  O   . SER A 1 29  ? -12.165 -0.633  14.345  1.00 35.77  ? 26  SER A O   1 
ATOM   61   C  CB  . SER A 1 29  ? -11.565 0.735   11.668  1.00 33.85  ? 26  SER A CB  1 
ATOM   62   O  OG  . SER A 1 29  ? -12.879 1.270   11.592  1.00 31.06  ? 26  SER A OG  1 
ATOM   63   N  N   . PRO A 1 30  ? -12.476 1.526   14.914  1.00 37.42  ? 27  PRO A N   1 
ATOM   64   C  CA  . PRO A 1 30  ? -13.509 1.227   15.903  1.00 37.45  ? 27  PRO A CA  1 
ATOM   65   C  C   . PRO A 1 30  ? -14.829 0.773   15.260  1.00 37.01  ? 27  PRO A C   1 
ATOM   66   O  O   . PRO A 1 30  ? -15.644 0.211   15.953  1.00 37.45  ? 27  PRO A O   1 
ATOM   67   C  CB  . PRO A 1 30  ? -13.700 2.545   16.661  1.00 37.62  ? 27  PRO A CB  1 
ATOM   68   C  CG  . PRO A 1 30  ? -13.218 3.616   15.699  1.00 37.10  ? 27  PRO A CG  1 
ATOM   69   C  CD  . PRO A 1 30  ? -12.131 2.960   14.872  1.00 39.44  ? 27  PRO A CD  1 
ATOM   70   N  N   . VAL A 1 31  ? -15.027 1.017   13.962  1.00 35.57  ? 28  VAL A N   1 
ATOM   71   C  CA  . VAL A 1 31  ? -16.298 0.639   13.278  1.00 34.80  ? 28  VAL A CA  1 
ATOM   72   C  C   . VAL A 1 31  ? -16.168 -0.782  12.704  1.00 35.74  ? 28  VAL A C   1 
ATOM   73   O  O   . VAL A 1 31  ? -17.013 -1.631  13.064  1.00 38.58  ? 28  VAL A O   1 
ATOM   74   C  CB  . VAL A 1 31  ? -16.705 1.674   12.209  1.00 33.64  ? 28  VAL A CB  1 
ATOM   75   C  CG1 . VAL A 1 31  ? -17.984 1.260   11.498  1.00 35.16  ? 28  VAL A CG1 1 
ATOM   76   C  CG2 . VAL A 1 31  ? -16.868 3.074   12.794  1.00 33.16  ? 28  VAL A CG2 1 
ATOM   77   N  N   . THR A 1 32  ? -15.164 -1.035  11.858  1.00 35.56  ? 29  THR A N   1 
ATOM   78   C  CA  . THR A 1 32  ? -15.063 -2.244  10.991  1.00 34.99  ? 29  THR A CA  1 
ATOM   79   C  C   . THR A 1 32  ? -14.039 -3.255  11.527  1.00 35.74  ? 29  THR A C   1 
ATOM   80   O  O   . THR A 1 32  ? -13.975 -4.357  10.961  1.00 36.49  ? 29  THR A O   1 
ATOM   81   C  CB  . THR A 1 32  ? -14.671 -1.868  9.563   1.00 34.51  ? 29  THR A CB  1 
ATOM   82   O  OG1 . THR A 1 32  ? -13.291 -1.475  9.585   1.00 33.94  ? 29  THR A OG1 1 
ATOM   83   C  CG2 . THR A 1 32  ? -15.535 -0.769  8.988   1.00 34.10  ? 29  THR A CG2 1 
ATOM   84   N  N   . GLY A 1 33  ? -13.243 -2.886  12.532  1.00 35.63  ? 30  GLY A N   1 
ATOM   85   C  CA  . GLY A 1 33  ? -12.147 -3.714  13.070  1.00 34.60  ? 30  GLY A CA  1 
ATOM   86   C  C   . GLY A 1 33  ? -10.977 -3.837  12.106  1.00 35.10  ? 30  GLY A C   1 
ATOM   87   O  O   . GLY A 1 33  ? -10.025 -4.559  12.420  1.00 35.72  ? 30  GLY A O   1 
ATOM   88   N  N   . ALA A 1 34  ? -10.999 -3.118  10.982  1.00 35.55  ? 31  ALA A N   1 
ATOM   89   C  CA  . ALA A 1 34  ? -9.913  -3.153  9.985   1.00 34.21  ? 31  ALA A CA  1 
ATOM   90   C  C   . ALA A 1 34  ? -8.659  -2.584  10.647  1.00 33.10  ? 31  ALA A C   1 
ATOM   91   O  O   . ALA A 1 34  ? -8.797  -1.639  11.455  1.00 32.59  ? 31  ALA A O   1 
ATOM   92   C  CB  . ALA A 1 34  ? -10.290 -2.385  8.743   1.00 34.58  ? 31  ALA A CB  1 
ATOM   93   N  N   . ARG A 1 35  ? -7.505  -3.165  10.331  1.00 34.26  ? 32  ARG A N   1 
ATOM   94   C  CA  . ARG A 1 35  ? -6.167  -2.658  10.733  1.00 33.29  ? 32  ARG A CA  1 
ATOM   95   C  C   . ARG A 1 35  ? -5.906  -1.328  10.020  1.00 32.62  ? 32  ARG A C   1 
ATOM   96   O  O   . ARG A 1 35  ? -6.117  -1.234  8.808   1.00 29.14  ? 32  ARG A O   1 
ATOM   97   C  CB  . ARG A 1 35  ? -5.071  -3.679  10.420  1.00 36.40  ? 32  ARG A CB  1 
ATOM   98   C  CG  . ARG A 1 35  ? -3.763  -3.426  11.157  1.00 39.36  ? 32  ARG A CG  1 
ATOM   99   C  CD  . ARG A 1 35  ? -2.872  -4.648  11.133  1.00 43.64  ? 32  ARG A CD  1 
ATOM   100  N  NE  . ARG A 1 35  ? -2.491  -5.020  9.782   1.00 45.46  ? 32  ARG A NE  1 
ATOM   101  C  CZ  . ARG A 1 35  ? -1.265  -4.939  9.273   1.00 50.06  ? 32  ARG A CZ  1 
ATOM   102  N  NH1 . ARG A 1 35  ? -1.074  -5.319  8.024   1.00 53.89  ? 32  ARG A NH1 1 
ATOM   103  N  NH2 . ARG A 1 35  ? -0.244  -4.493  9.989   1.00 54.88  ? 32  ARG A NH2 1 
ATOM   104  N  N   . LEU A 1 36  ? -5.493  -0.307  10.766  1.00 32.24  ? 33  LEU A N   1 
ATOM   105  C  CA  . LEU A 1 36  ? -5.222  1.024   10.181  1.00 32.01  ? 33  LEU A CA  1 
ATOM   106  C  C   . LEU A 1 36  ? -3.755  1.022   9.742   1.00 33.44  ? 33  LEU A C   1 
ATOM   107  O  O   . LEU A 1 36  ? -2.876  0.751   10.588  1.00 37.22  ? 33  LEU A O   1 
ATOM   108  C  CB  . LEU A 1 36  ? -5.551  2.114   11.213  1.00 30.55  ? 33  LEU A CB  1 
ATOM   109  C  CG  . LEU A 1 36  ? -7.003  2.135   11.690  1.00 30.88  ? 33  LEU A CG  1 
ATOM   110  C  CD1 . LEU A 1 36  ? -7.265  3.278   12.645  1.00 31.44  ? 33  LEU A CD1 1 
ATOM   111  C  CD2 . LEU A 1 36  ? -7.971  2.210   10.511  1.00 30.18  ? 33  LEU A CD2 1 
ATOM   112  N  N   . VAL A 1 37  ? -3.519  1.309   8.462   1.00 32.06  ? 34  VAL A N   1 
ATOM   113  C  CA  . VAL A 1 37  ? -2.200  1.298   7.772   1.00 33.81  ? 34  VAL A CA  1 
ATOM   114  C  C   . VAL A 1 37  ? -2.053  2.607   6.999   1.00 33.33  ? 34  VAL A C   1 
ATOM   115  O  O   . VAL A 1 37  ? -3.031  3.065   6.390   1.00 32.19  ? 34  VAL A O   1 
ATOM   116  C  CB  . VAL A 1 37  ? -2.068  0.077   6.838   1.00 33.34  ? 34  VAL A CB  1 
ATOM   117  C  CG1 . VAL A 1 37  ? -0.889  0.183   5.890   1.00 30.66  ? 34  VAL A CG1 1 
ATOM   118  C  CG2 . VAL A 1 37  ? -1.997  -1.221  7.627   1.00 32.97  ? 34  VAL A CG2 1 
ATOM   119  N  N   . ALA A 1 38  ? -0.867  3.200   7.040   1.00 31.53  ? 35  ALA A N   1 
ATOM   120  C  CA  . ALA A 1 38  ? -0.520  4.386   6.237   1.00 31.50  ? 35  ALA A CA  1 
ATOM   121  C  C   . ALA A 1 38  ? 0.684   4.033   5.380   1.00 28.83  ? 35  ALA A C   1 
ATOM   122  O  O   . ALA A 1 38  ? 1.466   3.150   5.811   1.00 28.03  ? 35  ALA A O   1 
ATOM   123  C  CB  . ALA A 1 38  ? -0.235  5.572   7.119   1.00 33.49  ? 35  ALA A CB  1 
ATOM   124  N  N   . GLY A 1 39  ? 0.810   4.693   4.227   1.00 29.92  ? 36  GLY A N   1 
ATOM   125  C  CA  . GLY A 1 39  ? 1.903   4.485   3.266   1.00 30.58  ? 36  GLY A CA  1 
ATOM   126  C  C   . GLY A 1 39  ? 2.031   5.633   2.276   1.00 30.04  ? 36  GLY A C   1 
ATOM   127  O  O   . GLY A 1 39  ? 1.198   6.565   2.288   1.00 30.97  ? 36  GLY A O   1 
ATOM   128  N  N   . CYS A 1 40  ? 3.045   5.554   1.434   1.00 25.43  ? 37  CYS A N   1 
ATOM   129  C  CA  . CYS A 1 40  ? 3.470   6.617   0.496   1.00 29.97  ? 37  CYS A CA  1 
ATOM   130  C  C   . CYS A 1 40  ? 3.568   6.067   -0.921  1.00 28.20  ? 37  CYS A C   1 
ATOM   131  O  O   . CYS A 1 40  ? 4.239   5.042   -1.132  1.00 30.56  ? 37  CYS A O   1 
ATOM   132  C  CB  . CYS A 1 40  ? 4.820   7.190   0.899   1.00 31.76  ? 37  CYS A CB  1 
ATOM   133  S  SG  . CYS A 1 40  ? 4.691   8.334   2.301   1.00 33.80  ? 37  CYS A SG  1 
ATOM   134  N  N   . ILE A 1 41  ? 2.929   6.759   -1.848  1.00 28.88  ? 38  ILE A N   1 
ATOM   135  C  CA  . ILE A 1 41  ? 3.308   6.759   -3.287  1.00 30.14  ? 38  ILE A CA  1 
ATOM   136  C  C   . ILE A 1 41  ? 4.458   7.757   -3.456  1.00 29.72  ? 38  ILE A C   1 
ATOM   137  O  O   . ILE A 1 41  ? 4.181   8.968   -3.644  1.00 29.73  ? 38  ILE A O   1 
ATOM   138  C  CB  . ILE A 1 41  ? 2.094   7.096   -4.167  1.00 30.05  ? 38  ILE A CB  1 
ATOM   139  C  CG1 . ILE A 1 41  ? 0.909   6.182   -3.835  1.00 30.38  ? 38  ILE A CG1 1 
ATOM   140  C  CG2 . ILE A 1 41  ? 2.443   7.043   -5.657  1.00 29.90  ? 38  ILE A CG2 1 
ATOM   141  C  CD1 . ILE A 1 41  ? 1.188   4.696   -3.922  1.00 32.14  ? 38  ILE A CD1 1 
ATOM   142  N  N   . CYS A 1 42  ? 5.702   7.264   -3.442  1.00 29.93  ? 39  CYS A N   1 
ATOM   143  C  CA  . CYS A 1 42  ? 6.924   8.104   -3.641  1.00 30.94  ? 39  CYS A CA  1 
ATOM   144  C  C   . CYS A 1 42  ? 7.234   8.274   -5.128  1.00 31.80  ? 39  CYS A C   1 
ATOM   145  O  O   . CYS A 1 42  ? 7.629   7.284   -5.761  1.00 34.81  ? 39  CYS A O   1 
ATOM   146  C  CB  . CYS A 1 42  ? 8.122   7.512   -2.903  1.00 30.49  ? 39  CYS A CB  1 
ATOM   147  S  SG  . CYS A 1 42  ? 7.711   6.829   -1.282  1.00 32.04  ? 39  CYS A SG  1 
ATOM   148  N  N   . LEU A 1 43  ? 7.132   9.504   -5.641  1.00 30.91  ? 40  LEU A N   1 
ATOM   149  C  CA  . LEU A 1 43  ? 7.431   9.862   -7.047  1.00 35.30  ? 40  LEU A CA  1 
ATOM   150  C  C   . LEU A 1 43  ? 8.736   10.653  -7.143  1.00 35.33  ? 40  LEU A C   1 
ATOM   151  O  O   . LEU A 1 43  ? 9.121   11.375  -6.177  1.00 34.52  ? 40  LEU A O   1 
ATOM   152  C  CB  . LEU A 1 43  ? 6.281   10.684  -7.634  1.00 35.18  ? 40  LEU A CB  1 
ATOM   153  C  CG  . LEU A 1 43  ? 4.900   10.038  -7.539  1.00 35.36  ? 40  LEU A CG  1 
ATOM   154  C  CD1 . LEU A 1 43  ? 3.860   10.917  -8.223  1.00 35.75  ? 40  LEU A CD1 1 
ATOM   155  C  CD2 . LEU A 1 43  ? 4.907   8.643   -8.141  1.00 35.14  ? 40  LEU A CD2 1 
ATOM   156  N  N   . THR A 1 44  ? 9.376   10.519  -8.299  1.00 36.91  ? 41  THR A N   1 
ATOM   157  C  CA  . THR A 1 44  ? 10.517  11.351  -8.733  1.00 36.43  ? 41  THR A CA  1 
ATOM   158  C  C   . THR A 1 44  ? 10.000  12.764  -8.933  1.00 38.47  ? 41  THR A C   1 
ATOM   159  O  O   . THR A 1 44  ? 8.810   12.959  -9.203  1.00 32.61  ? 41  THR A O   1 
ATOM   160  C  CB  . THR A 1 44  ? 11.189  10.719  -9.956  1.00 39.06  ? 41  THR A CB  1 
ATOM   161  O  OG1 . THR A 1 44  ? 10.224  10.588  -11.007 1.00 41.26  ? 41  THR A OG1 1 
ATOM   162  C  CG2 . THR A 1 44  ? 11.794  9.373   -9.624  1.00 40.29  ? 41  THR A CG2 1 
ATOM   163  N  N   . PRO A 1 45  ? 10.851  13.797  -8.725  1.00 38.93  ? 42  PRO A N   1 
ATOM   164  C  CA  . PRO A 1 45  ? 10.462  15.183  -8.978  1.00 41.87  ? 42  PRO A CA  1 
ATOM   165  C  C   . PRO A 1 45  ? 9.743   15.408  -10.316 1.00 43.95  ? 42  PRO A C   1 
ATOM   166  O  O   . PRO A 1 45  ? 8.809   16.198  -10.344 1.00 41.57  ? 42  PRO A O   1 
ATOM   167  C  CB  . PRO A 1 45  ? 11.812  15.914  -8.962  1.00 41.96  ? 42  PRO A CB  1 
ATOM   168  C  CG  . PRO A 1 45  ? 12.634  15.124  -7.961  1.00 42.56  ? 42  PRO A CG  1 
ATOM   169  C  CD  . PRO A 1 45  ? 12.214  13.685  -8.171  1.00 42.79  ? 42  PRO A CD  1 
ATOM   170  N  N   . ASP A 1 46  ? 10.193  14.719  -11.372 1.00 45.40  ? 43  ASP A N   1 
ATOM   171  C  CA  . ASP A 1 46  ? 9.648   14.844  -12.751 1.00 46.34  ? 43  ASP A CA  1 
ATOM   172  C  C   . ASP A 1 46  ? 8.354   14.029  -12.871 1.00 43.70  ? 43  ASP A C   1 
ATOM   173  O  O   . ASP A 1 46  ? 7.672   14.198  -13.886 1.00 44.93  ? 43  ASP A O   1 
ATOM   174  C  CB  . ASP A 1 46  ? 10.687  14.442  -13.806 1.00 46.68  ? 43  ASP A CB  1 
ATOM   175  C  CG  . ASP A 1 46  ? 11.042  12.966  -13.835 1.00 48.52  ? 43  ASP A CG  1 
ATOM   176  O  OD1 . ASP A 1 46  ? 10.415  12.194  -13.090 1.00 50.19  ? 43  ASP A OD1 1 
ATOM   177  O  OD2 . ASP A 1 46  ? 11.955  12.604  -14.600 1.00 50.99  ? 43  ASP A OD2 1 
ATOM   178  N  N   . LYS A 1 47  ? 8.066   13.160  -11.891 1.00 44.06  ? 44  LYS A N   1 
ATOM   179  C  CA  . LYS A 1 47  ? 6.781   12.427  -11.705 1.00 43.71  ? 44  LYS A CA  1 
ATOM   180  C  C   . LYS A 1 47  ? 6.604   11.337  -12.777 1.00 46.90  ? 44  LYS A C   1 
ATOM   181  O  O   . LYS A 1 47  ? 5.445   10.947  -13.040 1.00 45.12  ? 44  LYS A O   1 
ATOM   182  C  CB  . LYS A 1 47  ? 5.607   13.413  -11.687 1.00 47.95  ? 44  LYS A CB  1 
ATOM   183  C  CG  . LYS A 1 47  ? 5.551   14.296  -10.448 1.00 46.83  ? 44  LYS A CG  1 
ATOM   184  C  CD  . LYS A 1 47  ? 4.556   15.421  -10.544 1.00 49.52  ? 44  LYS A CD  1 
ATOM   185  C  CE  . LYS A 1 47  ? 4.486   16.251  -9.278  1.00 51.47  ? 44  LYS A CE  1 
ATOM   186  N  NZ  . LYS A 1 47  ? 5.796   16.846  -8.921  1.00 52.92  ? 44  LYS A NZ  1 
ATOM   187  N  N   . LYS A 1 48  ? 7.703   10.801  -13.321 1.00 46.04  ? 45  LYS A N   1 
ATOM   188  C  CA  . LYS A 1 48  ? 7.654   9.751   -14.377 1.00 46.80  ? 45  LYS A CA  1 
ATOM   189  C  C   . LYS A 1 48  ? 7.776   8.362   -13.741 1.00 43.72  ? 45  LYS A C   1 
ATOM   190  O  O   . LYS A 1 48  ? 7.399   7.377   -14.406 1.00 44.52  ? 45  LYS A O   1 
ATOM   191  C  CB  . LYS A 1 48  ? 8.742   9.987   -15.430 1.00 47.76  ? 45  LYS A CB  1 
ATOM   192  C  CG  . LYS A 1 48  ? 8.491   11.183  -16.340 1.00 52.11  ? 45  LYS A CG  1 
ATOM   193  C  CD  . LYS A 1 48  ? 9.588   11.421  -17.355 1.00 54.52  ? 45  LYS A CD  1 
ATOM   194  C  CE  . LYS A 1 48  ? 9.260   12.544  -18.317 1.00 55.49  ? 45  LYS A CE  1 
ATOM   195  N  NZ  . LYS A 1 48  ? 10.327  12.720  -19.330 1.00 58.60  ? 45  LYS A NZ  1 
ATOM   196  N  N   . GLN A 1 49  ? 8.278   8.266   -12.509 1.00 41.40  ? 46  GLN A N   1 
ATOM   197  C  CA  . GLN A 1 49  ? 8.521   6.959   -11.854 1.00 39.31  ? 46  GLN A CA  1 
ATOM   198  C  C   . GLN A 1 49  ? 8.014   6.965   -10.405 1.00 36.60  ? 46  GLN A C   1 
ATOM   199  O  O   . GLN A 1 49  ? 8.027   8.036   -9.773  1.00 37.40  ? 46  GLN A O   1 
ATOM   200  C  CB  . GLN A 1 49  ? 10.011  6.625   -11.943 1.00 45.24  ? 46  GLN A CB  1 
ATOM   201  C  CG  . GLN A 1 49  ? 10.575  6.745   -13.352 1.00 47.30  ? 46  GLN A CG  1 
ATOM   202  C  CD  . GLN A 1 49  ? 12.047  6.420   -13.373 1.00 51.71  ? 46  GLN A CD  1 
ATOM   203  O  OE1 . GLN A 1 49  ? 12.452  5.299   -13.089 1.00 50.80  ? 46  GLN A OE1 1 
ATOM   204  N  NE2 . GLN A 1 49  ? 12.861  7.414   -13.690 1.00 55.60  ? 46  GLN A NE2 1 
ATOM   205  N  N   . VAL A 1 50  ? 7.591   5.796   -9.922  1.00 36.17  ? 47  VAL A N   1 
ATOM   206  C  CA  . VAL A 1 50  ? 7.229   5.525   -8.498  1.00 34.14  ? 47  VAL A CA  1 
ATOM   207  C  C   . VAL A 1 50  ? 8.241   4.525   -7.944  1.00 37.66  ? 47  VAL A C   1 
ATOM   208  O  O   . VAL A 1 50  ? 8.709   3.658   -8.715  1.00 32.65  ? 47  VAL A O   1 
ATOM   209  C  CB  . VAL A 1 50  ? 5.783   5.011   -8.318  1.00 34.17  ? 47  VAL A CB  1 
ATOM   210  C  CG1 . VAL A 1 50  ? 5.453   3.798   -9.199  1.00 33.19  ? 47  VAL A CG1 1 
ATOM   211  C  CG2 . VAL A 1 50  ? 5.470   4.683   -6.872  1.00 32.23  ? 47  VAL A CG2 1 
ATOM   212  N  N   . LEU A 1 51  ? 8.554   4.654   -6.649  1.00 31.96  ? 48  LEU A N   1 
ATOM   213  C  CA  . LEU A 1 51  ? 9.471   3.760   -5.907  1.00 34.19  ? 48  LEU A CA  1 
ATOM   214  C  C   . LEU A 1 51  ? 8.684   2.577   -5.355  1.00 34.67  ? 48  LEU A C   1 
ATOM   215  O  O   . LEU A 1 51  ? 7.708   2.792   -4.596  1.00 34.42  ? 48  LEU A O   1 
ATOM   216  C  CB  . LEU A 1 51  ? 10.131  4.539   -4.763  1.00 31.34  ? 48  LEU A CB  1 
ATOM   217  C  CG  . LEU A 1 51  ? 11.254  3.789   -4.057  1.00 33.67  ? 48  LEU A CG  1 
ATOM   218  C  CD1 . LEU A 1 51  ? 12.461  3.676   -4.970  1.00 34.42  ? 48  LEU A CD1 1 
ATOM   219  C  CD2 . LEU A 1 51  ? 11.628  4.473   -2.745  1.00 32.57  ? 48  LEU A CD2 1 
ATOM   220  N  N   . MET A 1 52  ? 9.122   1.366   -5.683  1.00 33.47  ? 49  MET A N   1 
ATOM   221  C  CA  . MET A 1 52  ? 8.477   0.127   -5.200  1.00 31.71  ? 49  MET A CA  1 
ATOM   222  C  C   . MET A 1 52  ? 9.477   -0.710  -4.408  1.00 31.30  ? 49  MET A C   1 
ATOM   223  O  O   . MET A 1 52  ? 10.693  -0.547  -4.626  1.00 35.61  ? 49  MET A O   1 
ATOM   224  C  CB  . MET A 1 52  ? 7.931   -0.666  -6.392  1.00 33.10  ? 49  MET A CB  1 
ATOM   225  C  CG  . MET A 1 52  ? 7.071   0.176   -7.302  1.00 33.87  ? 49  MET A CG  1 
ATOM   226  S  SD  . MET A 1 52  ? 6.062   -0.837  -8.441  1.00 35.12  ? 49  MET A SD  1 
ATOM   227  C  CE  . MET A 1 52  ? 4.935   -1.572  -7.266  1.00 32.72  ? 49  MET A CE  1 
ATOM   228  N  N   . ILE A 1 53  ? 8.972   -1.517  -3.483  1.00 31.97  ? 50  ILE A N   1 
ATOM   229  C  CA  . ILE A 1 53  ? 9.767   -2.444  -2.625  1.00 35.08  ? 50  ILE A CA  1 
ATOM   230  C  C   . ILE A 1 53  ? 9.260   -3.862  -2.876  1.00 37.79  ? 50  ILE A C   1 
ATOM   231  O  O   . ILE A 1 53  ? 8.048   -4.031  -3.127  1.00 34.64  ? 50  ILE A O   1 
ATOM   232  C  CB  . ILE A 1 53  ? 9.661   -2.078  -1.127  1.00 35.13  ? 50  ILE A CB  1 
ATOM   233  C  CG1 . ILE A 1 53  ? 8.206   -1.962  -0.664  1.00 36.28  ? 50  ILE A CG1 1 
ATOM   234  C  CG2 . ILE A 1 53  ? 10.448  -0.812  -0.814  1.00 36.64  ? 50  ILE A CG2 1 
ATOM   235  C  CD1 . ILE A 1 53  ? 8.023   -2.055  0.839   1.00 34.35  ? 50  ILE A CD1 1 
ATOM   236  N  N   . THR A 1 54  ? 10.146  -4.851  -2.771  1.00 39.08  ? 51  THR A N   1 
ATOM   237  C  CA  . THR A 1 54  ? 9.778   -6.287  -2.752  1.00 41.89  ? 51  THR A CA  1 
ATOM   238  C  C   . THR A 1 54  ? 9.093   -6.578  -1.413  1.00 40.55  ? 51  THR A C   1 
ATOM   239  O  O   . THR A 1 54  ? 9.489   -5.963  -0.410  1.00 42.59  ? 51  THR A O   1 
ATOM   240  C  CB  . THR A 1 54  ? 11.003  -7.165  -3.034  1.00 42.08  ? 51  THR A CB  1 
ATOM   241  O  OG1 . THR A 1 54  ? 11.978  -6.910  -2.015  1.00 40.89  ? 51  THR A OG1 1 
ATOM   242  C  CG2 . THR A 1 54  ? 11.589  -6.889  -4.402  1.00 45.14  ? 51  THR A CG2 1 
ATOM   243  N  N   . SER A 1 55  ? 8.072   -7.434  -1.417  1.00 44.02  ? 52  SER A N   1 
ATOM   244  C  CA  . SER A 1 55  ? 7.378   -7.946  -0.205  1.00 47.93  ? 52  SER A CA  1 
ATOM   245  C  C   . SER A 1 55  ? 8.363   -8.792  0.605   1.00 54.61  ? 52  SER A C   1 
ATOM   246  O  O   . SER A 1 55  ? 9.279   -9.389  -0.012  1.00 54.87  ? 52  SER A O   1 
ATOM   247  C  CB  . SER A 1 55  ? 6.140   -8.738  -0.557  1.00 51.87  ? 52  SER A CB  1 
ATOM   248  O  OG  . SER A 1 55  ? 5.667   -9.472  0.570   1.00 53.18  ? 52  SER A OG  1 
ATOM   249  N  N   . SER A 1 56  ? 8.197   -8.815  1.929   1.00 58.86  ? 53  SER A N   1 
ATOM   250  C  CA  . SER A 1 56  ? 9.064   -9.574  2.865   1.00 66.31  ? 53  SER A CA  1 
ATOM   251  C  C   . SER A 1 56  ? 8.801   -11.076 2.692   1.00 68.22  ? 53  SER A C   1 
ATOM   252  O  O   . SER A 1 56  ? 9.771   -11.825 2.469   1.00 62.17  ? 53  SER A O   1 
ATOM   253  C  CB  . SER A 1 56  ? 8.855   -9.121  4.288   1.00 66.82  ? 53  SER A CB  1 
ATOM   254  O  OG  . SER A 1 56  ? 7.522   -9.366  4.705   1.00 70.18  ? 53  SER A OG  1 
ATOM   255  N  N   . ALA A 1 57  ? 7.530   -11.492 2.762   1.00 76.11  ? 54  ALA A N   1 
ATOM   256  C  CA  . ALA A 1 57  ? 7.094   -12.910 2.714   1.00 75.91  ? 54  ALA A CA  1 
ATOM   257  C  C   . ALA A 1 57  ? 7.395   -13.516 1.337   1.00 78.36  ? 54  ALA A C   1 
ATOM   258  O  O   . ALA A 1 57  ? 7.860   -14.673 1.293   1.00 81.01  ? 54  ALA A O   1 
ATOM   259  C  CB  . ALA A 1 57  ? 5.627   -13.020 3.044   1.00 76.63  ? 54  ALA A CB  1 
ATOM   260  N  N   . HIS A 1 58  ? 7.126   -12.771 0.260   1.00 80.67  ? 55  HIS A N   1 
ATOM   261  C  CA  . HIS A 1 58  ? 7.238   -13.245 -1.148  1.00 82.34  ? 55  HIS A CA  1 
ATOM   262  C  C   . HIS A 1 58  ? 8.132   -12.293 -1.954  1.00 78.14  ? 55  HIS A C   1 
ATOM   263  O  O   . HIS A 1 58  ? 7.671   -11.193 -2.308  1.00 79.61  ? 55  HIS A O   1 
ATOM   264  C  CB  . HIS A 1 58  ? 5.837   -13.450 -1.736  1.00 86.48  ? 55  HIS A CB  1 
ATOM   265  C  CG  . HIS A 1 58  ? 5.100   -14.572 -1.085  1.00 93.32  ? 55  HIS A CG  1 
ATOM   266  N  ND1 . HIS A 1 58  ? 5.323   -15.896 -1.421  1.00 95.06  ? 55  HIS A ND1 1 
ATOM   267  C  CD2 . HIS A 1 58  ? 4.171   -14.582 -0.103  1.00 98.25  ? 55  HIS A CD2 1 
ATOM   268  C  CE1 . HIS A 1 58  ? 4.550   -16.671 -0.685  1.00 99.10  ? 55  HIS A CE1 1 
ATOM   269  N  NE2 . HIS A 1 58  ? 3.831   -15.890 0.132   1.00 99.63  ? 55  HIS A NE2 1 
ATOM   270  N  N   . LYS A 1 59  ? 9.343   -12.758 -2.275  1.00 74.81  ? 56  LYS A N   1 
ATOM   271  C  CA  . LYS A 1 59  ? 10.530  -11.946 -2.665  1.00 70.61  ? 56  LYS A CA  1 
ATOM   272  C  C   . LYS A 1 59  ? 10.379  -11.337 -4.067  1.00 64.95  ? 56  LYS A C   1 
ATOM   273  O  O   . LYS A 1 59  ? 11.108  -10.372 -4.356  1.00 61.21  ? 56  LYS A O   1 
ATOM   274  C  CB  . LYS A 1 59  ? 11.785  -12.824 -2.603  1.00 76.90  ? 56  LYS A CB  1 
ATOM   275  C  CG  . LYS A 1 59  ? 12.112  -13.390 -1.226  1.00 80.16  ? 56  LYS A CG  1 
ATOM   276  C  CD  . LYS A 1 59  ? 13.238  -14.402 -1.234  1.00 84.90  ? 56  LYS A CD  1 
ATOM   277  C  CE  . LYS A 1 59  ? 13.684  -14.797 0.159   1.00 88.75  ? 56  LYS A CE  1 
ATOM   278  N  NZ  . LYS A 1 59  ? 14.807  -15.767 0.120   1.00 91.32  ? 56  LYS A NZ  1 
ATOM   279  N  N   . LYS A 1 60  ? 9.501   -11.886 -4.915  1.00 63.33  ? 57  LYS A N   1 
ATOM   280  C  CA  . LYS A 1 60  ? 9.347   -11.462 -6.337  1.00 61.90  ? 57  LYS A CA  1 
ATOM   281  C  C   . LYS A 1 60  ? 8.121   -10.544 -6.497  1.00 60.01  ? 57  LYS A C   1 
ATOM   282  O  O   . LYS A 1 60  ? 7.904   -10.055 -7.631  1.00 55.50  ? 57  LYS A O   1 
ATOM   283  C  CB  . LYS A 1 60  ? 9.274   -12.701 -7.236  1.00 62.90  ? 57  LYS A CB  1 
ATOM   284  C  CG  . LYS A 1 60  ? 10.625  -13.327 -7.574  1.00 65.59  ? 57  LYS A CG  1 
ATOM   285  C  CD  . LYS A 1 60  ? 11.105  -13.057 -8.994  1.00 67.12  ? 57  LYS A CD  1 
ATOM   286  C  CE  . LYS A 1 60  ? 12.547  -12.595 -9.084  1.00 66.81  ? 57  LYS A CE  1 
ATOM   287  N  NZ  . LYS A 1 60  ? 13.510  -13.663 -8.724  1.00 67.25  ? 57  LYS A NZ  1 
ATOM   288  N  N   . ARG A 1 61  ? 7.369   -10.297 -5.416  1.00 57.33  ? 58  ARG A N   1 
ATOM   289  C  CA  . ARG A 1 61  ? 6.187   -9.386  -5.397  1.00 55.30  ? 58  ARG A CA  1 
ATOM   290  C  C   . ARG A 1 61  ? 6.644   -7.956  -5.072  1.00 50.71  ? 58  ARG A C   1 
ATOM   291  O  O   . ARG A 1 61  ? 7.175   -7.759  -3.961  1.00 47.43  ? 58  ARG A O   1 
ATOM   292  C  CB  . ARG A 1 61  ? 5.154   -9.821  -4.353  1.00 57.12  ? 58  ARG A CB  1 
ATOM   293  C  CG  . ARG A 1 61  ? 4.748   -11.286 -4.410  1.00 63.77  ? 58  ARG A CG  1 
ATOM   294  C  CD  . ARG A 1 61  ? 4.205   -11.721 -5.760  1.00 65.54  ? 58  ARG A CD  1 
ATOM   295  N  NE  . ARG A 1 61  ? 3.170   -12.744 -5.632  1.00 64.41  ? 58  ARG A NE  1 
ATOM   296  C  CZ  . ARG A 1 61  ? 2.802   -13.592 -6.591  1.00 67.02  ? 58  ARG A CZ  1 
ATOM   297  N  NH1 . ARG A 1 61  ? 3.389   -13.568 -7.778  1.00 67.14  ? 58  ARG A NH1 1 
ATOM   298  N  NH2 . ARG A 1 61  ? 1.844   -14.473 -6.353  1.00 65.71  ? 58  ARG A NH2 1 
ATOM   299  N  N   . TRP A 1 62  ? 6.419   -7.011  -5.996  1.00 44.97  ? 59  TRP A N   1 
ATOM   300  C  CA  . TRP A 1 62  ? 6.701   -5.557  -5.860  1.00 41.21  ? 59  TRP A CA  1 
ATOM   301  C  C   . TRP A 1 62  ? 5.456   -4.810  -5.345  1.00 40.20  ? 59  TRP A C   1 
ATOM   302  O  O   . TRP A 1 62  ? 4.405   -4.881  -5.998  1.00 35.00  ? 59  TRP A O   1 
ATOM   303  C  CB  . TRP A 1 62  ? 7.168   -4.978  -7.198  1.00 42.24  ? 59  TRP A CB  1 
ATOM   304  C  CG  . TRP A 1 62  ? 8.519   -5.450  -7.645  1.00 46.33  ? 59  TRP A CG  1 
ATOM   305  C  CD1 . TRP A 1 62  ? 8.791   -6.464  -8.521  1.00 45.95  ? 59  TRP A CD1 1 
ATOM   306  C  CD2 . TRP A 1 62  ? 9.795   -4.911  -7.250  1.00 45.78  ? 59  TRP A CD2 1 
ATOM   307  N  NE1 . TRP A 1 62  ? 10.145  -6.600  -8.691  1.00 47.08  ? 59  TRP A NE1 1 
ATOM   308  C  CE2 . TRP A 1 62  ? 10.787  -5.655  -7.930  1.00 46.09  ? 59  TRP A CE2 1 
ATOM   309  C  CE3 . TRP A 1 62  ? 10.195  -3.871  -6.401  1.00 47.46  ? 59  TRP A CE3 1 
ATOM   310  C  CZ2 . TRP A 1 62  ? 12.148  -5.390  -7.776  1.00 46.32  ? 59  TRP A CZ2 1 
ATOM   311  C  CZ3 . TRP A 1 62  ? 11.541  -3.612  -6.249  1.00 46.31  ? 59  TRP A CZ3 1 
ATOM   312  C  CH2 . TRP A 1 62  ? 12.503  -4.363  -6.928  1.00 45.56  ? 59  TRP A CH2 1 
ATOM   313  N  N   . ILE A 1 63  ? 5.576   -4.097  -4.223  1.00 35.25  ? 60  ILE A N   1 
ATOM   314  C  CA  . ILE A 1 63  ? 4.485   -3.287  -3.590  1.00 33.35  ? 60  ILE A CA  1 
ATOM   315  C  C   . ILE A 1 63  ? 5.042   -1.881  -3.292  1.00 33.95  ? 60  ILE A C   1 
ATOM   316  O  O   . ILE A 1 63  ? 6.082   -1.523  -3.849  1.00 29.08  ? 60  ILE A O   1 
ATOM   317  C  CB  . ILE A 1 63  ? 3.933   -3.970  -2.318  1.00 35.80  ? 60  ILE A CB  1 
ATOM   318  C  CG1 . ILE A 1 63  ? 5.055   -4.296  -1.325  1.00 35.99  ? 60  ILE A CG1 1 
ATOM   319  C  CG2 . ILE A 1 63  ? 3.089   -5.192  -2.656  1.00 36.64  ? 60  ILE A CG2 1 
ATOM   320  C  CD1 . ILE A 1 63  ? 4.581   -4.917  -0.046  1.00 34.73  ? 60  ILE A CD1 1 
ATOM   321  N  N   . VAL A 1 64  ? 4.337   -1.091  -2.482  1.00 32.67  ? 61  VAL A N   1 
ATOM   322  C  CA  . VAL A 1 64  ? 4.772   0.283   -2.082  1.00 31.54  ? 61  VAL A CA  1 
ATOM   323  C  C   . VAL A 1 64  ? 4.965   0.289   -0.572  1.00 29.55  ? 61  VAL A C   1 
ATOM   324  O  O   . VAL A 1 64  ? 4.398   -0.554  0.118   1.00 29.43  ? 61  VAL A O   1 
ATOM   325  C  CB  . VAL A 1 64  ? 3.765   1.351   -2.544  1.00 31.16  ? 61  VAL A CB  1 
ATOM   326  C  CG1 . VAL A 1 64  ? 3.783   1.525   -4.052  1.00 32.35  ? 61  VAL A CG1 1 
ATOM   327  C  CG2 . VAL A 1 64  ? 2.364   1.062   -2.042  1.00 30.67  ? 61  VAL A CG2 1 
ATOM   328  N  N   . PRO A 1 65  ? 5.786   1.222   -0.020  1.00 30.51  ? 62  PRO A N   1 
ATOM   329  C  CA  . PRO A 1 65  ? 6.009   1.289   1.419   1.00 32.59  ? 62  PRO A CA  1 
ATOM   330  C  C   . PRO A 1 65  ? 4.737   1.641   2.201   1.00 30.75  ? 62  PRO A C   1 
ATOM   331  O  O   . PRO A 1 65  ? 4.023   2.567   1.789   1.00 27.72  ? 62  PRO A O   1 
ATOM   332  C  CB  . PRO A 1 65  ? 7.089   2.365   1.630   1.00 32.43  ? 62  PRO A CB  1 
ATOM   333  C  CG  . PRO A 1 65  ? 7.520   2.818   0.238   1.00 33.42  ? 62  PRO A CG  1 
ATOM   334  C  CD  . PRO A 1 65  ? 6.510   2.267   -0.752  1.00 31.18  ? 62  PRO A CD  1 
ATOM   335  N  N   . LYS A 1 66  ? 4.489   0.893   3.282   1.00 30.78  ? 63  LYS A N   1 
ATOM   336  C  CA  . LYS A 1 66  ? 3.290   1.030   4.148   1.00 32.39  ? 63  LYS A CA  1 
ATOM   337  C  C   . LYS A 1 66  ? 3.465   0.195   5.414   1.00 32.83  ? 63  LYS A C   1 
ATOM   338  O  O   . LYS A 1 66  ? 4.264   -0.749  5.392   1.00 38.72  ? 63  LYS A O   1 
ATOM   339  C  CB  . LYS A 1 66  ? 2.063   0.498   3.404   1.00 36.13  ? 63  LYS A CB  1 
ATOM   340  C  CG  . LYS A 1 66  ? 2.139   -0.994  3.145   1.00 35.75  ? 63  LYS A CG  1 
ATOM   341  C  CD  . LYS A 1 66  ? 1.294   -1.512  2.023   1.00 33.65  ? 63  LYS A CD  1 
ATOM   342  C  CE  . LYS A 1 66  ? 1.800   -2.853  1.546   1.00 34.26  ? 63  LYS A CE  1 
ATOM   343  N  NZ  . LYS A 1 66  ? 2.018   -3.790  2.675   1.00 35.31  ? 63  LYS A NZ  1 
ATOM   344  N  N   . GLY A 1 67  ? 2.682   0.468   6.450   1.00 31.15  ? 64  GLY A N   1 
ATOM   345  C  CA  . GLY A 1 67  ? 2.694   -0.329  7.685   1.00 32.22  ? 64  GLY A CA  1 
ATOM   346  C  C   . GLY A 1 67  ? 1.661   0.145   8.672   1.00 32.10  ? 64  GLY A C   1 
ATOM   347  O  O   . GLY A 1 67  ? 1.081   1.218   8.451   1.00 34.35  ? 64  GLY A O   1 
ATOM   348  N  N   . GLY A 1 68  ? 1.412   -0.671  9.694   1.00 32.92  ? 65  GLY A N   1 
ATOM   349  C  CA  . GLY A 1 68  ? 0.436   -0.412  10.763  1.00 34.05  ? 65  GLY A CA  1 
ATOM   350  C  C   . GLY A 1 68  ? 0.781   0.871   11.488  1.00 36.80  ? 65  GLY A C   1 
ATOM   351  O  O   . GLY A 1 68  ? 1.977   1.047   11.837  1.00 33.68  ? 65  GLY A O   1 
ATOM   352  N  N   . VAL A 1 69  ? -0.204  1.756   11.631  1.00 33.32  ? 66  VAL A N   1 
ATOM   353  C  CA  . VAL A 1 69  ? -0.164  2.910   12.564  1.00 34.79  ? 66  VAL A CA  1 
ATOM   354  C  C   . VAL A 1 69  ? 0.019   2.331   13.972  1.00 35.47  ? 66  VAL A C   1 
ATOM   355  O  O   . VAL A 1 69  ? -0.617  1.297   14.274  1.00 33.53  ? 66  VAL A O   1 
ATOM   356  C  CB  . VAL A 1 69  ? -1.427  3.782   12.447  1.00 34.12  ? 66  VAL A CB  1 
ATOM   357  C  CG1 . VAL A 1 69  ? -1.447  4.904   13.474  1.00 34.62  ? 66  VAL A CG1 1 
ATOM   358  C  CG2 . VAL A 1 69  ? -1.615  4.352   11.046  1.00 34.09  ? 66  VAL A CG2 1 
ATOM   359  N  N   . GLU A 1 70  ? 0.877   2.956   14.786  1.00 37.15  ? 67  GLU A N   1 
ATOM   360  C  CA  . GLU A 1 70  ? 1.128   2.552   16.193  1.00 40.88  ? 67  GLU A CA  1 
ATOM   361  C  C   . GLU A 1 70  ? 0.454   3.543   17.146  1.00 40.76  ? 67  GLU A C   1 
ATOM   362  O  O   . GLU A 1 70  ? 0.238   4.704   16.742  1.00 37.94  ? 67  GLU A O   1 
ATOM   363  C  CB  . GLU A 1 70  ? 2.630   2.397   16.402  1.00 44.17  ? 67  GLU A CB  1 
ATOM   364  C  CG  . GLU A 1 70  ? 3.179   1.225   15.612  1.00 47.32  ? 67  GLU A CG  1 
ATOM   365  C  CD  . GLU A 1 70  ? 4.672   1.007   15.738  1.00 50.36  ? 67  GLU A CD  1 
ATOM   366  O  OE1 . GLU A 1 70  ? 5.369   1.941   16.198  1.00 50.04  ? 67  GLU A OE1 1 
ATOM   367  O  OE2 . GLU A 1 70  ? 5.128   -0.098  15.381  1.00 48.15  ? 67  GLU A OE2 1 
ATOM   368  N  N   . LYS A 1 71  ? 0.140   3.077   18.363  1.00 43.52  ? 68  LYS A N   1 
ATOM   369  C  CA  . LYS A 1 71  ? -0.762  3.732   19.356  1.00 50.01  ? 68  LYS A CA  1 
ATOM   370  C  C   . LYS A 1 71  ? -0.279  5.144   19.704  1.00 50.37  ? 68  LYS A C   1 
ATOM   371  O  O   . LYS A 1 71  ? -1.126  5.963   20.121  1.00 51.62  ? 68  LYS A O   1 
ATOM   372  C  CB  . LYS A 1 71  ? -0.843  2.905   20.645  1.00 54.49  ? 68  LYS A CB  1 
ATOM   373  C  CG  . LYS A 1 71  ? -1.625  1.602   20.547  1.00 60.54  ? 68  LYS A CG  1 
ATOM   374  C  CD  . LYS A 1 71  ? -1.526  0.729   21.786  1.00 66.30  ? 68  LYS A CD  1 
ATOM   375  C  CE  . LYS A 1 71  ? -2.175  1.353   23.005  1.00 73.09  ? 68  LYS A CE  1 
ATOM   376  N  NZ  . LYS A 1 71  ? -2.213  0.415   24.152  1.00 75.63  ? 68  LYS A NZ  1 
ATOM   377  N  N   . ASP A 1 72  ? 1.025   5.400   19.577  1.00 50.47  ? 69  ASP A N   1 
ATOM   378  C  CA  . ASP A 1 72  ? 1.690   6.662   20.008  1.00 56.86  ? 69  ASP A CA  1 
ATOM   379  C  C   . ASP A 1 72  ? 1.587   7.723   18.903  1.00 54.29  ? 69  ASP A C   1 
ATOM   380  O  O   . ASP A 1 72  ? 1.589   8.928   19.236  1.00 56.51  ? 69  ASP A O   1 
ATOM   381  C  CB  . ASP A 1 72  ? 3.158   6.417   20.384  1.00 61.69  ? 69  ASP A CB  1 
ATOM   382  C  CG  . ASP A 1 72  ? 3.990   5.734   19.306  1.00 65.98  ? 69  ASP A CG  1 
ATOM   383  O  OD1 . ASP A 1 72  ? 3.406   4.998   18.489  1.00 67.62  ? 69  ASP A OD1 1 
ATOM   384  O  OD2 . ASP A 1 72  ? 5.226   5.931   19.299  1.00 74.08  ? 69  ASP A OD2 1 
ATOM   385  N  N   . GLU A 1 73  ? 1.493   7.296   17.641  1.00 45.40  ? 70  GLU A N   1 
ATOM   386  C  CA  . GLU A 1 73  ? 1.678   8.171   16.454  1.00 44.23  ? 70  GLU A CA  1 
ATOM   387  C  C   . GLU A 1 73  ? 0.508   9.144   16.347  1.00 40.78  ? 70  GLU A C   1 
ATOM   388  O  O   . GLU A 1 73  ? -0.649  8.745   16.404  1.00 43.00  ? 70  GLU A O   1 
ATOM   389  C  CB  . GLU A 1 73  ? 1.845   7.314   15.204  1.00 41.05  ? 70  GLU A CB  1 
ATOM   390  C  CG  . GLU A 1 73  ? 3.044   6.397   15.298  1.00 40.08  ? 70  GLU A CG  1 
ATOM   391  C  CD  . GLU A 1 73  ? 3.422   5.758   13.979  1.00 40.52  ? 70  GLU A CD  1 
ATOM   392  O  OE1 . GLU A 1 73  ? 2.609   4.954   13.482  1.00 34.19  ? 70  GLU A OE1 1 
ATOM   393  O  OE2 . GLU A 1 73  ? 4.511   6.074   13.464  1.00 38.29  ? 70  GLU A OE2 1 
ATOM   394  N  N   . PRO A 1 74  ? 0.779   10.460  16.210  1.00 44.43  ? 71  PRO A N   1 
ATOM   395  C  CA  . PRO A 1 74  ? -0.275  11.474  16.267  1.00 43.38  ? 71  PRO A CA  1 
ATOM   396  C  C   . PRO A 1 74  ? -1.096  11.629  14.977  1.00 40.06  ? 71  PRO A C   1 
ATOM   397  O  O   . PRO A 1 74  ? -2.164  12.193  15.041  1.00 42.61  ? 71  PRO A O   1 
ATOM   398  C  CB  . PRO A 1 74  ? 0.523   12.764  16.522  1.00 42.43  ? 71  PRO A CB  1 
ATOM   399  C  CG  . PRO A 1 74  ? 1.839   12.523  15.812  1.00 42.42  ? 71  PRO A CG  1 
ATOM   400  C  CD  . PRO A 1 74  ? 2.114   11.044  16.006  1.00 42.29  ? 71  PRO A CD  1 
ATOM   401  N  N   . ASN A 1 75  ? -0.570  11.174  13.834  1.00 38.21  ? 72  ASN A N   1 
ATOM   402  C  CA  . ASN A 1 75  ? -1.233  11.350  12.516  1.00 34.44  ? 72  ASN A CA  1 
ATOM   403  C  C   . ASN A 1 75  ? -0.743  10.278  11.537  1.00 31.39  ? 72  ASN A C   1 
ATOM   404  O  O   . ASN A 1 75  ? 0.279   9.596   11.812  1.00 30.83  ? 72  ASN A O   1 
ATOM   405  C  CB  . ASN A 1 75  ? -1.034  12.756  11.943  1.00 36.81  ? 72  ASN A CB  1 
ATOM   406  C  CG  . ASN A 1 75  ? 0.413   13.206  11.917  1.00 36.52  ? 72  ASN A CG  1 
ATOM   407  O  OD1 . ASN A 1 75  ? 1.285   12.508  11.412  1.00 35.29  ? 72  ASN A OD1 1 
ATOM   408  N  ND2 . ASN A 1 75  ? 0.683   14.387  12.443  1.00 38.30  ? 72  ASN A ND2 1 
ATOM   409  N  N   . TYR A 1 76  ? -1.463  10.117  10.431  1.00 32.45  ? 73  TYR A N   1 
ATOM   410  C  CA  . TYR A 1 76  ? -1.135  9.105   9.395   1.00 29.86  ? 73  TYR A CA  1 
ATOM   411  C  C   . TYR A 1 76  ? 0.151   9.474   8.656   1.00 28.63  ? 73  TYR A C   1 
ATOM   412  O  O   . TYR A 1 76  ? 0.882   8.550   8.257   1.00 30.02  ? 73  TYR A O   1 
ATOM   413  C  CB  . TYR A 1 76  ? -2.309  8.916   8.434   1.00 29.92  ? 73  TYR A CB  1 
ATOM   414  C  CG  . TYR A 1 76  ? -3.518  8.254   9.045   1.00 29.35  ? 73  TYR A CG  1 
ATOM   415  C  CD1 . TYR A 1 76  ? -3.512  6.900   9.352   1.00 28.28  ? 73  TYR A CD1 1 
ATOM   416  C  CD2 . TYR A 1 76  ? -4.670  8.976   9.328   1.00 30.27  ? 73  TYR A CD2 1 
ATOM   417  C  CE1 . TYR A 1 76  ? -4.623  6.276   9.887   1.00 31.71  ? 73  TYR A CE1 1 
ATOM   418  C  CE2 . TYR A 1 76  ? -5.802  8.360   9.844   1.00 29.99  ? 73  TYR A CE2 1 
ATOM   419  C  CZ  . TYR A 1 76  ? -5.770  7.008   10.142  1.00 31.55  ? 73  TYR A CZ  1 
ATOM   420  O  OH  . TYR A 1 76  ? -6.872  6.413   10.673  1.00 33.71  ? 73  TYR A OH  1 
ATOM   421  N  N   . GLU A 1 77  ? 0.416   10.765  8.456   1.00 28.77  ? 74  GLU A N   1 
ATOM   422  C  CA  . GLU A 1 77  ? 1.652   11.257  7.793   1.00 31.47  ? 74  GLU A CA  1 
ATOM   423  C  C   . GLU A 1 77  ? 2.874   10.685  8.515   1.00 29.15  ? 74  GLU A C   1 
ATOM   424  O  O   . GLU A 1 77  ? 3.812   10.262  7.819   1.00 29.23  ? 74  GLU A O   1 
ATOM   425  C  CB  . GLU A 1 77  ? 1.721   12.784  7.782   1.00 34.51  ? 74  GLU A CB  1 
ATOM   426  C  CG  . GLU A 1 77  ? 0.730   13.424  6.839   1.00 34.54  ? 74  GLU A CG  1 
ATOM   427  C  CD  . GLU A 1 77  ? -0.624  13.754  7.448   1.00 37.91  ? 74  GLU A CD  1 
ATOM   428  O  OE1 . GLU A 1 77  ? -0.953  13.227  8.552   1.00 37.21  ? 74  GLU A OE1 1 
ATOM   429  O  OE2 . GLU A 1 77  ? -1.353  14.519  6.803   1.00 41.91  ? 74  GLU A OE2 1 
ATOM   430  N  N   . THR A 1 78  ? 2.871   10.713  9.854   1.00 29.19  ? 75  THR A N   1 
ATOM   431  C  CA  . THR A 1 78  ? 3.957   10.176  10.714  1.00 28.31  ? 75  THR A CA  1 
ATOM   432  C  C   . THR A 1 78  ? 4.220   8.713   10.346  1.00 28.47  ? 75  THR A C   1 
ATOM   433  O  O   . THR A 1 78  ? 5.366   8.353   10.057  1.00 26.65  ? 75  THR A O   1 
ATOM   434  C  CB  . THR A 1 78  ? 3.602   10.271  12.202  1.00 31.57  ? 75  THR A CB  1 
ATOM   435  O  OG1 . THR A 1 78  ? 3.503   11.650  12.555  1.00 32.34  ? 75  THR A OG1 1 
ATOM   436  C  CG2 . THR A 1 78  ? 4.601   9.571   13.095  1.00 30.75  ? 75  THR A CG2 1 
ATOM   437  N  N   . THR A 1 79  ? 3.170   7.898   10.352  1.00 30.86  ? 76  THR A N   1 
ATOM   438  C  CA  . THR A 1 79  ? 3.262   6.459   10.012  1.00 29.44  ? 76  THR A CA  1 
ATOM   439  C  C   . THR A 1 79  ? 3.827   6.310   8.605   1.00 31.14  ? 76  THR A C   1 
ATOM   440  O  O   . THR A 1 79  ? 4.783   5.519   8.436   1.00 33.30  ? 76  THR A O   1 
ATOM   441  C  CB  . THR A 1 79  ? 1.900   5.776   10.145  1.00 30.18  ? 76  THR A CB  1 
ATOM   442  O  OG1 . THR A 1 79  ? 1.435   6.099   11.452  1.00 32.13  ? 76  THR A OG1 1 
ATOM   443  C  CG2 . THR A 1 79  ? 1.984   4.278   9.964   1.00 29.78  ? 76  THR A CG2 1 
ATOM   444  N  N   . ALA A 1 80  ? 3.254   7.036   7.636   1.00 30.57  ? 77  ALA A N   1 
ATOM   445  C  CA  . ALA A 1 80  ? 3.638   6.976   6.207   1.00 29.70  ? 77  ALA A CA  1 
ATOM   446  C  C   . ALA A 1 80  ? 5.137   7.234   6.042   1.00 29.98  ? 77  ALA A C   1 
ATOM   447  O  O   . ALA A 1 80  ? 5.812   6.416   5.409   1.00 31.13  ? 77  ALA A O   1 
ATOM   448  C  CB  . ALA A 1 80  ? 2.809   7.932   5.382   1.00 29.56  ? 77  ALA A CB  1 
ATOM   449  N  N   . GLN A 1 81  ? 5.676   8.304   6.639   1.00 29.62  ? 78  GLN A N   1 
ATOM   450  C  CA  . GLN A 1 81  ? 7.103   8.670   6.444   1.00 29.05  ? 78  GLN A CA  1 
ATOM   451  C  C   . GLN A 1 81  ? 8.002   7.729   7.254   1.00 27.71  ? 78  GLN A C   1 
ATOM   452  O  O   . GLN A 1 81  ? 9.108   7.436   6.762   1.00 29.40  ? 78  GLN A O   1 
ATOM   453  C  CB  . GLN A 1 81  ? 7.290   10.157  6.741   1.00 31.93  ? 78  GLN A CB  1 
ATOM   454  C  CG  . GLN A 1 81  ? 6.700   11.001  5.620   1.00 35.21  ? 78  GLN A CG  1 
ATOM   455  C  CD  . GLN A 1 81  ? 6.837   12.481  5.847   1.00 38.17  ? 78  GLN A CD  1 
ATOM   456  O  OE1 . GLN A 1 81  ? 6.119   13.066  6.657   1.00 45.37  ? 78  GLN A OE1 1 
ATOM   457  N  NE2 . GLN A 1 81  ? 7.712   13.105  5.080   1.00 35.42  ? 78  GLN A NE2 1 
ATOM   458  N  N   . ARG A 1 82  ? 7.532   7.227   8.406   1.00 29.32  ? 79  ARG A N   1 
ATOM   459  C  CA  . ARG A 1 82  ? 8.272   6.233   9.232   1.00 32.22  ? 79  ARG A CA  1 
ATOM   460  C  C   . ARG A 1 82  ? 8.466   4.940   8.433   1.00 32.55  ? 79  ARG A C   1 
ATOM   461  O  O   . ARG A 1 82  ? 9.575   4.369   8.446   1.00 27.35  ? 79  ARG A O   1 
ATOM   462  C  CB  . ARG A 1 82  ? 7.546   5.909   10.541  1.00 35.01  ? 79  ARG A CB  1 
ATOM   463  C  CG  . ARG A 1 82  ? 8.153   4.724   11.282  1.00 38.68  ? 79  ARG A CG  1 
ATOM   464  C  CD  . ARG A 1 82  ? 7.562   4.449   12.645  1.00 39.15  ? 79  ARG A CD  1 
ATOM   465  N  NE  . ARG A 1 82  ? 6.156   4.068   12.619  1.00 40.51  ? 79  ARG A NE  1 
ATOM   466  C  CZ  . ARG A 1 82  ? 5.683   2.862   12.300  1.00 39.03  ? 79  ARG A CZ  1 
ATOM   467  N  NH1 . ARG A 1 82  ? 6.500   1.885   11.933  1.00 41.19  ? 79  ARG A NH1 1 
ATOM   468  N  NH2 . ARG A 1 82  ? 4.379   2.642   12.339  1.00 39.40  ? 79  ARG A NH2 1 
ATOM   469  N  N   . GLU A 1 83  ? 7.403   4.464   7.781   1.00 30.99  ? 80  GLU A N   1 
ATOM   470  C  CA  . GLU A 1 83  ? 7.434   3.191   7.013   1.00 32.50  ? 80  GLU A CA  1 
ATOM   471  C  C   . GLU A 1 83  ? 8.213   3.352   5.701   1.00 30.16  ? 80  GLU A C   1 
ATOM   472  O  O   . GLU A 1 83  ? 8.924   2.386   5.331   1.00 30.36  ? 80  GLU A O   1 
ATOM   473  C  CB  . GLU A 1 83  ? 6.008   2.675   6.842   1.00 32.11  ? 80  GLU A CB  1 
ATOM   474  C  CG  . GLU A 1 83  ? 5.393   2.191   8.141   1.00 32.61  ? 80  GLU A CG  1 
ATOM   475  C  CD  . GLU A 1 83  ? 5.968   0.908   8.723   1.00 35.00  ? 80  GLU A CD  1 
ATOM   476  O  OE1 . GLU A 1 83  ? 5.439   0.447   9.748   1.00 39.51  ? 80  GLU A OE1 1 
ATOM   477  O  OE2 . GLU A 1 83  ? 6.917   0.362   8.139   1.00 40.85  ? 80  GLU A OE2 1 
ATOM   478  N  N   . THR A 1 84  ? 8.128   4.507   5.033   1.00 29.45  ? 81  THR A N   1 
ATOM   479  C  CA  . THR A 1 84  ? 8.886   4.828   3.794   1.00 29.12  ? 81  THR A CA  1 
ATOM   480  C  C   . THR A 1 84  ? 10.391  4.839   4.100   1.00 31.90  ? 81  THR A C   1 
ATOM   481  O  O   . THR A 1 84  ? 11.201  4.470   3.201   1.00 27.00  ? 81  THR A O   1 
ATOM   482  C  CB  . THR A 1 84  ? 8.392   6.135   3.179   1.00 31.09  ? 81  THR A CB  1 
ATOM   483  O  OG1 . THR A 1 84  ? 7.009   5.936   2.861   1.00 31.48  ? 81  THR A OG1 1 
ATOM   484  C  CG2 . THR A 1 84  ? 9.135   6.559   1.933   1.00 33.87  ? 81  THR A CG2 1 
ATOM   485  N  N   . TRP A 1 85  ? 10.763  5.247   5.315   1.00 30.46  ? 82  TRP A N   1 
ATOM   486  C  CA  . TRP A 1 85  ? 12.194  5.198   5.725   1.00 28.88  ? 82  TRP A CA  1 
ATOM   487  C  C   . TRP A 1 85  ? 12.593  3.752   6.033   1.00 29.32  ? 82  TRP A C   1 
ATOM   488  O  O   . TRP A 1 85  ? 13.569  3.276   5.420   1.00 35.88  ? 82  TRP A O   1 
ATOM   489  C  CB  . TRP A 1 85  ? 12.505  6.132   6.901   1.00 30.89  ? 82  TRP A CB  1 
ATOM   490  C  CG  . TRP A 1 85  ? 13.874  5.825   7.426   1.00 29.20  ? 82  TRP A CG  1 
ATOM   491  C  CD1 . TRP A 1 85  ? 14.186  5.203   8.594   1.00 30.49  ? 82  TRP A CD1 1 
ATOM   492  C  CD2 . TRP A 1 85  ? 15.112  5.993   6.715   1.00 30.76  ? 82  TRP A CD2 1 
ATOM   493  N  NE1 . TRP A 1 85  ? 15.538  4.994   8.669   1.00 27.44  ? 82  TRP A NE1 1 
ATOM   494  C  CE2 . TRP A 1 85  ? 16.134  5.485   7.544   1.00 28.14  ? 82  TRP A CE2 1 
ATOM   495  C  CE3 . TRP A 1 85  ? 15.463  6.557   5.486   1.00 33.55  ? 82  TRP A CE3 1 
ATOM   496  C  CZ2 . TRP A 1 85  ? 17.475  5.501   7.163   1.00 30.06  ? 82  TRP A CZ2 1 
ATOM   497  C  CZ3 . TRP A 1 85  ? 16.788  6.577   5.114   1.00 34.08  ? 82  TRP A CZ3 1 
ATOM   498  C  CH2 . TRP A 1 85  ? 17.776  6.060   5.945   1.00 33.29  ? 82  TRP A CH2 1 
ATOM   499  N  N   . GLU A 1 86  ? 11.881  3.102   6.956   1.00 32.27  ? 83  GLU A N   1 
ATOM   500  C  CA  . GLU A 1 86  ? 12.153  1.728   7.452   1.00 34.58  ? 83  GLU A CA  1 
ATOM   501  C  C   . GLU A 1 86  ? 12.225  0.725   6.290   1.00 35.78  ? 83  GLU A C   1 
ATOM   502  O  O   . GLU A 1 86  ? 13.150  -0.116  6.306   1.00 34.08  ? 83  GLU A O   1 
ATOM   503  C  CB  . GLU A 1 86  ? 11.074  1.286   8.437   1.00 37.49  ? 83  GLU A CB  1 
ATOM   504  C  CG  . GLU A 1 86  ? 11.197  1.913   9.816   1.00 43.88  ? 83  GLU A CG  1 
ATOM   505  C  CD  . GLU A 1 86  ? 10.195  1.429   10.855  1.00 47.89  ? 83  GLU A CD  1 
ATOM   506  O  OE1 . GLU A 1 86  ? 9.552   0.384   10.623  1.00 57.45  ? 83  GLU A OE1 1 
ATOM   507  O  OE2 . GLU A 1 86  ? 10.064  2.091   11.910  1.00 52.80  ? 83  GLU A OE2 1 
ATOM   508  N  N   . GLU A 1 87  ? 11.282  0.790   5.337   1.00 36.80  ? 84  GLU A N   1 
ATOM   509  C  CA  . GLU A 1 87  ? 11.079  -0.263  4.301   1.00 37.09  ? 84  GLU A CA  1 
ATOM   510  C  C   . GLU A 1 87  ? 11.852  0.045   3.018   1.00 34.40  ? 84  GLU A C   1 
ATOM   511  O  O   . GLU A 1 87  ? 12.229  -0.928  2.343   1.00 33.75  ? 84  GLU A O   1 
ATOM   512  C  CB  . GLU A 1 87  ? 9.584   -0.448  3.998   1.00 32.54  ? 84  GLU A CB  1 
ATOM   513  C  CG  . GLU A 1 87  ? 8.770   -0.943  5.181   1.00 32.61  ? 84  GLU A CG  1 
ATOM   514  C  CD  . GLU A 1 87  ? 7.343   -1.326  4.805   1.00 32.99  ? 84  GLU A CD  1 
ATOM   515  O  OE1 . GLU A 1 87  ? 6.633   -1.915  5.634   1.00 35.57  ? 84  GLU A OE1 1 
ATOM   516  O  OE2 . GLU A 1 87  ? 6.953   -1.005  3.681   1.00 32.63  ? 84  GLU A OE2 1 
ATOM   517  N  N   . ALA A 1 88  ? 12.071  1.322   2.669   1.00 34.88  ? 85  ALA A N   1 
ATOM   518  C  CA  . ALA A 1 88  ? 12.610  1.731   1.351   1.00 34.47  ? 85  ALA A CA  1 
ATOM   519  C  C   . ALA A 1 88  ? 13.798  2.689   1.480   1.00 31.88  ? 85  ALA A C   1 
ATOM   520  O  O   . ALA A 1 88  ? 14.306  3.128   0.426   1.00 31.28  ? 85  ALA A O   1 
ATOM   521  C  CB  . ALA A 1 88  ? 11.523  2.368   0.512   1.00 33.94  ? 85  ALA A CB  1 
ATOM   522  N  N   . GLY A 1 89  ? 14.233  3.019   2.698   1.00 37.85  ? 86  GLY A N   1 
ATOM   523  C  CA  . GLY A 1 89  ? 15.305  4.010   2.897   1.00 33.76  ? 86  GLY A CA  1 
ATOM   524  C  C   . GLY A 1 89  ? 15.062  5.245   2.053   1.00 30.98  ? 86  GLY A C   1 
ATOM   525  O  O   . GLY A 1 89  ? 15.983  5.721   1.398   1.00 32.45  ? 86  GLY A O   1 
ATOM   526  N  N   . CYS A 1 90  ? 13.833  5.750   2.051   1.00 32.87  ? 87  CYS A N   1 
ATOM   527  C  CA  . CYS A 1 90  ? 13.430  6.898   1.204   1.00 31.11  ? 87  CYS A CA  1 
ATOM   528  C  C   . CYS A 1 90  ? 13.001  8.063   2.097   1.00 30.70  ? 87  CYS A C   1 
ATOM   529  O  O   . CYS A 1 90  ? 12.216  7.842   3.021   1.00 32.17  ? 87  CYS A O   1 
ATOM   530  C  CB  . CYS A 1 90  ? 12.269  6.531   0.284   1.00 32.99  ? 87  CYS A CB  1 
ATOM   531  S  SG  . CYS A 1 90  ? 11.641  7.960   -0.630  1.00 33.98  ? 87  CYS A SG  1 
ATOM   532  N  N   . ILE A 1 91  ? 13.518  9.250   1.806   1.00 35.69  ? 88  ILE A N   1 
ATOM   533  C  CA  . ILE A 1 91  ? 13.208  10.519  2.522   1.00 34.39  ? 88  ILE A CA  1 
ATOM   534  C  C   . ILE A 1 91  ? 12.639  11.501  1.503   1.00 32.29  ? 88  ILE A C   1 
ATOM   535  O  O   . ILE A 1 91  ? 13.252  11.685  0.456   1.00 35.15  ? 88  ILE A O   1 
ATOM   536  C  CB  . ILE A 1 91  ? 14.475  11.094  3.200   1.00 36.09  ? 88  ILE A CB  1 
ATOM   537  C  CG1 . ILE A 1 91  ? 15.041  10.143  4.256   1.00 36.85  ? 88  ILE A CG1 1 
ATOM   538  C  CG2 . ILE A 1 91  ? 14.191  12.465  3.767   1.00 38.23  ? 88  ILE A CG2 1 
ATOM   539  C  CD1 . ILE A 1 91  ? 14.151  9.932   5.464   1.00 38.79  ? 88  ILE A CD1 1 
ATOM   540  N  N   . GLY A 1 92  ? 11.538  12.167  1.831   1.00 32.72  ? 89  GLY A N   1 
ATOM   541  C  CA  . GLY A 1 92  ? 11.016  13.259  0.996   1.00 32.31  ? 89  GLY A CA  1 
ATOM   542  C  C   . GLY A 1 92  ? 9.918   14.035  1.689   1.00 31.25  ? 89  GLY A C   1 
ATOM   543  O  O   . GLY A 1 92  ? 9.692   13.808  2.888   1.00 34.14  ? 89  GLY A O   1 
ATOM   544  N  N   . LYS A 1 93  ? 9.228   14.891  0.940   1.00 34.60  ? 90  LYS A N   1 
ATOM   545  C  CA  . LYS A 1 93  ? 8.124   15.716  1.482   1.00 35.35  ? 90  LYS A CA  1 
ATOM   546  C  C   . LYS A 1 93  ? 6.800   15.226  0.897   1.00 34.87  ? 90  LYS A C   1 
ATOM   547  O  O   . LYS A 1 93  ? 6.722   14.958  -0.340  1.00 31.92  ? 90  LYS A O   1 
ATOM   548  C  CB  . LYS A 1 93  ? 8.368   17.201  1.216   1.00 40.15  ? 90  LYS A CB  1 
ATOM   549  C  CG  . LYS A 1 93  ? 8.236   17.646  -0.232  1.00 42.60  ? 90  LYS A CG  1 
ATOM   550  C  CD  . LYS A 1 93  ? 8.153   19.154  -0.352  1.00 46.96  ? 90  LYS A CD  1 
ATOM   551  C  CE  . LYS A 1 93  ? 8.452   19.666  -1.746  1.00 50.52  ? 90  LYS A CE  1 
ATOM   552  N  NZ  . LYS A 1 93  ? 8.805   21.106  -1.719  1.00 54.91  ? 90  LYS A NZ  1 
ATOM   553  N  N   . ILE A 1 94  ? 5.809   15.119  1.770   1.00 33.23  ? 91  ILE A N   1 
ATOM   554  C  CA  . ILE A 1 94  ? 4.395   14.838  1.401   1.00 34.03  ? 91  ILE A CA  1 
ATOM   555  C  C   . ILE A 1 94  ? 3.861   16.052  0.631   1.00 33.78  ? 91  ILE A C   1 
ATOM   556  O  O   . ILE A 1 94  ? 3.964   17.197  1.123   1.00 32.41  ? 91  ILE A O   1 
ATOM   557  C  CB  . ILE A 1 94  ? 3.583   14.453  2.649   1.00 32.94  ? 91  ILE A CB  1 
ATOM   558  C  CG1 . ILE A 1 94  ? 4.030   13.076  3.156   1.00 34.24  ? 91  ILE A CG1 1 
ATOM   559  C  CG2 . ILE A 1 94  ? 2.083   14.491  2.374   1.00 32.05  ? 91  ILE A CG2 1 
ATOM   560  C  CD1 . ILE A 1 94  ? 3.533   12.740  4.538   1.00 33.82  ? 91  ILE A CD1 1 
ATOM   561  N  N   . VAL A 1 95  ? 3.360   15.814  -0.579  1.00 32.26  ? 92  VAL A N   1 
ATOM   562  C  CA  . VAL A 1 95  ? 2.851   16.882  -1.483  1.00 33.15  ? 92  VAL A CA  1 
ATOM   563  C  C   . VAL A 1 95  ? 1.341   16.718  -1.689  1.00 32.42  ? 92  VAL A C   1 
ATOM   564  O  O   . VAL A 1 95  ? 0.748   17.660  -2.210  1.00 32.57  ? 92  VAL A O   1 
ATOM   565  C  CB  . VAL A 1 95  ? 3.596   16.884  -2.830  1.00 35.87  ? 92  VAL A CB  1 
ATOM   566  C  CG1 . VAL A 1 95  ? 5.023   17.382  -2.677  1.00 34.41  ? 92  VAL A CG1 1 
ATOM   567  C  CG2 . VAL A 1 95  ? 3.580   15.515  -3.488  1.00 35.40  ? 92  VAL A CG2 1 
ATOM   568  N  N   . ALA A 1 96  ? 0.734   15.594  -1.282  1.00 32.56  ? 93  ALA A N   1 
ATOM   569  C  CA  . ALA A 1 96  ? -0.715  15.356  -1.502  1.00 33.29  ? 93  ALA A CA  1 
ATOM   570  C  C   . ALA A 1 96  ? -1.231  14.239  -0.592  1.00 33.66  ? 93  ALA A C   1 
ATOM   571  O  O   . ALA A 1 96  ? -0.501  13.259  -0.353  1.00 31.26  ? 93  ALA A O   1 
ATOM   572  C  CB  . ALA A 1 96  ? -0.990  15.071  -2.954  1.00 34.11  ? 93  ALA A CB  1 
ATOM   573  N  N   . ASN A 1 97  ? -2.443  14.432  -0.082  1.00 29.99  ? 94  ASN A N   1 
ATOM   574  C  CA  . ASN A 1 97  ? -3.236  13.407  0.636   1.00 29.35  ? 94  ASN A CA  1 
ATOM   575  C  C   . ASN A 1 97  ? -4.021  12.646  -0.435  1.00 30.29  ? 94  ASN A C   1 
ATOM   576  O  O   . ASN A 1 97  ? -4.888  13.260  -1.078  1.00 29.79  ? 94  ASN A O   1 
ATOM   577  C  CB  . ASN A 1 97  ? -4.129  14.027  1.713   1.00 32.34  ? 94  ASN A CB  1 
ATOM   578  C  CG  . ASN A 1 97  ? -4.987  13.024  2.456   1.00 31.84  ? 94  ASN A CG  1 
ATOM   579  O  OD1 . ASN A 1 97  ? -5.029  11.841  2.118   1.00 37.93  ? 94  ASN A OD1 1 
ATOM   580  N  ND2 . ASN A 1 97  ? -5.689  13.486  3.474   1.00 34.75  ? 94  ASN A ND2 1 
ATOM   581  N  N   . LEU A 1 98  ? -3.720  11.359  -0.604  1.00 29.60  ? 95  LEU A N   1 
ATOM   582  C  CA  . LEU A 1 98  ? -4.348  10.507  -1.644  1.00 29.03  ? 95  LEU A CA  1 
ATOM   583  C  C   . LEU A 1 98  ? -5.576  9.799   -1.056  1.00 29.19  ? 95  LEU A C   1 
ATOM   584  O  O   . LEU A 1 98  ? -6.216  9.020   -1.779  1.00 31.16  ? 95  LEU A O   1 
ATOM   585  C  CB  . LEU A 1 98  ? -3.319  9.510   -2.189  1.00 29.17  ? 95  LEU A CB  1 
ATOM   586  C  CG  . LEU A 1 98  ? -2.061  10.111  -2.817  1.00 29.01  ? 95  LEU A CG  1 
ATOM   587  C  CD1 . LEU A 1 98  ? -1.185  9.008   -3.383  1.00 29.92  ? 95  LEU A CD1 1 
ATOM   588  C  CD2 . LEU A 1 98  ? -2.395  11.149  -3.878  1.00 32.51  ? 95  LEU A CD2 1 
ATOM   589  N  N   . GLY A 1 99  ? -5.927  10.082  0.200   1.00 30.94  ? 96  GLY A N   1 
ATOM   590  C  CA  . GLY A 1 99  ? -7.161  9.574   0.825   1.00 32.71  ? 96  GLY A CA  1 
ATOM   591  C  C   . GLY A 1 99  ? -7.015  8.121   1.220   1.00 31.82  ? 96  GLY A C   1 
ATOM   592  O  O   . GLY A 1 99  ? -5.867  7.715   1.531   1.00 30.76  ? 96  GLY A O   1 
ATOM   593  N  N   . THR A 1 100 ? -8.114  7.356   1.201   1.00 30.66  ? 97  THR A N   1 
ATOM   594  C  CA  . THR A 1 100 ? -8.166  5.962   1.721   1.00 28.34  ? 97  THR A CA  1 
ATOM   595  C  C   . THR A 1 100 ? -8.514  4.953   0.603   1.00 31.39  ? 97  THR A C   1 
ATOM   596  O  O   . THR A 1 100 ? -9.249  5.293   -0.364  1.00 26.27  ? 97  THR A O   1 
ATOM   597  C  CB  . THR A 1 100 ? -9.120  5.791   2.912   1.00 29.62  ? 97  THR A CB  1 
ATOM   598  O  OG1 . THR A 1 100 ? -10.450 6.097   2.498   1.00 30.67  ? 97  THR A OG1 1 
ATOM   599  C  CG2 . THR A 1 100 ? -8.771  6.665   4.103   1.00 28.32  ? 97  THR A CG2 1 
ATOM   600  N  N   . VAL A 1 101 ? -7.950  3.759   0.745   1.00 31.72  ? 98  VAL A N   1 
ATOM   601  C  CA  . VAL A 1 101 ? -8.327  2.525   -0.009  1.00 34.44  ? 98  VAL A CA  1 
ATOM   602  C  C   . VAL A 1 101 ? -8.392  1.375   0.997   1.00 36.27  ? 98  VAL A C   1 
ATOM   603  O  O   . VAL A 1 101 ? -7.833  1.520   2.092   1.00 37.61  ? 98  VAL A O   1 
ATOM   604  C  CB  . VAL A 1 101 ? -7.354  2.257   -1.165  1.00 35.47  ? 98  VAL A CB  1 
ATOM   605  C  CG1 . VAL A 1 101 ? -7.414  3.368   -2.199  1.00 34.90  ? 98  VAL A CG1 1 
ATOM   606  C  CG2 . VAL A 1 101 ? -5.923  2.054   -0.676  1.00 34.85  ? 98  VAL A CG2 1 
ATOM   607  N  N   . GLU A 1 102 ? -9.091  0.296   0.652   1.00 38.64  ? 99  GLU A N   1 
ATOM   608  C  CA  . GLU A 1 102 ? -9.351  -0.839  1.570   1.00 40.35  ? 99  GLU A CA  1 
ATOM   609  C  C   . GLU A 1 102 ? -8.802  -2.112  0.933   1.00 39.76  ? 99  GLU A C   1 
ATOM   610  O  O   . GLU A 1 102 ? -8.972  -2.271  -0.295  1.00 40.51  ? 99  GLU A O   1 
ATOM   611  C  CB  . GLU A 1 102 ? -10.846 -1.001  1.828   1.00 45.11  ? 99  GLU A CB  1 
ATOM   612  C  CG  . GLU A 1 102 ? -11.457 0.116   2.650   1.00 48.66  ? 99  GLU A CG  1 
ATOM   613  C  CD  . GLU A 1 102 ? -12.967 0.002   2.752   1.00 50.41  ? 99  GLU A CD  1 
ATOM   614  O  OE1 . GLU A 1 102 ? -13.540 -0.766  1.960   1.00 51.92  ? 99  GLU A OE1 1 
ATOM   615  O  OE2 . GLU A 1 102 ? -13.564 0.674   3.619   1.00 53.97  ? 99  GLU A OE2 1 
ATOM   616  N  N   . ASP A 1 103 ? -8.142  -2.949  1.730   1.00 40.73  ? 100 ASP A N   1 
ATOM   617  C  CA  . ASP A 1 103 ? -7.885  -4.369  1.387   1.00 41.88  ? 100 ASP A CA  1 
ATOM   618  C  C   . ASP A 1 103 ? -9.206  -5.113  1.597   1.00 41.47  ? 100 ASP A C   1 
ATOM   619  O  O   . ASP A 1 103 ? -9.600  -5.295  2.762   1.00 38.35  ? 100 ASP A O   1 
ATOM   620  C  CB  . ASP A 1 103 ? -6.747  -4.990  2.202   1.00 41.87  ? 100 ASP A CB  1 
ATOM   621  C  CG  . ASP A 1 103 ? -6.433  -6.418  1.788   1.00 45.91  ? 100 ASP A CG  1 
ATOM   622  O  OD1 . ASP A 1 103 ? -7.137  -6.928  0.897   1.00 44.53  ? 100 ASP A OD1 1 
ATOM   623  O  OD2 . ASP A 1 103 ? -5.501  -7.019  2.364   1.00 47.29  ? 100 ASP A OD2 1 
ATOM   624  N  N   . MET A 1 104 ? -9.859  -5.499  0.499   1.00 46.48  ? 101 MET A N   1 
ATOM   625  C  CA  . MET A 1 104 ? -11.154 -6.229  0.510   1.00 50.16  ? 101 MET A CA  1 
ATOM   626  C  C   . MET A 1 104 ? -10.932 -7.720  0.202   1.00 53.95  ? 101 MET A C   1 
ATOM   627  O  O   . MET A 1 104 ? -11.931 -8.395  -0.132  1.00 46.67  ? 101 MET A O   1 
ATOM   628  C  CB  . MET A 1 104 ? -12.118 -5.615  -0.513  1.00 53.75  ? 101 MET A CB  1 
ATOM   629  C  CG  . MET A 1 104 ? -12.621 -4.237  -0.124  1.00 54.10  ? 101 MET A CG  1 
ATOM   630  S  SD  . MET A 1 104 ? -13.412 -4.236  1.508   1.00 56.69  ? 101 MET A SD  1 
ATOM   631  C  CE  . MET A 1 104 ? -14.835 -5.287  1.229   1.00 60.37  ? 101 MET A CE  1 
ATOM   632  N  N   . ARG A 1 105 ? -9.697  -8.229  0.326   1.00 53.55  ? 102 ARG A N   1 
ATOM   633  C  CA  . ARG A 1 105 ? -9.422  -9.694  0.372   1.00 57.71  ? 102 ARG A CA  1 
ATOM   634  C  C   . ARG A 1 105 ? -10.266 -10.295 1.493   1.00 61.40  ? 102 ARG A C   1 
ATOM   635  O  O   . ARG A 1 105 ? -10.338 -9.723  2.575   1.00 59.54  ? 102 ARG A O   1 
ATOM   636  C  CB  . ARG A 1 105 ? -7.945  -10.019 0.637   1.00 56.39  ? 102 ARG A CB  1 
ATOM   637  C  CG  . ARG A 1 105 ? -7.128  -10.417 -0.586  1.00 54.80  ? 102 ARG A CG  1 
ATOM   638  C  CD  . ARG A 1 105 ? -6.112  -9.379  -1.037  1.00 57.98  ? 102 ARG A CD  1 
ATOM   639  N  NE  . ARG A 1 105 ? -5.274  -8.867  0.046   1.00 56.30  ? 102 ARG A NE  1 
ATOM   640  C  CZ  . ARG A 1 105 ? -4.094  -9.356  0.433   1.00 62.18  ? 102 ARG A CZ  1 
ATOM   641  N  NH1 . ARG A 1 105 ? -3.557  -10.406 -0.171  1.00 61.00  ? 102 ARG A NH1 1 
ATOM   642  N  NH2 . ARG A 1 105 ? -3.450  -8.783  1.436   1.00 60.23  ? 102 ARG A NH2 1 
ATOM   643  N  N   . PRO A 1 106 ? -10.956 -11.441 1.270   1.00 71.55  ? 103 PRO A N   1 
ATOM   644  C  CA  . PRO A 1 106 ? -11.698 -12.110 2.341   1.00 73.89  ? 103 PRO A CA  1 
ATOM   645  C  C   . PRO A 1 106 ? -10.782 -12.774 3.369   1.00 80.33  ? 103 PRO A C   1 
ATOM   646  O  O   . PRO A 1 106 ? -9.573  -12.852 3.163   1.00 82.96  ? 103 PRO A O   1 
ATOM   647  C  CB  . PRO A 1 106 ? -12.538 -13.162 1.598   1.00 76.37  ? 103 PRO A CB  1 
ATOM   648  C  CG  . PRO A 1 106 ? -11.761 -13.445 0.328   1.00 74.29  ? 103 PRO A CG  1 
ATOM   649  C  CD  . PRO A 1 106 ? -11.091 -12.132 -0.024  1.00 74.26  ? 103 PRO A CD  1 
ATOM   650  N  N   . PRO A 1 107 ? -11.325 -13.246 4.518   1.00 86.03  ? 104 PRO A N   1 
ATOM   651  C  CA  . PRO A 1 107 ? -10.531 -13.979 5.512   1.00 89.80  ? 104 PRO A CA  1 
ATOM   652  C  C   . PRO A 1 107 ? -9.948  -15.321 5.027   1.00 91.74  ? 104 PRO A C   1 
ATOM   653  O  O   . PRO A 1 107 ? -10.076 -15.640 3.857   1.00 90.56  ? 104 PRO A O   1 
ATOM   654  C  CB  . PRO A 1 107 ? -11.529 -14.236 6.658   1.00 88.42  ? 104 PRO A CB  1 
ATOM   655  C  CG  . PRO A 1 107 ? -12.612 -13.195 6.463   1.00 87.03  ? 104 PRO A CG  1 
ATOM   656  C  CD  . PRO A 1 107 ? -12.710 -13.023 4.963   1.00 85.92  ? 104 PRO A CD  1 
ATOM   657  N  N   . LYS A 1 108 ? -9.325  -16.069 5.946   1.00 95.02  ? 105 LYS A N   1 
ATOM   658  C  CA  . LYS A 1 108 ? -8.675  -17.386 5.690   1.00 97.07  ? 105 LYS A CA  1 
ATOM   659  C  C   . LYS A 1 108 ? -9.675  -18.531 5.908   1.00 99.53  ? 105 LYS A C   1 
ATOM   660  O  O   . LYS A 1 108 ? -9.315  -19.683 5.599   1.00 98.01  ? 105 LYS A O   1 
ATOM   661  C  CB  . LYS A 1 108 ? -7.447  -17.565 6.589   1.00 98.35  ? 105 LYS A CB  1 
ATOM   662  C  CG  . LYS A 1 108 ? -6.179  -16.887 6.087   1.00 98.36  ? 105 LYS A CG  1 
ATOM   663  C  CD  . LYS A 1 108 ? -5.002  -17.017 7.028   1.00 97.78  ? 105 LYS A CD  1 
ATOM   664  C  CE  . LYS A 1 108 ? -3.707  -16.528 6.413   1.00 97.19  ? 105 LYS A CE  1 
ATOM   665  N  NZ  . LYS A 1 108 ? -2.618  -16.459 7.415   1.00 98.01  ? 105 LYS A NZ  1 
ATOM   666  N  N   . ASP A 1 109 ? -10.873 -18.226 6.424   1.00 103.36 ? 106 ASP A N   1 
ATOM   667  C  CA  . ASP A 1 109 ? -12.003 -19.185 6.569   1.00 104.83 ? 106 ASP A CA  1 
ATOM   668  C  C   . ASP A 1 109 ? -12.543 -19.533 5.174   1.00 105.48 ? 106 ASP A C   1 
ATOM   669  O  O   . ASP A 1 109 ? -13.052 -20.657 4.996   1.00 108.58 ? 106 ASP A O   1 
ATOM   670  C  CB  . ASP A 1 109 ? -13.111 -18.610 7.457   1.00 102.94 ? 106 ASP A CB  1 
ATOM   671  C  CG  . ASP A 1 109 ? -12.634 -18.097 8.809   1.00 103.59 ? 106 ASP A CG  1 
ATOM   672  O  OD1 . ASP A 1 109 ? -11.416 -18.169 9.071   1.00 101.88 ? 106 ASP A OD1 1 
ATOM   673  O  OD2 . ASP A 1 109 ? -13.486 -17.617 9.582   1.00 102.63 ? 106 ASP A OD2 1 
ATOM   674  N  N   . TRP A 1 110 ? -12.423 -18.589 4.234   1.00 104.39 ? 107 TRP A N   1 
ATOM   675  C  CA  . TRP A 1 110 ? -12.860 -18.675 2.812   1.00 105.39 ? 107 TRP A CA  1 
ATOM   676  C  C   . TRP A 1 110 ? -12.245 -19.903 2.119   1.00 108.32 ? 107 TRP A C   1 
ATOM   677  O  O   . TRP A 1 110 ? -11.213 -20.402 2.606   1.00 110.77 ? 107 TRP A O   1 
ATOM   678  C  CB  . TRP A 1 110 ? -12.492 -17.358 2.108   1.00 103.69 ? 107 TRP A CB  1 
ATOM   679  C  CG  . TRP A 1 110 ? -12.727 -17.311 0.630   1.00 104.86 ? 107 TRP A CG  1 
ATOM   680  C  CD1 . TRP A 1 110 ? -11.933 -17.840 -0.348  1.00 104.87 ? 107 TRP A CD1 1 
ATOM   681  C  CD2 . TRP A 1 110 ? -13.807 -16.648 -0.052  1.00 104.82 ? 107 TRP A CD2 1 
ATOM   682  N  NE1 . TRP A 1 110 ? -12.457 -17.578 -1.584  1.00 103.24 ? 107 TRP A NE1 1 
ATOM   683  C  CE2 . TRP A 1 110 ? -13.606 -16.846 -1.436  1.00 104.36 ? 107 TRP A CE2 1 
ATOM   684  C  CE3 . TRP A 1 110 ? -14.926 -15.920 0.371   1.00 102.50 ? 107 TRP A CE3 1 
ATOM   685  C  CZ2 . TRP A 1 110 ? -14.482 -16.340 -2.395  1.00 101.69 ? 107 TRP A CZ2 1 
ATOM   686  C  CZ3 . TRP A 1 110 ? -15.789 -15.421 -0.578  1.00 101.30 ? 107 TRP A CZ3 1 
ATOM   687  C  CH2 . TRP A 1 110 ? -15.569 -15.630 -1.941  1.00 101.05 ? 107 TRP A CH2 1 
ATOM   688  N  N   . ASN A 1 111 ? -12.902 -20.376 1.049   1.00 111.79 ? 108 ASN A N   1 
ATOM   689  C  CA  . ASN A 1 111 ? -12.473 -21.436 0.086   1.00 114.64 ? 108 ASN A CA  1 
ATOM   690  C  C   . ASN A 1 111 ? -12.830 -22.830 0.624   1.00 116.85 ? 108 ASN A C   1 
ATOM   691  O  O   . ASN A 1 111 ? -13.080 -23.720 -0.216  1.00 119.36 ? 108 ASN A O   1 
ATOM   692  C  CB  . ASN A 1 111 ? -11.013 -21.302 -0.379  1.00 117.13 ? 108 ASN A CB  1 
ATOM   693  C  CG  . ASN A 1 111 ? -9.962  -21.664 0.654   1.00 119.54 ? 108 ASN A CG  1 
ATOM   694  O  OD1 . ASN A 1 111 ? -9.941  -22.780 1.170   1.00 118.11 ? 108 ASN A OD1 1 
ATOM   695  N  ND2 . ASN A 1 111 ? -9.059  -20.739 0.935   1.00 122.66 ? 108 ASN A ND2 1 
ATOM   696  N  N   . LYS A 1 112 ? -12.859 -23.021 1.949   1.00 115.82 ? 109 LYS A N   1 
ATOM   697  C  CA  . LYS A 1 112 ? -13.397 -24.246 2.606   1.00 114.51 ? 109 LYS A CA  1 
ATOM   698  C  C   . LYS A 1 112 ? -14.779 -23.940 3.203   1.00 113.42 ? 109 LYS A C   1 
ATOM   699  O  O   . LYS A 1 112 ? -15.347 -24.841 3.852   1.00 118.73 ? 109 LYS A O   1 
ATOM   700  C  CB  . LYS A 1 112 ? -12.416 -24.761 3.665   1.00 115.12 ? 109 LYS A CB  1 
ATOM   701  C  CG  . LYS A 1 112 ? -11.107 -25.310 3.110   1.00 113.79 ? 109 LYS A CG  1 
ATOM   702  C  CD  . LYS A 1 112 ? -10.124 -25.750 4.169   1.00 112.30 ? 109 LYS A CD  1 
ATOM   703  C  CE  . LYS A 1 112 ? -8.791  -26.172 3.586   1.00 112.70 ? 109 LYS A CE  1 
ATOM   704  N  NZ  . LYS A 1 112 ? -7.851  -26.624 4.638   1.00 113.89 ? 109 LYS A NZ  1 
ATOM   705  N  N   . ASP A 1 113 ? -15.299 -22.726 2.982   1.00 109.09 ? 110 ASP A N   1 
ATOM   706  C  CA  . ASP A 1 113 ? -16.660 -22.298 3.407   1.00 106.35 ? 110 ASP A CA  1 
ATOM   707  C  C   . ASP A 1 113 ? -17.696 -22.886 2.442   1.00 105.40 ? 110 ASP A C   1 
ATOM   708  O  O   . ASP A 1 113 ? -17.351 -23.094 1.260   1.00 103.36 ? 110 ASP A O   1 
ATOM   709  C  CB  . ASP A 1 113 ? -16.784 -20.771 3.460   1.00 105.22 ? 110 ASP A CB  1 
ATOM   710  C  CG  . ASP A 1 113 ? -16.132 -20.119 4.668   1.00 104.24 ? 110 ASP A CG  1 
ATOM   711  O  OD1 . ASP A 1 113 ? -15.800 -18.922 4.574   1.00 102.91 ? 110 ASP A OD1 1 
ATOM   712  O  OD2 . ASP A 1 113 ? -15.970 -20.806 5.696   1.00 105.10 ? 110 ASP A OD2 1 
ATOM   713  N  N   . ILE A 1 114 ? -18.915 -23.136 2.936   1.00 104.65 ? 111 ILE A N   1 
ATOM   714  C  CA  . ILE A 1 114 ? -20.076 -23.637 2.139   1.00 104.37 ? 111 ILE A CA  1 
ATOM   715  C  C   . ILE A 1 114 ? -20.687 -22.450 1.379   1.00 103.56 ? 111 ILE A C   1 
ATOM   716  O  O   . ILE A 1 114 ? -20.951 -22.598 0.169   1.00 105.24 ? 111 ILE A O   1 
ATOM   717  C  CB  . ILE A 1 114 ? -21.114 -24.349 3.037   1.00 102.56 ? 111 ILE A CB  1 
ATOM   718  C  CG1 . ILE A 1 114 ? -20.498 -25.520 3.810   1.00 100.31 ? 111 ILE A CG1 1 
ATOM   719  C  CG2 . ILE A 1 114 ? -22.321 -24.796 2.222   1.00 99.73  ? 111 ILE A CG2 1 
ATOM   720  C  CD1 . ILE A 1 114 ? -21.355 -26.031 4.948   1.00 98.74  ? 111 ILE A CD1 1 
ATOM   721  N  N   . LYS A 1 115 ? -20.899 -21.327 2.076   1.00 101.65 ? 112 LYS A N   1 
ATOM   722  C  CA  . LYS A 1 115 ? -21.453 -20.056 1.531   1.00 102.51 ? 112 LYS A CA  1 
ATOM   723  C  C   . LYS A 1 115 ? -20.282 -19.151 1.117   1.00 101.63 ? 112 LYS A C   1 
ATOM   724  O  O   . LYS A 1 115 ? -19.620 -18.608 2.024   1.00 104.41 ? 112 LYS A O   1 
ATOM   725  C  CB  . LYS A 1 115 ? -22.352 -19.410 2.593   1.00 103.63 ? 112 LYS A CB  1 
ATOM   726  C  CG  . LYS A 1 115 ? -22.829 -17.993 2.302   1.00 107.49 ? 112 LYS A CG  1 
ATOM   727  C  CD  . LYS A 1 115 ? -23.733 -17.436 3.387   1.00 108.86 ? 112 LYS A CD  1 
ATOM   728  C  CE  . LYS A 1 115 ? -23.862 -15.927 3.349   1.00 109.41 ? 112 LYS A CE  1 
ATOM   729  N  NZ  . LYS A 1 115 ? -22.633 -15.251 3.828   1.00 110.91 ? 112 LYS A NZ  1 
ATOM   730  N  N   . GLN A 1 116 ? -20.035 -18.991 -0.191  1.00 98.80  ? 113 GLN A N   1 
ATOM   731  C  CA  . GLN A 1 116 ? -18.787 -18.367 -0.718  1.00 95.00  ? 113 GLN A CA  1 
ATOM   732  C  C   . GLN A 1 116 ? -19.096 -17.106 -1.545  1.00 88.43  ? 113 GLN A C   1 
ATOM   733  O  O   . GLN A 1 116 ? -18.415 -16.098 -1.304  1.00 84.81  ? 113 GLN A O   1 
ATOM   734  C  CB  . GLN A 1 116 ? -17.935 -19.404 -1.462  1.00 97.39  ? 113 GLN A CB  1 
ATOM   735  C  CG  . GLN A 1 116 ? -18.499 -19.879 -2.796  1.00 99.00  ? 113 GLN A CG  1 
ATOM   736  C  CD  . GLN A 1 116 ? -19.472 -21.029 -2.683  1.00 97.94  ? 113 GLN A CD  1 
ATOM   737  O  OE1 . GLN A 1 116 ? -19.169 -22.067 -2.098  1.00 95.36  ? 113 GLN A OE1 1 
ATOM   738  N  NE2 . GLN A 1 116 ? -20.647 -20.861 -3.272  1.00 96.42  ? 113 GLN A NE2 1 
ATOM   739  N  N   . PHE A 1 117 ? -20.065 -17.132 -2.470  1.00 85.91  ? 114 PHE A N   1 
ATOM   740  C  CA  . PHE A 1 117 ? -20.410 -15.979 -3.352  1.00 83.89  ? 114 PHE A CA  1 
ATOM   741  C  C   . PHE A 1 117 ? -21.882 -15.581 -3.166  1.00 86.73  ? 114 PHE A C   1 
ATOM   742  O  O   . PHE A 1 117 ? -22.710 -16.440 -2.795  1.00 88.82  ? 114 PHE A O   1 
ATOM   743  C  CB  . PHE A 1 117 ? -20.120 -16.289 -4.826  1.00 80.29  ? 114 PHE A CB  1 
ATOM   744  C  CG  . PHE A 1 117 ? -18.657 -16.406 -5.184  1.00 75.96  ? 114 PHE A CG  1 
ATOM   745  C  CD1 . PHE A 1 117 ? -18.042 -17.648 -5.250  1.00 74.35  ? 114 PHE A CD1 1 
ATOM   746  C  CD2 . PHE A 1 117 ? -17.893 -15.283 -5.465  1.00 73.89  ? 114 PHE A CD2 1 
ATOM   747  C  CE1 . PHE A 1 117 ? -16.700 -17.763 -5.576  1.00 70.67  ? 114 PHE A CE1 1 
ATOM   748  C  CE2 . PHE A 1 117 ? -16.549 -15.400 -5.790  1.00 72.09  ? 114 PHE A CE2 1 
ATOM   749  C  CZ  . PHE A 1 117 ? -15.955 -16.639 -5.844  1.00 71.57  ? 114 PHE A CZ  1 
ATOM   750  N  N   . GLU A 1 118 ? -22.180 -14.299 -3.410  1.00 86.31  ? 115 GLU A N   1 
ATOM   751  C  CA  . GLU A 1 118 ? -23.549 -13.713 -3.437  1.00 85.82  ? 115 GLU A CA  1 
ATOM   752  C  C   . GLU A 1 118 ? -23.807 -13.167 -4.847  1.00 88.24  ? 115 GLU A C   1 
ATOM   753  O  O   . GLU A 1 118 ? -23.081 -12.242 -5.266  1.00 84.03  ? 115 GLU A O   1 
ATOM   754  C  CB  . GLU A 1 118 ? -23.691 -12.613 -2.380  1.00 84.98  ? 115 GLU A CB  1 
ATOM   755  C  CG  . GLU A 1 118 ? -23.840 -13.137 -0.961  1.00 84.84  ? 115 GLU A CG  1 
ATOM   756  C  CD  . GLU A 1 118 ? -23.668 -12.093 0.133   1.00 85.21  ? 115 GLU A CD  1 
ATOM   757  O  OE1 . GLU A 1 118 ? -23.258 -12.471 1.249   1.00 84.91  ? 115 GLU A OE1 1 
ATOM   758  O  OE2 . GLU A 1 118 ? -23.942 -10.903 -0.128  1.00 83.34  ? 115 GLU A OE2 1 
ATOM   759  N  N   . ASN A 1 119 ? -24.797 -13.729 -5.547  1.00 89.06  ? 116 ASN A N   1 
ATOM   760  C  CA  . ASN A 1 119 ? -25.064 -13.468 -6.987  1.00 87.13  ? 116 ASN A CA  1 
ATOM   761  C  C   . ASN A 1 119 ? -26.278 -12.546 -7.132  1.00 88.51  ? 116 ASN A C   1 
ATOM   762  O  O   . ASN A 1 119 ? -27.323 -12.841 -6.516  1.00 85.50  ? 116 ASN A O   1 
ATOM   763  C  CB  . ASN A 1 119 ? -25.280 -14.772 -7.758  1.00 86.40  ? 116 ASN A CB  1 
ATOM   764  C  CG  . ASN A 1 119 ? -24.081 -15.694 -7.682  1.00 86.88  ? 116 ASN A CG  1 
ATOM   765  O  OD1 . ASN A 1 119 ? -22.955 -15.278 -7.950  1.00 84.59  ? 116 ASN A OD1 1 
ATOM   766  N  ND2 . ASN A 1 119 ? -24.312 -16.945 -7.318  1.00 84.70  ? 116 ASN A ND2 1 
ATOM   767  N  N   . SER A 1 120 ? -26.126 -11.475 -7.919  1.00 89.81  ? 117 SER A N   1 
ATOM   768  C  CA  . SER A 1 120 ? -27.208 -10.558 -8.361  1.00 90.86  ? 117 SER A CA  1 
ATOM   769  C  C   . SER A 1 120 ? -27.840 -11.118 -9.644  1.00 92.72  ? 117 SER A C   1 
ATOM   770  O  O   . SER A 1 120 ? -27.632 -12.320 -9.921  1.00 90.90  ? 117 SER A O   1 
ATOM   771  C  CB  . SER A 1 120 ? -26.674 -9.154  -8.546  1.00 91.62  ? 117 SER A CB  1 
ATOM   772  O  OG  . SER A 1 120 ? -27.720 -8.235  -8.810  1.00 92.74  ? 117 SER A OG  1 
ATOM   773  N  N   . ARG A 1 121 ? -28.588 -10.293 -10.387 1.00 93.10  ? 118 ARG A N   1 
ATOM   774  C  CA  . ARG A 1 121 ? -29.275 -10.685 -11.650 1.00 91.86  ? 118 ARG A CA  1 
ATOM   775  C  C   . ARG A 1 121 ? -28.356 -10.412 -12.849 1.00 88.79  ? 118 ARG A C   1 
ATOM   776  O  O   . ARG A 1 121 ? -28.354 -11.243 -13.777 1.00 86.24  ? 118 ARG A O   1 
ATOM   777  C  CB  . ARG A 1 121 ? -30.614 -9.952  -11.797 1.00 93.38  ? 118 ARG A CB  1 
ATOM   778  C  CG  . ARG A 1 121 ? -31.717 -10.451 -10.872 1.00 94.97  ? 118 ARG A CG  1 
ATOM   779  C  CD  . ARG A 1 121 ? -32.051 -11.920 -11.080 1.00 95.74  ? 118 ARG A CD  1 
ATOM   780  N  NE  . ARG A 1 121 ? -31.233 -12.811 -10.258 1.00 98.10  ? 118 ARG A NE  1 
ATOM   781  C  CZ  . ARG A 1 121 ? -31.008 -14.104 -10.502 1.00 98.80  ? 118 ARG A CZ  1 
ATOM   782  N  NH1 . ARG A 1 121 ? -30.246 -14.805 -9.677  1.00 96.99  ? 118 ARG A NH1 1 
ATOM   783  N  NH2 . ARG A 1 121 ? -31.533 -14.698 -11.562 1.00 98.59  ? 118 ARG A NH2 1 
ATOM   784  N  N   . LYS A 1 122 ? -27.607 -9.302  -12.824 1.00 86.10  ? 119 LYS A N   1 
ATOM   785  C  CA  . LYS A 1 122 ? -26.729 -8.854  -13.941 1.00 86.50  ? 119 LYS A CA  1 
ATOM   786  C  C   . LYS A 1 122 ? -25.300 -8.613  -13.433 1.00 82.34  ? 119 LYS A C   1 
ATOM   787  O  O   . LYS A 1 122 ? -24.545 -7.882  -14.114 1.00 82.98  ? 119 LYS A O   1 
ATOM   788  C  CB  . LYS A 1 122 ? -27.320 -7.599  -14.594 1.00 89.84  ? 119 LYS A CB  1 
ATOM   789  C  CG  . LYS A 1 122 ? -28.485 -7.852  -15.541 1.00 90.48  ? 119 LYS A CG  1 
ATOM   790  C  CD  . LYS A 1 122 ? -28.060 -8.450  -16.869 1.00 92.38  ? 119 LYS A CD  1 
ATOM   791  C  CE  . LYS A 1 122 ? -29.218 -8.972  -17.693 1.00 92.98  ? 119 LYS A CE  1 
ATOM   792  N  NZ  . LYS A 1 122 ? -28.748 -9.767  -18.853 1.00 92.42  ? 119 LYS A NZ  1 
ATOM   793  N  N   . ASP A 1 123 ? -24.927 -9.224  -12.303 1.00 74.96  ? 120 ASP A N   1 
ATOM   794  C  CA  . ASP A 1 123 ? -23.563 -9.100  -11.721 1.00 72.11  ? 120 ASP A CA  1 
ATOM   795  C  C   . ASP A 1 123 ? -23.358 -10.162 -10.633 1.00 67.85  ? 120 ASP A C   1 
ATOM   796  O  O   . ASP A 1 123 ? -24.365 -10.742 -10.170 1.00 66.95  ? 120 ASP A O   1 
ATOM   797  C  CB  . ASP A 1 123 ? -23.323 -7.689  -11.178 1.00 71.02  ? 120 ASP A CB  1 
ATOM   798  C  CG  . ASP A 1 123 ? -21.921 -7.171  -11.444 1.00 72.89  ? 120 ASP A CG  1 
ATOM   799  O  OD1 . ASP A 1 123 ? -21.680 -6.667  -12.568 1.00 67.93  ? 120 ASP A OD1 1 
ATOM   800  O  OD2 . ASP A 1 123 ? -21.077 -7.292  -10.535 1.00 73.14  ? 120 ASP A OD2 1 
ATOM   801  N  N   . SER A 1 124 ? -22.095 -10.405 -10.258 1.00 61.89  ? 121 SER A N   1 
ATOM   802  C  CA  . SER A 1 124 ? -21.677 -11.336 -9.177  1.00 57.87  ? 121 SER A CA  1 
ATOM   803  C  C   . SER A 1 124 ? -20.670 -10.633 -8.258  1.00 58.50  ? 121 SER A C   1 
ATOM   804  O  O   . SER A 1 124 ? -19.895 -9.789  -8.754  1.00 59.00  ? 121 SER A O   1 
ATOM   805  C  CB  . SER A 1 124 ? -21.119 -12.622 -9.738  1.00 56.69  ? 121 SER A CB  1 
ATOM   806  O  OG  . SER A 1 124 ? -22.153 -13.402 -10.331 1.00 50.15  ? 121 SER A OG  1 
ATOM   807  N  N   . GLU A 1 125 ? -20.704 -10.972 -6.967  1.00 56.80  ? 122 GLU A N   1 
ATOM   808  C  CA  . GLU A 1 125 ? -19.906 -10.328 -5.891  1.00 57.54  ? 122 GLU A CA  1 
ATOM   809  C  C   . GLU A 1 125 ? -19.385 -11.411 -4.945  1.00 57.51  ? 122 GLU A C   1 
ATOM   810  O  O   . GLU A 1 125 ? -20.011 -12.483 -4.862  1.00 59.02  ? 122 GLU A O   1 
ATOM   811  C  CB  . GLU A 1 125 ? -20.750 -9.324  -5.098  1.00 56.55  ? 122 GLU A CB  1 
ATOM   812  C  CG  . GLU A 1 125 ? -21.254 -8.152  -5.925  1.00 57.24  ? 122 GLU A CG  1 
ATOM   813  C  CD  . GLU A 1 125 ? -20.167 -7.253  -6.490  1.00 58.26  ? 122 GLU A CD  1 
ATOM   814  O  OE1 . GLU A 1 125 ? -19.137 -7.073  -5.811  1.00 63.68  ? 122 GLU A OE1 1 
ATOM   815  O  OE2 . GLU A 1 125 ? -20.350 -6.731  -7.612  1.00 58.67  ? 122 GLU A OE2 1 
ATOM   816  N  N   . VAL A 1 126 ? -18.280 -11.120 -4.260  1.00 56.40  ? 123 VAL A N   1 
ATOM   817  C  CA  . VAL A 1 126 ? -17.774 -11.909 -3.100  1.00 56.56  ? 123 VAL A CA  1 
ATOM   818  C  C   . VAL A 1 126 ? -18.768 -11.715 -1.943  1.00 55.15  ? 123 VAL A C   1 
ATOM   819  O  O   . VAL A 1 126 ? -19.326 -10.610 -1.838  1.00 51.19  ? 123 VAL A O   1 
ATOM   820  C  CB  . VAL A 1 126 ? -16.339 -11.471 -2.739  1.00 56.96  ? 123 VAL A CB  1 
ATOM   821  C  CG1 . VAL A 1 126 ? -15.864 -12.043 -1.414  1.00 57.26  ? 123 VAL A CG1 1 
ATOM   822  C  CG2 . VAL A 1 126 ? -15.360 -11.820 -3.853  1.00 55.00  ? 123 VAL A CG2 1 
ATOM   823  N  N   . ALA A 1 127 ? -18.990 -12.754 -1.129  1.00 54.94  ? 124 ALA A N   1 
ATOM   824  C  CA  . ALA A 1 127 ? -19.910 -12.735 0.038   1.00 59.67  ? 124 ALA A CA  1 
ATOM   825  C  C   . ALA A 1 127 ? -19.487 -11.609 0.993   1.00 60.50  ? 124 ALA A C   1 
ATOM   826  O  O   . ALA A 1 127 ? -18.279 -11.520 1.288   1.00 58.18  ? 124 ALA A O   1 
ATOM   827  C  CB  . ALA A 1 127 ? -19.921 -14.080 0.728   1.00 59.08  ? 124 ALA A CB  1 
ATOM   828  N  N   . LYS A 1 128 ? -20.445 -10.778 1.429   1.00 62.29  ? 125 LYS A N   1 
ATOM   829  C  CA  . LYS A 1 128 ? -20.207 -9.532  2.212   1.00 64.27  ? 125 LYS A CA  1 
ATOM   830  C  C   . LYS A 1 128 ? -19.287 -9.849  3.394   1.00 61.48  ? 125 LYS A C   1 
ATOM   831  O  O   . LYS A 1 128 ? -19.489 -10.897 4.035   1.00 56.36  ? 125 LYS A O   1 
ATOM   832  C  CB  . LYS A 1 128 ? -21.530 -8.924  2.693   1.00 67.74  ? 125 LYS A CB  1 
ATOM   833  C  CG  . LYS A 1 128 ? -22.376 -8.293  1.596   1.00 73.42  ? 125 LYS A CG  1 
ATOM   834  C  CD  . LYS A 1 128 ? -23.686 -7.709  2.082   1.00 75.55  ? 125 LYS A CD  1 
ATOM   835  C  CE  . LYS A 1 128 ? -24.570 -7.240  0.945   1.00 78.00  ? 125 LYS A CE  1 
ATOM   836  N  NZ  . LYS A 1 128 ? -25.860 -6.703  1.440   1.00 81.99  ? 125 LYS A NZ  1 
ATOM   837  N  N   . HIS A 1 129 ? -18.295 -8.987  3.637   1.00 59.44  ? 126 HIS A N   1 
ATOM   838  C  CA  . HIS A 1 129 ? -17.303 -9.121  4.737   1.00 58.12  ? 126 HIS A CA  1 
ATOM   839  C  C   . HIS A 1 129 ? -16.693 -7.754  5.030   1.00 54.81  ? 126 HIS A C   1 
ATOM   840  O  O   . HIS A 1 129 ? -16.683 -6.883  4.162   1.00 50.12  ? 126 HIS A O   1 
ATOM   841  C  CB  . HIS A 1 129 ? -16.241 -10.173 4.381   1.00 61.09  ? 126 HIS A CB  1 
ATOM   842  C  CG  . HIS A 1 129 ? -15.420 -9.832  3.181   1.00 62.26  ? 126 HIS A CG  1 
ATOM   843  N  ND1 . HIS A 1 129 ? -15.836 -10.116 1.889   1.00 62.80  ? 126 HIS A ND1 1 
ATOM   844  C  CD2 . HIS A 1 129 ? -14.204 -9.249  3.068   1.00 63.28  ? 126 HIS A CD2 1 
ATOM   845  C  CE1 . HIS A 1 129 ? -14.914 -9.712  1.036   1.00 62.50  ? 126 HIS A CE1 1 
ATOM   846  N  NE2 . HIS A 1 129 ? -13.903 -9.179  1.736   1.00 61.71  ? 126 HIS A NE2 1 
ATOM   847  N  N   . PRO A 1 130 ? -16.169 -7.524  6.257   1.00 52.69  ? 127 PRO A N   1 
ATOM   848  C  CA  . PRO A 1 130 ? -15.515 -6.261  6.581   1.00 51.82  ? 127 PRO A CA  1 
ATOM   849  C  C   . PRO A 1 130 ? -14.120 -6.234  5.967   1.00 49.07  ? 127 PRO A C   1 
ATOM   850  O  O   . PRO A 1 130 ? -13.529 -7.287  5.728   1.00 47.62  ? 127 PRO A O   1 
ATOM   851  C  CB  . PRO A 1 130 ? -15.472 -6.268  8.118   1.00 52.47  ? 127 PRO A CB  1 
ATOM   852  C  CG  . PRO A 1 130 ? -15.382 -7.735  8.472   1.00 53.99  ? 127 PRO A CG  1 
ATOM   853  C  CD  . PRO A 1 130 ? -16.168 -8.458  7.395   1.00 53.84  ? 127 PRO A CD  1 
ATOM   854  N  N   . PRO A 1 131 ? -13.546 -5.041  5.694   1.00 46.69  ? 128 PRO A N   1 
ATOM   855  C  CA  . PRO A 1 131 ? -12.200 -4.961  5.142   1.00 45.59  ? 128 PRO A CA  1 
ATOM   856  C  C   . PRO A 1 131 ? -11.189 -5.542  6.140   1.00 43.76  ? 128 PRO A C   1 
ATOM   857  O  O   . PRO A 1 131 ? -11.425 -5.464  7.340   1.00 40.11  ? 128 PRO A O   1 
ATOM   858  C  CB  . PRO A 1 131 ? -11.961 -3.462  4.891   1.00 45.60  ? 128 PRO A CB  1 
ATOM   859  C  CG  . PRO A 1 131 ? -13.328 -2.812  5.027   1.00 46.11  ? 128 PRO A CG  1 
ATOM   860  C  CD  . PRO A 1 131 ? -14.134 -3.714  5.938   1.00 44.92  ? 128 PRO A CD  1 
ATOM   861  N  N   . ARG A 1 132 ? -10.127 -6.156  5.616   1.00 41.32  ? 129 ARG A N   1 
ATOM   862  C  CA  . ARG A 1 132 ? -8.936  -6.568  6.401   1.00 41.81  ? 129 ARG A CA  1 
ATOM   863  C  C   . ARG A 1 132 ? -8.219  -5.317  6.914   1.00 39.52  ? 129 ARG A C   1 
ATOM   864  O  O   . ARG A 1 132 ? -7.898  -5.284  8.105   1.00 34.52  ? 129 ARG A O   1 
ATOM   865  C  CB  . ARG A 1 132 ? -7.938  -7.346  5.543   1.00 42.79  ? 129 ARG A CB  1 
ATOM   866  C  CG  . ARG A 1 132 ? -8.231  -8.830  5.434   1.00 46.63  ? 129 ARG A CG  1 
ATOM   867  C  CD  . ARG A 1 132 ? -6.992  -9.545  4.957   1.00 48.63  ? 129 ARG A CD  1 
ATOM   868  N  NE  . ARG A 1 132 ? -7.277  -10.842 4.374   1.00 51.47  ? 129 ARG A NE  1 
ATOM   869  C  CZ  . ARG A 1 132 ? -6.412  -11.555 3.664   1.00 52.89  ? 129 ARG A CZ  1 
ATOM   870  N  NH1 . ARG A 1 132 ? -5.190  -11.096 3.434   1.00 51.77  ? 129 ARG A NH1 1 
ATOM   871  N  NH2 . ARG A 1 132 ? -6.778  -12.726 3.175   1.00 54.70  ? 129 ARG A NH2 1 
ATOM   872  N  N   . THR A 1 133 ? -7.996  -4.350  6.018   1.00 37.92  ? 130 THR A N   1 
ATOM   873  C  CA  . THR A 1 133 ? -7.088  -3.187  6.209   1.00 36.12  ? 130 THR A CA  1 
ATOM   874  C  C   . THR A 1 133 ? -7.682  -1.943  5.556   1.00 36.96  ? 130 THR A C   1 
ATOM   875  O  O   . THR A 1 133 ? -8.181  -2.046  4.435   1.00 34.62  ? 130 THR A O   1 
ATOM   876  C  CB  . THR A 1 133 ? -5.702  -3.454  5.611   1.00 36.59  ? 130 THR A CB  1 
ATOM   877  O  OG1 . THR A 1 133 ? -5.234  -4.676  6.179   1.00 39.48  ? 130 THR A OG1 1 
ATOM   878  C  CG2 . THR A 1 133 ? -4.701  -2.345  5.867   1.00 37.37  ? 130 THR A CG2 1 
ATOM   879  N  N   . GLU A 1 134 ? -7.565  -0.806  6.241   1.00 32.58  ? 131 GLU A N   1 
ATOM   880  C  CA  . GLU A 1 134 ? -7.918  0.542   5.749   1.00 35.17  ? 131 GLU A CA  1 
ATOM   881  C  C   . GLU A 1 134 ? -6.602  1.303   5.564   1.00 32.83  ? 131 GLU A C   1 
ATOM   882  O  O   . GLU A 1 134 ? -5.924  1.497   6.582   1.00 36.62  ? 131 GLU A O   1 
ATOM   883  C  CB  . GLU A 1 134 ? -8.853  1.168   6.782   1.00 33.67  ? 131 GLU A CB  1 
ATOM   884  C  CG  . GLU A 1 134 ? -9.311  2.574   6.461   1.00 38.65  ? 131 GLU A CG  1 
ATOM   885  C  CD  . GLU A 1 134 ? -10.089 3.199   7.613   1.00 40.57  ? 131 GLU A CD  1 
ATOM   886  O  OE1 . GLU A 1 134 ? -11.152 2.626   7.977   1.00 40.66  ? 131 GLU A OE1 1 
ATOM   887  O  OE2 . GLU A 1 134 ? -9.605  4.231   8.181   1.00 36.77  ? 131 GLU A OE2 1 
ATOM   888  N  N   . PHE A 1 135 ? -6.227  1.644   4.326   1.00 31.63  ? 132 PHE A N   1 
ATOM   889  C  CA  . PHE A 1 135 ? -4.962  2.341   3.984   1.00 30.33  ? 132 PHE A CA  1 
ATOM   890  C  C   . PHE A 1 135 ? -5.214  3.843   3.841   1.00 33.26  ? 132 PHE A C   1 
ATOM   891  O  O   . PHE A 1 135 ? -6.177  4.252   3.168   1.00 28.74  ? 132 PHE A O   1 
ATOM   892  C  CB  . PHE A 1 135 ? -4.364  1.819   2.678   1.00 30.07  ? 132 PHE A CB  1 
ATOM   893  C  CG  . PHE A 1 135 ? -4.061  0.342   2.658   1.00 31.55  ? 132 PHE A CG  1 
ATOM   894  C  CD1 . PHE A 1 135 ? -2.793  -0.123  2.959   1.00 32.61  ? 132 PHE A CD1 1 
ATOM   895  C  CD2 . PHE A 1 135 ? -5.033  -0.579  2.295   1.00 31.11  ? 132 PHE A CD2 1 
ATOM   896  C  CE1 . PHE A 1 135 ? -2.509  -1.481  2.928   1.00 35.84  ? 132 PHE A CE1 1 
ATOM   897  C  CE2 . PHE A 1 135 ? -4.747  -1.935  2.257   1.00 30.83  ? 132 PHE A CE2 1 
ATOM   898  C  CZ  . PHE A 1 135 ? -3.485  -2.383  2.575   1.00 32.30  ? 132 PHE A CZ  1 
ATOM   899  N  N   . HIS A 1 136 ? -4.372  4.642   4.489   1.00 28.96  ? 133 HIS A N   1 
ATOM   900  C  CA  . HIS A 1 136 ? -4.284  6.109   4.307   1.00 28.19  ? 133 HIS A CA  1 
ATOM   901  C  C   . HIS A 1 136 ? -2.998  6.403   3.528   1.00 29.23  ? 133 HIS A C   1 
ATOM   902  O  O   . HIS A 1 136 ? -1.891  6.298   4.122   1.00 26.49  ? 133 HIS A O   1 
ATOM   903  C  CB  . HIS A 1 136 ? -4.354  6.818   5.667   1.00 27.80  ? 133 HIS A CB  1 
ATOM   904  C  CG  . HIS A 1 136 ? -5.647  6.631   6.385   1.00 28.78  ? 133 HIS A CG  1 
ATOM   905  N  ND1 . HIS A 1 136 ? -6.575  7.631   6.504   1.00 28.55  ? 133 HIS A ND1 1 
ATOM   906  C  CD2 . HIS A 1 136 ? -6.172  5.554   7.010   1.00 29.17  ? 133 HIS A CD2 1 
ATOM   907  C  CE1 . HIS A 1 136 ? -7.607  7.198   7.192   1.00 29.46  ? 133 HIS A CE1 1 
ATOM   908  N  NE2 . HIS A 1 136 ? -7.379  5.923   7.520   1.00 28.47  ? 133 HIS A NE2 1 
ATOM   909  N  N   . PHE A 1 137 ? -3.128  6.737   2.244   1.00 26.15  ? 134 PHE A N   1 
ATOM   910  C  CA  . PHE A 1 137 ? -1.987  6.981   1.326   1.00 29.07  ? 134 PHE A CA  1 
ATOM   911  C  C   . PHE A 1 137 ? -1.742  8.476   1.145   1.00 29.85  ? 134 PHE A C   1 
ATOM   912  O  O   . PHE A 1 137 ? -2.704  9.277   1.028   1.00 30.03  ? 134 PHE A O   1 
ATOM   913  C  CB  . PHE A 1 137 ? -2.181  6.253   -0.010  1.00 30.43  ? 134 PHE A CB  1 
ATOM   914  C  CG  . PHE A 1 137 ? -1.574  4.878   0.021   1.00 30.77  ? 134 PHE A CG  1 
ATOM   915  C  CD1 . PHE A 1 137 ? -0.203  4.717   -0.111  1.00 33.86  ? 134 PHE A CD1 1 
ATOM   916  C  CD2 . PHE A 1 137 ? -2.346  3.764   0.320   1.00 31.59  ? 134 PHE A CD2 1 
ATOM   917  C  CE1 . PHE A 1 137 ? 0.371   3.458   -0.020  1.00 32.37  ? 134 PHE A CE1 1 
ATOM   918  C  CE2 . PHE A 1 137 ? -1.772  2.510   0.395   1.00 32.06  ? 134 PHE A CE2 1 
ATOM   919  C  CZ  . PHE A 1 137 ? -0.416  2.360   0.227   1.00 33.78  ? 134 PHE A CZ  1 
ATOM   920  N  N   . TYR A 1 138 ? -0.455  8.822   1.103   1.00 28.58  ? 135 TYR A N   1 
ATOM   921  C  CA  . TYR A 1 138 ? 0.074   10.155  0.761   1.00 26.80  ? 135 TYR A CA  1 
ATOM   922  C  C   . TYR A 1 138 ? 1.005   10.029  -0.432  1.00 26.38  ? 135 TYR A C   1 
ATOM   923  O  O   . TYR A 1 138 ? 1.692   8.984   -0.541  1.00 28.19  ? 135 TYR A O   1 
ATOM   924  C  CB  . TYR A 1 138 ? 0.808   10.739  1.972   1.00 28.00  ? 135 TYR A CB  1 
ATOM   925  C  CG  . TYR A 1 138 ? -0.143  10.952  3.116   1.00 26.25  ? 135 TYR A CG  1 
ATOM   926  C  CD1 . TYR A 1 138 ? -0.897  12.110  3.203   1.00 24.54  ? 135 TYR A CD1 1 
ATOM   927  C  CD2 . TYR A 1 138 ? -0.336  9.970   4.068   1.00 27.20  ? 135 TYR A CD2 1 
ATOM   928  C  CE1 . TYR A 1 138 ? -1.796  12.307  4.229   1.00 25.92  ? 135 TYR A CE1 1 
ATOM   929  C  CE2 . TYR A 1 138 ? -1.252  10.139  5.090   1.00 27.41  ? 135 TYR A CE2 1 
ATOM   930  C  CZ  . TYR A 1 138 ? -1.988  11.309  5.165   1.00 24.25  ? 135 TYR A CZ  1 
ATOM   931  O  OH  . TYR A 1 138 ? -2.862  11.509  6.180   1.00 29.06  ? 135 TYR A OH  1 
ATOM   932  N  N   . GLU A 1 139 ? 1.027   11.067  -1.266  1.00 26.85  ? 136 GLU A N   1 
ATOM   933  C  CA  . GLU A 1 139 ? 2.031   11.269  -2.335  1.00 28.40  ? 136 GLU A CA  1 
ATOM   934  C  C   . GLU A 1 139 ? 3.237   11.997  -1.740  1.00 29.84  ? 136 GLU A C   1 
ATOM   935  O  O   . GLU A 1 139 ? 3.039   13.037  -1.108  1.00 28.15  ? 136 GLU A O   1 
ATOM   936  C  CB  . GLU A 1 139 ? 1.471   12.081  -3.496  1.00 30.81  ? 136 GLU A CB  1 
ATOM   937  C  CG  . GLU A 1 139 ? 2.363   12.082  -4.720  1.00 33.25  ? 136 GLU A CG  1 
ATOM   938  C  CD  . GLU A 1 139 ? 1.811   12.938  -5.838  1.00 37.18  ? 136 GLU A CD  1 
ATOM   939  O  OE1 . GLU A 1 139 ? 2.552   13.819  -6.333  1.00 34.60  ? 136 GLU A OE1 1 
ATOM   940  O  OE2 . GLU A 1 139 ? 0.640   12.717  -6.210  1.00 33.93  ? 136 GLU A OE2 1 
ATOM   941  N  N   . LEU A 1 140 ? 4.423   11.454  -1.984  1.00 30.62  ? 137 LEU A N   1 
ATOM   942  C  CA  . LEU A 1 140 ? 5.713   12.000  -1.499  1.00 31.64  ? 137 LEU A CA  1 
ATOM   943  C  C   . LEU A 1 140 ? 6.567   12.324  -2.727  1.00 34.57  ? 137 LEU A C   1 
ATOM   944  O  O   . LEU A 1 140 ? 6.532   11.542  -3.684  1.00 32.41  ? 137 LEU A O   1 
ATOM   945  C  CB  . LEU A 1 140 ? 6.339   10.956  -0.577  1.00 33.68  ? 137 LEU A CB  1 
ATOM   946  C  CG  . LEU A 1 140 ? 7.712   11.299  0.009   1.00 33.38  ? 137 LEU A CG  1 
ATOM   947  C  CD1 . LEU A 1 140 ? 7.784   10.862  1.463   1.00 40.43  ? 137 LEU A CD1 1 
ATOM   948  C  CD2 . LEU A 1 140 ? 8.826   10.641  -0.795  1.00 36.15  ? 137 LEU A CD2 1 
ATOM   949  N  N   . GLU A 1 141 ? 7.262   13.457  -2.720  1.00 32.41  ? 138 GLU A N   1 
ATOM   950  C  CA  . GLU A 1 141 ? 8.295   13.772  -3.735  1.00 36.55  ? 138 GLU A CA  1 
ATOM   951  C  C   . GLU A 1 141 ? 9.626   13.295  -3.159  1.00 34.60  ? 138 GLU A C   1 
ATOM   952  O  O   . GLU A 1 141 ? 10.004  13.766  -2.072  1.00 32.60  ? 138 GLU A O   1 
ATOM   953  C  CB  . GLU A 1 141 ? 8.293   15.255  -4.095  1.00 39.79  ? 138 GLU A CB  1 
ATOM   954  C  CG  . GLU A 1 141 ? 9.493   15.647  -4.945  1.00 44.86  ? 138 GLU A CG  1 
ATOM   955  C  CD  . GLU A 1 141 ? 9.375   16.968  -5.681  1.00 49.76  ? 138 GLU A CD  1 
ATOM   956  O  OE1 . GLU A 1 141 ? 10.418  17.457  -6.176  1.00 53.16  ? 138 GLU A OE1 1 
ATOM   957  O  OE2 . GLU A 1 141 ? 8.249   17.500  -5.769  1.00 53.78  ? 138 GLU A OE2 1 
ATOM   958  N  N   . ILE A 1 142 ? 10.282  12.343  -3.816  1.00 33.41  ? 139 ILE A N   1 
ATOM   959  C  CA  . ILE A 1 142 ? 11.548  11.755  -3.296  1.00 35.24  ? 139 ILE A CA  1 
ATOM   960  C  C   . ILE A 1 142 ? 12.587  12.881  -3.247  1.00 35.32  ? 139 ILE A C   1 
ATOM   961  O  O   . ILE A 1 142 ? 12.683  13.647  -4.224  1.00 33.81  ? 139 ILE A O   1 
ATOM   962  C  CB  . ILE A 1 142 ? 12.002  10.545  -4.135  1.00 34.58  ? 139 ILE A CB  1 
ATOM   963  C  CG1 . ILE A 1 142 ? 11.012  9.381   -4.014  1.00 33.19  ? 139 ILE A CG1 1 
ATOM   964  C  CG2 . ILE A 1 142 ? 13.412  10.122  -3.751  1.00 33.93  ? 139 ILE A CG2 1 
ATOM   965  C  CD1 . ILE A 1 142 ? 11.291  8.224   -4.935  1.00 33.85  ? 139 ILE A CD1 1 
ATOM   966  N  N   . GLU A 1 143 ? 13.277  13.025  -2.108  1.00 38.99  ? 140 GLU A N   1 
ATOM   967  C  CA  . GLU A 1 143 ? 14.368  14.022  -1.931  1.00 40.56  ? 140 GLU A CA  1 
ATOM   968  C  C   . GLU A 1 143 ? 15.712  13.294  -1.804  1.00 39.31  ? 140 GLU A C   1 
ATOM   969  O  O   . GLU A 1 143 ? 16.715  13.851  -2.284  1.00 37.67  ? 140 GLU A O   1 
ATOM   970  C  CB  . GLU A 1 143 ? 14.068  14.938  -0.748  1.00 40.32  ? 140 GLU A CB  1 
ATOM   971  C  CG  . GLU A 1 143 ? 13.099  16.043  -1.117  1.00 41.86  ? 140 GLU A CG  1 
ATOM   972  C  CD  . GLU A 1 143 ? 12.484  16.804  0.044   1.00 46.02  ? 140 GLU A CD  1 
ATOM   973  O  OE1 . GLU A 1 143 ? 12.910  16.591  1.211   1.00 45.45  ? 140 GLU A OE1 1 
ATOM   974  O  OE2 . GLU A 1 143 ? 11.585  17.618  -0.222  1.00 47.65  ? 140 GLU A OE2 1 
ATOM   975  N  N   . ASN A 1 144 ? 15.720  12.076  -1.259  1.00 38.86  ? 141 ASN A N   1 
ATOM   976  C  CA  . ASN A 1 144 ? 16.944  11.239  -1.164  1.00 39.32  ? 141 ASN A CA  1 
ATOM   977  C  C   . ASN A 1 144 ? 16.583  9.755   -1.047  1.00 38.74  ? 141 ASN A C   1 
ATOM   978  O  O   . ASN A 1 144 ? 15.513  9.437   -0.492  1.00 40.07  ? 141 ASN A O   1 
ATOM   979  C  CB  . ASN A 1 144 ? 17.802  11.693  0.020   1.00 40.85  ? 141 ASN A CB  1 
ATOM   980  C  CG  . ASN A 1 144 ? 19.244  11.246  -0.076  1.00 44.92  ? 141 ASN A CG  1 
ATOM   981  O  OD1 . ASN A 1 144 ? 19.731  10.927  -1.160  1.00 46.53  ? 141 ASN A OD1 1 
ATOM   982  N  ND2 . ASN A 1 144 ? 19.931  11.240  1.055   1.00 42.43  ? 141 ASN A ND2 1 
ATOM   983  N  N   . LEU A 1 145 ? 17.463  8.883   -1.547  1.00 39.34  ? 142 LEU A N   1 
ATOM   984  C  CA  . LEU A 1 145 ? 17.446  7.416   -1.304  1.00 41.07  ? 142 LEU A CA  1 
ATOM   985  C  C   . LEU A 1 145 ? 18.791  7.045   -0.674  1.00 39.94  ? 142 LEU A C   1 
ATOM   986  O  O   . LEU A 1 145 ? 19.817  7.385   -1.285  1.00 38.48  ? 142 LEU A O   1 
ATOM   987  C  CB  . LEU A 1 145 ? 17.252  6.649   -2.616  1.00 42.64  ? 142 LEU A CB  1 
ATOM   988  C  CG  . LEU A 1 145 ? 16.036  7.022   -3.466  1.00 40.31  ? 142 LEU A CG  1 
ATOM   989  C  CD1 . LEU A 1 145 ? 16.054  6.245   -4.771  1.00 41.15  ? 142 LEU A CD1 1 
ATOM   990  C  CD2 . LEU A 1 145 ? 14.744  6.774   -2.707  1.00 39.21  ? 142 LEU A CD2 1 
ATOM   991  N  N   . LEU A 1 146 ? 18.770  6.404   0.496   1.00 41.85  ? 143 LEU A N   1 
ATOM   992  C  CA  . LEU A 1 146 ? 19.991  6.030   1.261   1.00 43.84  ? 143 LEU A CA  1 
ATOM   993  C  C   . LEU A 1 146 ? 20.265  4.535   1.049   1.00 44.35  ? 143 LEU A C   1 
ATOM   994  O  O   . LEU A 1 146 ? 19.296  3.752   0.895   1.00 41.35  ? 143 LEU A O   1 
ATOM   995  C  CB  . LEU A 1 146 ? 19.785  6.344   2.748   1.00 42.85  ? 143 LEU A CB  1 
ATOM   996  C  CG  . LEU A 1 146 ? 19.843  7.815   3.157   1.00 43.84  ? 143 LEU A CG  1 
ATOM   997  C  CD1 . LEU A 1 146 ? 21.198  8.434   2.846   1.00 44.19  ? 143 LEU A CD1 1 
ATOM   998  C  CD2 . LEU A 1 146 ? 18.746  8.624   2.490   1.00 43.89  ? 143 LEU A CD2 1 
ATOM   999  N  N   . ASP A 1 147 ? 21.541  4.154   1.043   1.00 43.90  ? 144 ASP A N   1 
ATOM   1000 C  CA  . ASP A 1 147 ? 21.978  2.756   0.799   1.00 45.44  ? 144 ASP A CA  1 
ATOM   1001 C  C   . ASP A 1 147 ? 21.700  1.916   2.050   1.00 44.81  ? 144 ASP A C   1 
ATOM   1002 O  O   . ASP A 1 147 ? 21.279  0.748   1.879   1.00 45.70  ? 144 ASP A O   1 
ATOM   1003 C  CB  . ASP A 1 147 ? 23.436  2.714   0.334   1.00 48.97  ? 144 ASP A CB  1 
ATOM   1004 C  CG  . ASP A 1 147 ? 23.592  3.008   -1.147  1.00 55.07  ? 144 ASP A CG  1 
ATOM   1005 O  OD1 . ASP A 1 147 ? 23.013  2.256   -1.955  1.00 60.40  ? 144 ASP A OD1 1 
ATOM   1006 O  OD2 . ASP A 1 147 ? 24.285  3.991   -1.485  1.00 57.56  ? 144 ASP A OD2 1 
ATOM   1007 N  N   . LYS A 1 148 ? 21.897  2.472   3.255   1.00 43.65  ? 145 LYS A N   1 
ATOM   1008 C  CA  . LYS A 1 148 ? 21.597  1.772   4.536   1.00 42.69  ? 145 LYS A CA  1 
ATOM   1009 C  C   . LYS A 1 148 ? 20.283  2.298   5.120   1.00 42.98  ? 145 LYS A C   1 
ATOM   1010 O  O   . LYS A 1 148 ? 20.185  3.514   5.364   1.00 39.36  ? 145 LYS A O   1 
ATOM   1011 C  CB  . LYS A 1 148 ? 22.703  1.913   5.586   1.00 43.87  ? 145 LYS A CB  1 
ATOM   1012 C  CG  . LYS A 1 148 ? 22.569  0.940   6.751   1.00 44.91  ? 145 LYS A CG  1 
ATOM   1013 C  CD  . LYS A 1 148 ? 23.002  1.478   8.099   1.00 44.90  ? 145 LYS A CD  1 
ATOM   1014 C  CE  . LYS A 1 148 ? 24.506  1.549   8.247   1.00 46.78  ? 145 LYS A CE  1 
ATOM   1015 N  NZ  . LYS A 1 148 ? 24.918  1.555   9.672   1.00 47.05  ? 145 LYS A NZ  1 
ATOM   1016 N  N   . PHE A 1 149 ? 19.329  1.390   5.347   1.00 40.57  ? 146 PHE A N   1 
ATOM   1017 C  CA  . PHE A 1 149 ? 18.044  1.639   6.045   1.00 38.90  ? 146 PHE A CA  1 
ATOM   1018 C  C   . PHE A 1 149 ? 17.660  0.360   6.782   1.00 36.97  ? 146 PHE A C   1 
ATOM   1019 O  O   . PHE A 1 149 ? 18.189  -0.711  6.476   1.00 40.34  ? 146 PHE A O   1 
ATOM   1020 C  CB  . PHE A 1 149 ? 17.007  2.165   5.049   1.00 40.72  ? 146 PHE A CB  1 
ATOM   1021 C  CG  . PHE A 1 149 ? 16.793  1.310   3.825   1.00 39.93  ? 146 PHE A CG  1 
ATOM   1022 C  CD1 . PHE A 1 149 ? 17.558  1.500   2.683   1.00 38.13  ? 146 PHE A CD1 1 
ATOM   1023 C  CD2 . PHE A 1 149 ? 15.807  0.335   3.807   1.00 42.07  ? 146 PHE A CD2 1 
ATOM   1024 C  CE1 . PHE A 1 149 ? 17.340  0.734   1.547   1.00 41.65  ? 146 PHE A CE1 1 
ATOM   1025 C  CE2 . PHE A 1 149 ? 15.597  -0.435  2.674   1.00 39.45  ? 146 PHE A CE2 1 
ATOM   1026 C  CZ  . PHE A 1 149 ? 16.367  -0.240  1.552   1.00 39.93  ? 146 PHE A CZ  1 
ATOM   1027 N  N   . PRO A 1 150 ? 16.758  0.421   7.782   1.00 36.90  ? 147 PRO A N   1 
ATOM   1028 C  CA  . PRO A 1 150 ? 16.477  -0.733  8.642   1.00 37.44  ? 147 PRO A CA  1 
ATOM   1029 C  C   . PRO A 1 150 ? 16.291  -2.061  7.886   1.00 41.54  ? 147 PRO A C   1 
ATOM   1030 O  O   . PRO A 1 150 ? 16.923  -3.025  8.251   1.00 38.77  ? 147 PRO A O   1 
ATOM   1031 C  CB  . PRO A 1 150 ? 15.194  -0.302  9.351   1.00 35.90  ? 147 PRO A CB  1 
ATOM   1032 C  CG  . PRO A 1 150 ? 15.363  1.194   9.487   1.00 36.56  ? 147 PRO A CG  1 
ATOM   1033 C  CD  . PRO A 1 150 ? 15.998  1.620   8.187   1.00 35.41  ? 147 PRO A CD  1 
ATOM   1034 N  N   . GLU A 1 151 ? 15.484  -2.074  6.818   1.00 42.37  ? 148 GLU A N   1 
ATOM   1035 C  CA  . GLU A 1 151 ? 15.143  -3.327  6.076   1.00 44.55  ? 148 GLU A CA  1 
ATOM   1036 C  C   . GLU A 1 151 ? 16.059  -3.462  4.845   1.00 41.81  ? 148 GLU A C   1 
ATOM   1037 O  O   . GLU A 1 151 ? 15.668  -4.154  3.873   1.00 43.65  ? 148 GLU A O   1 
ATOM   1038 C  CB  . GLU A 1 151 ? 13.631  -3.342  5.830   1.00 42.21  ? 148 GLU A CB  1 
ATOM   1039 C  CG  . GLU A 1 151 ? 12.858  -3.598  7.118   1.00 43.08  ? 148 GLU A CG  1 
ATOM   1040 C  CD  . GLU A 1 151 ? 11.342  -3.586  7.035   1.00 46.75  ? 148 GLU A CD  1 
ATOM   1041 O  OE1 . GLU A 1 151 ? 10.808  -3.550  5.911   1.00 45.51  ? 148 GLU A OE1 1 
ATOM   1042 O  OE2 . GLU A 1 151 ? 10.694  -3.614  8.106   1.00 49.83  ? 148 GLU A OE2 1 
ATOM   1043 N  N   . CYS A 1 152 ? 17.269  -2.896  4.950   1.00 40.28  ? 149 CYS A N   1 
ATOM   1044 C  CA  . CYS A 1 152 ? 18.382  -2.863  3.960   1.00 43.79  ? 149 CYS A CA  1 
ATOM   1045 C  C   . CYS A 1 152 ? 18.587  -4.198  3.232   1.00 44.16  ? 149 CYS A C   1 
ATOM   1046 O  O   . CYS A 1 152 ? 18.886  -4.165  2.012   1.00 44.27  ? 149 CYS A O   1 
ATOM   1047 C  CB  . CYS A 1 152 ? 19.720  -2.581  4.645   1.00 40.03  ? 149 CYS A CB  1 
ATOM   1048 S  SG  . CYS A 1 152 ? 20.761  -1.502  3.643   1.00 48.18  ? 149 CYS A SG  1 
ATOM   1049 N  N   . HIS A 1 153 ? 18.552  -5.301  3.979   1.00 44.88  ? 150 HIS A N   1 
ATOM   1050 C  CA  . HIS A 1 153 ? 18.993  -6.644  3.520   1.00 49.20  ? 150 HIS A CA  1 
ATOM   1051 C  C   . HIS A 1 153 ? 17.788  -7.591  3.477   1.00 49.62  ? 150 HIS A C   1 
ATOM   1052 O  O   . HIS A 1 153 ? 17.994  -8.777  3.181   1.00 48.71  ? 150 HIS A O   1 
ATOM   1053 C  CB  . HIS A 1 153 ? 20.119  -7.181  4.414   1.00 48.64  ? 150 HIS A CB  1 
ATOM   1054 C  CG  . HIS A 1 153 ? 21.269  -6.244  4.587   1.00 50.68  ? 150 HIS A CG  1 
ATOM   1055 N  ND1 . HIS A 1 153 ? 21.518  -5.601  5.786   1.00 47.30  ? 150 HIS A ND1 1 
ATOM   1056 C  CD2 . HIS A 1 153 ? 22.239  -5.841  3.735   1.00 50.04  ? 150 HIS A CD2 1 
ATOM   1057 C  CE1 . HIS A 1 153 ? 22.586  -4.841  5.667   1.00 49.59  ? 150 HIS A CE1 1 
ATOM   1058 N  NE2 . HIS A 1 153 ? 23.050  -4.970  4.419   1.00 52.67  ? 150 HIS A NE2 1 
ATOM   1059 N  N   . LYS A 1 154 ? 16.588  -7.062  3.747   1.00 48.82  ? 151 LYS A N   1 
ATOM   1060 C  CA  . LYS A 1 154 ? 15.313  -7.819  3.848   1.00 49.15  ? 151 LYS A CA  1 
ATOM   1061 C  C   . LYS A 1 154 ? 14.478  -7.589  2.581   1.00 45.17  ? 151 LYS A C   1 
ATOM   1062 O  O   . LYS A 1 154 ? 13.602  -8.432  2.305   1.00 46.99  ? 151 LYS A O   1 
ATOM   1063 C  CB  . LYS A 1 154 ? 14.570  -7.382  5.114   1.00 53.93  ? 151 LYS A CB  1 
ATOM   1064 C  CG  . LYS A 1 154 ? 13.323  -8.184  5.461   1.00 60.02  ? 151 LYS A CG  1 
ATOM   1065 C  CD  . LYS A 1 154 ? 12.682  -7.772  6.774   1.00 63.57  ? 151 LYS A CD  1 
ATOM   1066 C  CE  . LYS A 1 154 ? 11.359  -8.468  7.029   1.00 68.55  ? 151 LYS A CE  1 
ATOM   1067 N  NZ  . LYS A 1 154 ? 10.776  -8.095  8.342   1.00 69.26  ? 151 LYS A NZ  1 
ATOM   1068 N  N   . ARG A 1 155 ? 14.752  -6.512  1.835   1.00 44.19  ? 152 ARG A N   1 
ATOM   1069 C  CA  . ARG A 1 155 ? 13.948  -6.049  0.672   1.00 42.87  ? 152 ARG A CA  1 
ATOM   1070 C  C   . ARG A 1 155 ? 14.861  -5.496  -0.418  1.00 41.90  ? 152 ARG A C   1 
ATOM   1071 O  O   . ARG A 1 155 ? 15.992  -5.098  -0.091  1.00 43.62  ? 152 ARG A O   1 
ATOM   1072 C  CB  . ARG A 1 155 ? 13.007  -4.906  1.072   1.00 43.38  ? 152 ARG A CB  1 
ATOM   1073 C  CG  . ARG A 1 155 ? 11.923  -5.297  2.057   1.00 39.86  ? 152 ARG A CG  1 
ATOM   1074 C  CD  . ARG A 1 155 ? 10.951  -4.153  2.234   1.00 39.18  ? 152 ARG A CD  1 
ATOM   1075 N  NE  . ARG A 1 155 ? 10.212  -4.241  3.475   1.00 36.69  ? 152 ARG A NE  1 
ATOM   1076 C  CZ  . ARG A 1 155 ? 9.005   -4.785  3.629   1.00 39.39  ? 152 ARG A CZ  1 
ATOM   1077 N  NH1 . ARG A 1 155 ? 8.360   -5.323  2.607   1.00 38.42  ? 152 ARG A NH1 1 
ATOM   1078 N  NH2 . ARG A 1 155 ? 8.447   -4.784  4.825   1.00 40.27  ? 152 ARG A NH2 1 
ATOM   1079 N  N   . HIS A 1 156 ? 14.362  -5.467  -1.658  1.00 39.21  ? 153 HIS A N   1 
ATOM   1080 C  CA  . HIS A 1 156 ? 14.904  -4.677  -2.791  1.00 39.27  ? 153 HIS A CA  1 
ATOM   1081 C  C   . HIS A 1 156 ? 14.003  -3.458  -3.007  1.00 40.40  ? 153 HIS A C   1 
ATOM   1082 O  O   . HIS A 1 156 ? 12.846  -3.489  -2.536  1.00 40.94  ? 153 HIS A O   1 
ATOM   1083 C  CB  . HIS A 1 156 ? 15.024  -5.538  -4.058  1.00 46.44  ? 153 HIS A CB  1 
ATOM   1084 C  CG  . HIS A 1 156 ? 15.800  -6.797  -3.849  1.00 47.92  ? 153 HIS A CG  1 
ATOM   1085 N  ND1 . HIS A 1 156 ? 15.336  -7.822  -3.045  1.00 48.07  ? 153 HIS A ND1 1 
ATOM   1086 C  CD2 . HIS A 1 156 ? 16.997  -7.200  -4.325  1.00 53.15  ? 153 HIS A CD2 1 
ATOM   1087 C  CE1 . HIS A 1 156 ? 16.219  -8.799  -3.024  1.00 50.63  ? 153 HIS A CE1 1 
ATOM   1088 N  NE2 . HIS A 1 156 ? 17.243  -8.445  -3.809  1.00 56.69  ? 153 HIS A NE2 1 
ATOM   1089 N  N   . ARG A 1 157 ? 14.507  -2.444  -3.713  1.00 41.03  ? 154 ARG A N   1 
ATOM   1090 C  CA  . ARG A 1 157 ? 13.834  -1.134  -3.862  1.00 42.74  ? 154 ARG A CA  1 
ATOM   1091 C  C   . ARG A 1 157 ? 14.245  -0.474  -5.183  1.00 44.99  ? 154 ARG A C   1 
ATOM   1092 O  O   . ARG A 1 157 ? 15.435  -0.105  -5.330  1.00 46.52  ? 154 ARG A O   1 
ATOM   1093 C  CB  . ARG A 1 157 ? 14.199  -0.262  -2.661  1.00 41.58  ? 154 ARG A CB  1 
ATOM   1094 C  CG  . ARG A 1 157 ? 14.136  1.228   -2.932  1.00 39.97  ? 154 ARG A CG  1 
ATOM   1095 C  CD  . ARG A 1 157 ? 15.101  1.984   -2.060  1.00 40.58  ? 154 ARG A CD  1 
ATOM   1096 N  NE  . ARG A 1 157 ? 16.420  2.227   -2.624  1.00 39.01  ? 154 ARG A NE  1 
ATOM   1097 C  CZ  . ARG A 1 157 ? 17.389  2.873   -1.962  1.00 42.87  ? 154 ARG A CZ  1 
ATOM   1098 N  NH1 . ARG A 1 157 ? 17.160  3.310   -0.734  1.00 39.97  ? 154 ARG A NH1 1 
ATOM   1099 N  NH2 . ARG A 1 157 ? 18.569  3.086   -2.524  1.00 42.06  ? 154 ARG A NH2 1 
ATOM   1100 N  N   . LYS A 1 158 ? 13.289  -0.278  -6.094  1.00 41.49  ? 155 LYS A N   1 
ATOM   1101 C  CA  . LYS A 1 158 ? 13.581  0.183   -7.475  1.00 38.81  ? 155 LYS A CA  1 
ATOM   1102 C  C   . LYS A 1 158 ? 12.482  1.124   -7.962  1.00 37.70  ? 155 LYS A C   1 
ATOM   1103 O  O   . LYS A 1 158 ? 11.306  0.922   -7.612  1.00 34.94  ? 155 LYS A O   1 
ATOM   1104 C  CB  . LYS A 1 158 ? 13.736  -1.015  -8.417  1.00 41.05  ? 155 LYS A CB  1 
ATOM   1105 C  CG  . LYS A 1 158 ? 14.340  -0.692  -9.776  1.00 43.52  ? 155 LYS A CG  1 
ATOM   1106 C  CD  . LYS A 1 158 ? 14.289  -1.848  -10.763 1.00 46.70  ? 155 LYS A CD  1 
ATOM   1107 C  CE  . LYS A 1 158 ? 14.827  -1.465  -12.126 1.00 49.29  ? 155 LYS A CE  1 
ATOM   1108 N  NZ  . LYS A 1 158 ? 14.341  -2.374  -13.194 1.00 54.29  ? 155 LYS A NZ  1 
ATOM   1109 N  N   . LEU A 1 159 ? 12.873  2.103   -8.767  1.00 34.82  ? 156 LEU A N   1 
ATOM   1110 C  CA  . LEU A 1 159 ? 11.954  3.026   -9.468  1.00 36.35  ? 156 LEU A CA  1 
ATOM   1111 C  C   . LEU A 1 159 ? 11.343  2.295   -10.669 1.00 37.37  ? 156 LEU A C   1 
ATOM   1112 O  O   . LEU A 1 159 ? 11.997  1.399   -11.223 1.00 35.16  ? 156 LEU A O   1 
ATOM   1113 C  CB  . LEU A 1 159 ? 12.708  4.273   -9.924  1.00 37.55  ? 156 LEU A CB  1 
ATOM   1114 C  CG  . LEU A 1 159 ? 13.213  5.194   -8.812  1.00 38.53  ? 156 LEU A CG  1 
ATOM   1115 C  CD1 . LEU A 1 159 ? 14.000  6.354   -9.404  1.00 39.69  ? 156 LEU A CD1 1 
ATOM   1116 C  CD2 . LEU A 1 159 ? 12.063  5.716   -7.960  1.00 37.20  ? 156 LEU A CD2 1 
ATOM   1117 N  N   . TYR A 1 160 ? 10.139  2.697   -11.058 1.00 39.40  ? 157 TYR A N   1 
ATOM   1118 C  CA  . TYR A 1 160 ? 9.346   2.062   -12.144 1.00 38.59  ? 157 TYR A CA  1 
ATOM   1119 C  C   . TYR A 1 160 ? 8.426   3.114   -12.752 1.00 40.20  ? 157 TYR A C   1 
ATOM   1120 O  O   . TYR A 1 160 ? 7.812   3.887   -11.984 1.00 38.40  ? 157 TYR A O   1 
ATOM   1121 C  CB  . TYR A 1 160 ? 8.503   0.906   -11.604 1.00 38.08  ? 157 TYR A CB  1 
ATOM   1122 C  CG  . TYR A 1 160 ? 9.246   -0.370  -11.307 1.00 38.60  ? 157 TYR A CG  1 
ATOM   1123 C  CD1 . TYR A 1 160 ? 9.708   -1.190  -12.325 1.00 41.74  ? 157 TYR A CD1 1 
ATOM   1124 C  CD2 . TYR A 1 160 ? 9.461   -0.780  -10.004 1.00 39.64  ? 157 TYR A CD2 1 
ATOM   1125 C  CE1 . TYR A 1 160 ? 10.381  -2.370  -12.051 1.00 41.15  ? 157 TYR A CE1 1 
ATOM   1126 C  CE2 . TYR A 1 160 ? 10.133  -1.954  -9.712  1.00 41.52  ? 157 TYR A CE2 1 
ATOM   1127 C  CZ  . TYR A 1 160 ? 10.589  -2.759  -10.739 1.00 42.74  ? 157 TYR A CZ  1 
ATOM   1128 O  OH  . TYR A 1 160 ? 11.237  -3.924  -10.436 1.00 45.47  ? 157 TYR A OH  1 
ATOM   1129 N  N   . SER A 1 161 ? 8.323   3.120   -14.081 1.00 38.79  ? 158 SER A N   1 
ATOM   1130 C  CA  . SER A 1 161 ? 7.330   3.914   -14.847 1.00 38.59  ? 158 SER A CA  1 
ATOM   1131 C  C   . SER A 1 161 ? 5.923   3.461   -14.437 1.00 35.99  ? 158 SER A C   1 
ATOM   1132 O  O   . SER A 1 161 ? 5.799   2.366   -13.848 1.00 37.00  ? 158 SER A O   1 
ATOM   1133 C  CB  . SER A 1 161 ? 7.525   3.734   -16.323 1.00 41.22  ? 158 SER A CB  1 
ATOM   1134 O  OG  . SER A 1 161 ? 7.016   2.466   -16.713 1.00 43.24  ? 158 SER A OG  1 
ATOM   1135 N  N   . TYR A 1 162 ? 4.899   4.243   -14.781 1.00 38.22  ? 159 TYR A N   1 
ATOM   1136 C  CA  . TYR A 1 162 ? 3.480   3.920   -14.467 1.00 39.76  ? 159 TYR A CA  1 
ATOM   1137 C  C   . TYR A 1 162 ? 3.126   2.536   -15.032 1.00 38.60  ? 159 TYR A C   1 
ATOM   1138 O  O   . TYR A 1 162 ? 2.669   1.650   -14.285 1.00 35.63  ? 159 TYR A O   1 
ATOM   1139 C  CB  . TYR A 1 162 ? 2.537   4.987   -15.020 1.00 40.68  ? 159 TYR A CB  1 
ATOM   1140 C  CG  . TYR A 1 162 ? 1.096   4.612   -14.808 1.00 40.12  ? 159 TYR A CG  1 
ATOM   1141 C  CD1 . TYR A 1 162 ? 0.545   4.648   -13.539 1.00 41.21  ? 159 TYR A CD1 1 
ATOM   1142 C  CD2 . TYR A 1 162 ? 0.312   4.136   -15.847 1.00 42.74  ? 159 TYR A CD2 1 
ATOM   1143 C  CE1 . TYR A 1 162 ? -0.763  4.255   -13.310 1.00 39.88  ? 159 TYR A CE1 1 
ATOM   1144 C  CE2 . TYR A 1 162 ? -1.006  3.748   -15.636 1.00 39.27  ? 159 TYR A CE2 1 
ATOM   1145 C  CZ  . TYR A 1 162 ? -1.543  3.806   -14.361 1.00 40.26  ? 159 TYR A CZ  1 
ATOM   1146 O  OH  . TYR A 1 162 ? -2.838  3.443   -14.123 1.00 34.15  ? 159 TYR A OH  1 
ATOM   1147 N  N   . THR A 1 163 ? 3.398   2.320   -16.319 1.00 39.13  ? 160 THR A N   1 
ATOM   1148 C  CA  . THR A 1 163 ? 3.067   1.044   -17.012 1.00 41.09  ? 160 THR A CA  1 
ATOM   1149 C  C   . THR A 1 163 ? 3.641   -0.135  -16.218 1.00 38.01  ? 160 THR A C   1 
ATOM   1150 O  O   . THR A 1 163 ? 2.881   -1.089  -15.928 1.00 32.71  ? 160 THR A O   1 
ATOM   1151 C  CB  . THR A 1 163 ? 3.565   1.045   -18.463 1.00 44.87  ? 160 THR A CB  1 
ATOM   1152 O  OG1 . THR A 1 163 ? 3.314   2.325   -19.047 1.00 45.49  ? 160 THR A OG1 1 
ATOM   1153 C  CG2 . THR A 1 163 ? 2.908   -0.035  -19.294 1.00 46.14  ? 160 THR A CG2 1 
ATOM   1154 N  N   . GLU A 1 164 ? 4.929   -0.059  -15.853 1.00 37.71  ? 161 GLU A N   1 
ATOM   1155 C  CA  . GLU A 1 164 ? 5.667   -1.140  -15.143 1.00 37.02  ? 161 GLU A CA  1 
ATOM   1156 C  C   . GLU A 1 164 ? 5.109   -1.306  -13.728 1.00 36.18  ? 161 GLU A C   1 
ATOM   1157 O  O   . GLU A 1 164 ? 4.961   -2.449  -13.256 1.00 31.45  ? 161 GLU A O   1 
ATOM   1158 C  CB  . GLU A 1 164 ? 7.160   -0.813  -15.081 1.00 41.98  ? 161 GLU A CB  1 
ATOM   1159 C  CG  . GLU A 1 164 ? 7.861   -0.763  -16.432 1.00 44.26  ? 161 GLU A CG  1 
ATOM   1160 C  CD  . GLU A 1 164 ? 9.326   -0.353  -16.334 1.00 48.41  ? 161 GLU A CD  1 
ATOM   1161 O  OE1 . GLU A 1 164 ? 10.152  -0.977  -17.019 1.00 48.04  ? 161 GLU A OE1 1 
ATOM   1162 O  OE2 . GLU A 1 164 ? 9.641   0.586   -15.550 1.00 47.82  ? 161 GLU A OE2 1 
ATOM   1163 N  N   . ALA A 1 165 ? 4.846   -0.194  -13.042 1.00 40.09  ? 162 ALA A N   1 
ATOM   1164 C  CA  . ALA A 1 165 ? 4.270   -0.178  -11.673 1.00 35.35  ? 162 ALA A CA  1 
ATOM   1165 C  C   . ALA A 1 165 ? 2.883   -0.850  -11.670 1.00 32.40  ? 162 ALA A C   1 
ATOM   1166 O  O   . ALA A 1 165 ? 2.615   -1.710  -10.796 1.00 28.36  ? 162 ALA A O   1 
ATOM   1167 C  CB  . ALA A 1 165 ? 4.183   1.247   -11.208 1.00 35.78  ? 162 ALA A CB  1 
ATOM   1168 N  N   . LYS A 1 166 ? 2.012   -0.421  -12.577 1.00 35.57  ? 163 LYS A N   1 
ATOM   1169 C  CA  . LYS A 1 166 ? 0.642   -0.991  -12.749 1.00 35.48  ? 163 LYS A CA  1 
ATOM   1170 C  C   . LYS A 1 166 ? 0.732   -2.521  -12.836 1.00 35.38  ? 163 LYS A C   1 
ATOM   1171 O  O   . LYS A 1 166 ? 0.003   -3.208  -12.104 1.00 36.52  ? 163 LYS A O   1 
ATOM   1172 C  CB  . LYS A 1 166 ? -0.025  -0.403  -13.999 1.00 38.56  ? 163 LYS A CB  1 
ATOM   1173 C  CG  . LYS A 1 166 ? -1.455  -0.856  -14.268 1.00 42.82  ? 163 LYS A CG  1 
ATOM   1174 C  CD  . LYS A 1 166 ? -2.086  -0.146  -15.455 1.00 45.63  ? 163 LYS A CD  1 
ATOM   1175 C  CE  . LYS A 1 166 ? -3.031  -1.026  -16.259 1.00 52.67  ? 163 LYS A CE  1 
ATOM   1176 N  NZ  . LYS A 1 166 ? -4.377  -1.119  -15.640 1.00 52.90  ? 163 LYS A NZ  1 
ATOM   1177 N  N   . GLN A 1 167 ? 1.603   -3.053  -13.693 1.00 37.13  ? 164 GLN A N   1 
ATOM   1178 C  CA  . GLN A 1 167 ? 1.706   -4.519  -13.895 1.00 36.52  ? 164 GLN A CA  1 
ATOM   1179 C  C   . GLN A 1 167 ? 2.183   -5.192  -12.606 1.00 34.44  ? 164 GLN A C   1 
ATOM   1180 O  O   . GLN A 1 167 ? 1.629   -6.245  -12.255 1.00 34.40  ? 164 GLN A O   1 
ATOM   1181 C  CB  . GLN A 1 167 ? 2.589   -4.856  -15.094 1.00 40.03  ? 164 GLN A CB  1 
ATOM   1182 C  CG  . GLN A 1 167 ? 2.441   -6.304  -15.533 1.00 39.91  ? 164 GLN A CG  1 
ATOM   1183 C  CD  . GLN A 1 167 ? 0.996   -6.686  -15.761 1.00 41.88  ? 164 GLN A CD  1 
ATOM   1184 O  OE1 . GLN A 1 167 ? 0.277   -6.046  -16.529 1.00 41.74  ? 164 GLN A OE1 1 
ATOM   1185 N  NE2 . GLN A 1 167 ? 0.541   -7.721  -15.072 1.00 46.14  ? 164 GLN A NE2 1 
ATOM   1186 N  N   . ASN A 1 168 ? 3.169   -4.597  -11.919 1.00 37.34  ? 165 ASN A N   1 
ATOM   1187 C  CA  . ASN A 1 168 ? 3.709   -5.107  -10.631 1.00 34.53  ? 165 ASN A CA  1 
ATOM   1188 C  C   . ASN A 1 168 ? 2.561   -5.319  -9.645  1.00 31.43  ? 165 ASN A C   1 
ATOM   1189 O  O   . ASN A 1 168 ? 2.512   -6.390  -8.999  1.00 32.35  ? 165 ASN A O   1 
ATOM   1190 C  CB  . ASN A 1 168 ? 4.796   -4.173  -10.072 1.00 35.48  ? 165 ASN A CB  1 
ATOM   1191 C  CG  . ASN A 1 168 ? 6.153   -4.349  -10.730 1.00 38.86  ? 165 ASN A CG  1 
ATOM   1192 O  OD1 . ASN A 1 168 ? 6.431   -5.392  -11.324 1.00 40.27  ? 165 ASN A OD1 1 
ATOM   1193 N  ND2 . ASN A 1 168 ? 7.019   -3.350  -10.606 1.00 38.47  ? 165 ASN A ND2 1 
ATOM   1194 N  N   . LEU A 1 169 ? 1.684   -4.322  -9.475  1.00 31.43  ? 166 LEU A N   1 
ATOM   1195 C  CA  . LEU A 1 169 ? 0.636   -4.384  -8.419  1.00 31.12  ? 166 LEU A CA  1 
ATOM   1196 C  C   . LEU A 1 169 ? -0.467  -5.378  -8.820  1.00 32.56  ? 166 LEU A C   1 
ATOM   1197 O  O   . LEU A 1 169 ? -1.000  -6.083  -7.926  1.00 31.32  ? 166 LEU A O   1 
ATOM   1198 C  CB  . LEU A 1 169 ? 0.096   -2.974  -8.170  1.00 32.81  ? 166 LEU A CB  1 
ATOM   1199 C  CG  . LEU A 1 169 ? 1.075   -2.021  -7.474  1.00 31.80  ? 166 LEU A CG  1 
ATOM   1200 C  CD1 . LEU A 1 169 ? 0.541   -0.600  -7.501  1.00 33.72  ? 166 LEU A CD1 1 
ATOM   1201 C  CD2 . LEU A 1 169 ? 1.354   -2.469  -6.048  1.00 31.35  ? 166 LEU A CD2 1 
ATOM   1202 N  N   . ILE A 1 170 ? -0.736  -5.516  -10.113 1.00 35.35  ? 167 ILE A N   1 
ATOM   1203 C  CA  . ILE A 1 170 ? -1.645  -6.601  -10.606 1.00 35.64  ? 167 ILE A CA  1 
ATOM   1204 C  C   . ILE A 1 170 ? -1.004  -7.963  -10.289 1.00 35.14  ? 167 ILE A C   1 
ATOM   1205 O  O   . ILE A 1 170 ? -1.655  -8.788  -9.624  1.00 32.57  ? 167 ILE A O   1 
ATOM   1206 C  CB  . ILE A 1 170 ? -1.976  -6.412  -12.099 1.00 38.79  ? 167 ILE A CB  1 
ATOM   1207 C  CG1 . ILE A 1 170 ? -2.821  -5.153  -12.329 1.00 39.18  ? 167 ILE A CG1 1 
ATOM   1208 C  CG2 . ILE A 1 170 ? -2.659  -7.660  -12.648 1.00 38.63  ? 167 ILE A CG2 1 
ATOM   1209 C  CD1 . ILE A 1 170 ? -3.109  -4.841  -13.789 1.00 42.50  ? 167 ILE A CD1 1 
ATOM   1210 N  N   . ASP A 1 171 ? 0.255   -8.175  -10.683 1.00 37.85  ? 168 ASP A N   1 
ATOM   1211 C  CA  . ASP A 1 171 ? 0.992   -9.446  -10.428 1.00 37.35  ? 168 ASP A CA  1 
ATOM   1212 C  C   . ASP A 1 171 ? 1.010   -9.732  -8.922  1.00 39.26  ? 168 ASP A C   1 
ATOM   1213 O  O   . ASP A 1 171 ? 0.913   -10.914 -8.542  1.00 40.39  ? 168 ASP A O   1 
ATOM   1214 C  CB  . ASP A 1 171 ? 2.413   -9.410  -10.997 1.00 39.86  ? 168 ASP A CB  1 
ATOM   1215 C  CG  . ASP A 1 171 ? 2.477   -9.279  -12.511 1.00 44.03  ? 168 ASP A CG  1 
ATOM   1216 O  OD1 . ASP A 1 171 ? 1.431   -9.489  -13.172 1.00 50.86  ? 168 ASP A OD1 1 
ATOM   1217 O  OD2 . ASP A 1 171 ? 3.570   -8.965  -13.019 1.00 43.17  ? 168 ASP A OD2 1 
ATOM   1218 N  N   . ALA A 1 172 ? 1.094   -8.685  -8.085  1.00 38.89  ? 169 ALA A N   1 
ATOM   1219 C  CA  . ALA A 1 172 ? 1.116   -8.792  -6.608  1.00 37.50  ? 169 ALA A CA  1 
ATOM   1220 C  C   . ALA A 1 172 ? -0.284  -9.107  -6.055  1.00 36.14  ? 169 ALA A C   1 
ATOM   1221 O  O   . ALA A 1 172 ? -0.364  -9.482  -4.881  1.00 36.87  ? 169 ALA A O   1 
ATOM   1222 C  CB  . ALA A 1 172 ? 1.671   -7.513  -6.019  1.00 38.67  ? 169 ALA A CB  1 
ATOM   1223 N  N   . LYS A 1 173 ? -1.341  -8.937  -6.856  1.00 36.67  ? 170 LYS A N   1 
ATOM   1224 C  CA  . LYS A 1 173 ? -2.762  -9.151  -6.453  1.00 36.73  ? 170 LYS A CA  1 
ATOM   1225 C  C   . LYS A 1 173 ? -3.177  -8.060  -5.451  1.00 34.40  ? 170 LYS A C   1 
ATOM   1226 O  O   . LYS A 1 173 ? -3.746  -8.400  -4.392  1.00 33.25  ? 170 LYS A O   1 
ATOM   1227 C  CB  . LYS A 1 173 ? -2.962  -10.540 -5.841  1.00 39.63  ? 170 LYS A CB  1 
ATOM   1228 C  CG  . LYS A 1 173 ? -2.438  -11.714 -6.657  1.00 42.25  ? 170 LYS A CG  1 
ATOM   1229 C  CD  . LYS A 1 173 ? -2.903  -13.042 -6.095  1.00 41.84  ? 170 LYS A CD  1 
ATOM   1230 C  CE  . LYS A 1 173 ? -2.039  -14.217 -6.505  1.00 44.92  ? 170 LYS A CE  1 
ATOM   1231 N  NZ  . LYS A 1 173 ? -2.109  -14.465 -7.963  1.00 48.43  ? 170 LYS A NZ  1 
ATOM   1232 N  N   . ARG A 1 174 ? -2.867  -6.800  -5.754  1.00 34.53  ? 171 ARG A N   1 
ATOM   1233 C  CA  . ARG A 1 174 ? -3.108  -5.636  -4.849  1.00 35.94  ? 171 ARG A CA  1 
ATOM   1234 C  C   . ARG A 1 174 ? -3.690  -4.486  -5.664  1.00 33.98  ? 171 ARG A C   1 
ATOM   1235 O  O   . ARG A 1 174 ? -3.031  -3.481  -5.924  1.00 31.34  ? 171 ARG A O   1 
ATOM   1236 C  CB  . ARG A 1 174 ? -1.807  -5.233  -4.148  1.00 37.28  ? 171 ARG A CB  1 
ATOM   1237 C  CG  . ARG A 1 174 ? -1.172  -6.340  -3.320  1.00 38.97  ? 171 ARG A CG  1 
ATOM   1238 C  CD  . ARG A 1 174 ? -2.052  -6.909  -2.222  1.00 43.29  ? 171 ARG A CD  1 
ATOM   1239 N  NE  . ARG A 1 174 ? -2.394  -5.912  -1.212  1.00 44.16  ? 171 ARG A NE  1 
ATOM   1240 C  CZ  . ARG A 1 174 ? -1.655  -5.596  -0.150  1.00 47.79  ? 171 ARG A CZ  1 
ATOM   1241 N  NH1 . ARG A 1 174 ? -2.082  -4.665  0.686   1.00 48.51  ? 171 ARG A NH1 1 
ATOM   1242 N  NH2 . ARG A 1 174 ? -0.507  -6.210  0.091   1.00 45.71  ? 171 ARG A NH2 1 
ATOM   1243 N  N   . PRO A 1 175 ? -4.949  -4.610  -6.136  1.00 31.67  ? 172 PRO A N   1 
ATOM   1244 C  CA  . PRO A 1 175 ? -5.573  -3.524  -6.887  1.00 32.24  ? 172 PRO A CA  1 
ATOM   1245 C  C   . PRO A 1 175 ? -5.791  -2.242  -6.055  1.00 27.85  ? 172 PRO A C   1 
ATOM   1246 O  O   . PRO A 1 175 ? -5.781  -1.167  -6.631  1.00 29.02  ? 172 PRO A O   1 
ATOM   1247 C  CB  . PRO A 1 175 ? -6.920  -4.126  -7.319  1.00 31.47  ? 172 PRO A CB  1 
ATOM   1248 C  CG  . PRO A 1 175 ? -7.208  -5.193  -6.296  1.00 30.23  ? 172 PRO A CG  1 
ATOM   1249 C  CD  . PRO A 1 175 ? -5.849  -5.758  -5.924  1.00 30.34  ? 172 PRO A CD  1 
ATOM   1250 N  N   . GLU A 1 176 ? -6.006  -2.388  -4.751  1.00 30.39  ? 173 GLU A N   1 
ATOM   1251 C  CA  . GLU A 1 176 ? -6.195  -1.239  -3.817  1.00 31.89  ? 173 GLU A CA  1 
ATOM   1252 C  C   . GLU A 1 176 ? -4.918  -0.386  -3.789  1.00 29.62  ? 173 GLU A C   1 
ATOM   1253 O  O   . GLU A 1 176 ? -5.027  0.848   -3.615  1.00 31.19  ? 173 GLU A O   1 
ATOM   1254 C  CB  . GLU A 1 176 ? -6.646  -1.720  -2.429  1.00 32.38  ? 173 GLU A CB  1 
ATOM   1255 C  CG  . GLU A 1 176 ? -5.561  -2.283  -1.525  1.00 33.80  ? 173 GLU A CG  1 
ATOM   1256 C  CD  . GLU A 1 176 ? -5.274  -3.774  -1.661  1.00 39.48  ? 173 GLU A CD  1 
ATOM   1257 O  OE1 . GLU A 1 176 ? -5.562  -4.335  -2.750  1.00 40.79  ? 173 GLU A OE1 1 
ATOM   1258 O  OE2 . GLU A 1 176 ? -4.773  -4.384  -0.674  1.00 35.85  ? 173 GLU A OE2 1 
ATOM   1259 N  N   . LEU A 1 177 ? -3.735  -0.981  -3.961  1.00 31.14  ? 174 LEU A N   1 
ATOM   1260 C  CA  . LEU A 1 177 ? -2.475  -0.186  -4.010  1.00 29.42  ? 174 LEU A CA  1 
ATOM   1261 C  C   . LEU A 1 177 ? -2.402  0.473   -5.383  1.00 28.70  ? 174 LEU A C   1 
ATOM   1262 O  O   . LEU A 1 177 ? -1.985  1.609   -5.492  1.00 25.88  ? 174 LEU A O   1 
ATOM   1263 C  CB  . LEU A 1 177 ? -1.262  -1.079  -3.724  1.00 30.85  ? 174 LEU A CB  1 
ATOM   1264 C  CG  . LEU A 1 177 ? -1.286  -1.842  -2.401  1.00 30.43  ? 174 LEU A CG  1 
ATOM   1265 C  CD1 . LEU A 1 177 ? -0.037  -2.687  -2.239  1.00 32.06  ? 174 LEU A CD1 1 
ATOM   1266 C  CD2 . LEU A 1 177 ? -1.443  -0.900  -1.215  1.00 32.82  ? 174 LEU A CD2 1 
ATOM   1267 N  N   . LEU A 1 178 ? -2.907  -0.195  -6.422  1.00 27.08  ? 175 LEU A N   1 
ATOM   1268 C  CA  . LEU A 1 178 ? -2.963  0.438   -7.755  1.00 26.61  ? 175 LEU A CA  1 
ATOM   1269 C  C   . LEU A 1 178 ? -3.923  1.641   -7.705  1.00 25.63  ? 175 LEU A C   1 
ATOM   1270 O  O   . LEU A 1 178 ? -3.617  2.687   -8.320  1.00 29.37  ? 175 LEU A O   1 
ATOM   1271 C  CB  . LEU A 1 178 ? -3.376  -0.640  -8.769  1.00 25.64  ? 175 LEU A CB  1 
ATOM   1272 C  CG  . LEU A 1 178 ? -3.693  -0.133  -10.166 1.00 27.31  ? 175 LEU A CG  1 
ATOM   1273 C  CD1 . LEU A 1 178 ? -2.525  0.642   -10.742 1.00 25.82  ? 175 LEU A CD1 1 
ATOM   1274 C  CD2 . LEU A 1 178 ? -4.050  -1.316  -11.060 1.00 27.40  ? 175 LEU A CD2 1 
ATOM   1275 N  N   . GLU A 1 179 ? -5.032  1.526   -6.984  1.00 30.22  ? 176 GLU A N   1 
ATOM   1276 C  CA  . GLU A 1 179 ? -6.018  2.626   -6.862  1.00 31.52  ? 176 GLU A CA  1 
ATOM   1277 C  C   . GLU A 1 179 ? -5.297  3.843   -6.270  1.00 30.52  ? 176 GLU A C   1 
ATOM   1278 O  O   . GLU A 1 179 ? -5.463  4.966   -6.798  1.00 29.38  ? 176 GLU A O   1 
ATOM   1279 C  CB  . GLU A 1 179 ? -7.176  2.212   -5.966  1.00 33.19  ? 176 GLU A CB  1 
ATOM   1280 C  CG  . GLU A 1 179 ? -8.240  3.286   -5.816  1.00 32.77  ? 176 GLU A CG  1 
ATOM   1281 C  CD  . GLU A 1 179 ? -9.474  2.834   -5.052  1.00 36.06  ? 176 GLU A CD  1 
ATOM   1282 O  OE1 . GLU A 1 179 ? -10.429 3.642   -4.930  1.00 39.54  ? 176 GLU A OE1 1 
ATOM   1283 O  OE2 . GLU A 1 179 ? -9.482  1.693   -4.578  1.00 40.82  ? 176 GLU A OE2 1 
ATOM   1284 N  N   . ALA A 1 180 ? -4.537  3.604   -5.202  1.00 29.11  ? 177 ALA A N   1 
ATOM   1285 C  CA  . ALA A 1 180 ? -3.737  4.654   -4.527  1.00 30.22  ? 177 ALA A CA  1 
ATOM   1286 C  C   . ALA A 1 180 ? -2.815  5.303   -5.559  1.00 27.51  ? 177 ALA A C   1 
ATOM   1287 O  O   . ALA A 1 180 ? -2.857  6.534   -5.701  1.00 30.94  ? 177 ALA A O   1 
ATOM   1288 C  CB  . ALA A 1 180 ? -2.979  4.064   -3.361  1.00 30.98  ? 177 ALA A CB  1 
ATOM   1289 N  N   . LEU A 1 181 ? -2.070  4.491   -6.322  1.00 32.06  ? 178 LEU A N   1 
ATOM   1290 C  CA  . LEU A 1 181 ? -1.119  4.945   -7.370  1.00 30.53  ? 178 LEU A CA  1 
ATOM   1291 C  C   . LEU A 1 181 ? -1.838  5.812   -8.408  1.00 30.14  ? 178 LEU A C   1 
ATOM   1292 O  O   . LEU A 1 181 ? -1.274  6.833   -8.832  1.00 29.91  ? 178 LEU A O   1 
ATOM   1293 C  CB  . LEU A 1 181 ? -0.464  3.714   -8.014  1.00 33.01  ? 178 LEU A CB  1 
ATOM   1294 C  CG  . LEU A 1 181 ? 0.476   3.985   -9.187  1.00 32.24  ? 178 LEU A CG  1 
ATOM   1295 C  CD1 . LEU A 1 181 ? 1.634   4.901   -8.794  1.00 35.25  ? 178 LEU A CD1 1 
ATOM   1296 C  CD2 . LEU A 1 181 ? 1.013   2.678   -9.737  1.00 31.14  ? 178 LEU A CD2 1 
ATOM   1297 N  N   . ASN A 1 182 ? -3.047  5.415   -8.819  1.00 31.59  ? 179 ASN A N   1 
ATOM   1298 C  CA  . ASN A 1 182 ? -3.809  6.101   -9.894  1.00 31.87  ? 179 ASN A CA  1 
ATOM   1299 C  C   . ASN A 1 182 ? -4.255  7.493   -9.437  1.00 31.07  ? 179 ASN A C   1 
ATOM   1300 O  O   . ASN A 1 182 ? -4.401  8.378   -10.299 1.00 30.70  ? 179 ASN A O   1 
ATOM   1301 C  CB  . ASN A 1 182 ? -5.005  5.267   -10.355 1.00 31.73  ? 179 ASN A CB  1 
ATOM   1302 C  CG  . ASN A 1 182 ? -4.559  4.146   -11.268 1.00 33.79  ? 179 ASN A CG  1 
ATOM   1303 O  OD1 . ASN A 1 182 ? -3.451  4.194   -11.800 1.00 30.62  ? 179 ASN A OD1 1 
ATOM   1304 N  ND2 . ASN A 1 182 ? -5.384  3.124   -11.417 1.00 35.88  ? 179 ASN A ND2 1 
ATOM   1305 N  N   . ARG A 1 183 ? -4.419  7.688   -8.131  1.00 31.65  ? 180 ARG A N   1 
ATOM   1306 C  CA  . ARG A 1 183 ? -4.838  8.979   -7.529  1.00 33.04  ? 180 ARG A CA  1 
ATOM   1307 C  C   . ARG A 1 183 ? -3.653  9.955   -7.484  1.00 34.30  ? 180 ARG A C   1 
ATOM   1308 O  O   . ARG A 1 183 ? -3.897  11.171  -7.391  1.00 30.18  ? 180 ARG A O   1 
ATOM   1309 C  CB  . ARG A 1 183 ? -5.414  8.724   -6.131  1.00 34.27  ? 180 ARG A CB  1 
ATOM   1310 C  CG  . ARG A 1 183 ? -6.730  7.960   -6.101  1.00 35.56  ? 180 ARG A CG  1 
ATOM   1311 C  CD  . ARG A 1 183 ? -7.241  7.845   -4.678  1.00 34.28  ? 180 ARG A CD  1 
ATOM   1312 N  NE  . ARG A 1 183 ? -8.319  6.880   -4.521  1.00 35.82  ? 180 ARG A NE  1 
ATOM   1313 C  CZ  . ARG A 1 183 ? -8.814  6.487   -3.356  1.00 33.16  ? 180 ARG A CZ  1 
ATOM   1314 N  NH1 . ARG A 1 183 ? -8.329  6.975   -2.222  1.00 33.39  ? 180 ARG A NH1 1 
ATOM   1315 N  NH2 . ARG A 1 183 ? -9.807  5.620   -3.322  1.00 35.27  ? 180 ARG A NH2 1 
ATOM   1316 N  N   . SER A 1 184 ? -2.418  9.446   -7.554  1.00 33.94  ? 181 SER A N   1 
ATOM   1317 C  CA  . SER A 1 184 ? -1.162  10.248  -7.523  1.00 35.31  ? 181 SER A CA  1 
ATOM   1318 C  C   . SER A 1 184 ? -1.012  11.066  -8.810  1.00 39.08  ? 181 SER A C   1 
ATOM   1319 O  O   . SER A 1 184 ? -1.762  10.828  -9.764  1.00 36.43  ? 181 SER A O   1 
ATOM   1320 C  CB  . SER A 1 184 ? 0.037   9.359   -7.338  1.00 36.48  ? 181 SER A CB  1 
ATOM   1321 O  OG  . SER A 1 184 ? 0.506   8.876   -8.592  1.00 36.17  ? 181 SER A OG  1 
ATOM   1322 N  N   . ALA A 1 185 ? -0.033  11.973  -8.844  1.00 37.28  ? 182 ALA A N   1 
ATOM   1323 C  CA  . ALA A 1 185 ? 0.281   12.826  -10.011 1.00 38.36  ? 182 ALA A CA  1 
ATOM   1324 C  C   . ALA A 1 185 ? 1.268   12.125  -10.961 1.00 39.72  ? 182 ALA A C   1 
ATOM   1325 O  O   . ALA A 1 185 ? 1.842   12.833  -11.831 1.00 36.70  ? 182 ALA A O   1 
ATOM   1326 C  CB  . ALA A 1 185 ? 0.813   14.152  -9.530  1.00 41.59  ? 182 ALA A CB  1 
ATOM   1327 N  N   . ILE A 1 186 ? 1.472   10.810  -10.818 1.00 38.67  ? 183 ILE A N   1 
ATOM   1328 C  CA  . ILE A 1 186 ? 2.384   10.003  -11.689 1.00 38.83  ? 183 ILE A CA  1 
ATOM   1329 C  C   . ILE A 1 186 ? 1.908   10.144  -13.140 1.00 42.06  ? 183 ILE A C   1 
ATOM   1330 O  O   . ILE A 1 186 ? 0.689   10.051  -13.372 1.00 42.53  ? 183 ILE A O   1 
ATOM   1331 C  CB  . ILE A 1 186 ? 2.463   8.528   -11.247 1.00 37.43  ? 183 ILE A CB  1 
ATOM   1332 C  CG1 . ILE A 1 186 ? 3.629   7.802   -11.930 1.00 36.59  ? 183 ILE A CG1 1 
ATOM   1333 C  CG2 . ILE A 1 186 ? 1.140   7.803   -11.468 1.00 34.96  ? 183 ILE A CG2 1 
ATOM   1334 C  CD1 . ILE A 1 186 ? 3.919   6.431   -11.372 1.00 34.54  ? 183 ILE A CD1 1 
ATOM   1335 N  N   . ILE A 1 187 ? 2.834   10.398  -14.064 1.00 46.70  ? 184 ILE A N   1 
ATOM   1336 C  CA  . ILE A 1 187 ? 2.544   10.508  -15.524 1.00 46.05  ? 184 ILE A CA  1 
ATOM   1337 C  C   . ILE A 1 187 ? 2.238   9.099   -16.038 1.00 45.72  ? 184 ILE A C   1 
ATOM   1338 O  O   . ILE A 1 187 ? 3.116   8.230   -15.937 1.00 42.92  ? 184 ILE A O   1 
ATOM   1339 C  CB  . ILE A 1 187 ? 3.704   11.191  -16.270 1.00 48.95  ? 184 ILE A CB  1 
ATOM   1340 C  CG1 . ILE A 1 187 ? 3.783   12.676  -15.905 1.00 48.73  ? 184 ILE A CG1 1 
ATOM   1341 C  CG2 . ILE A 1 187 ? 3.585   10.985  -17.773 1.00 50.37  ? 184 ILE A CG2 1 
ATOM   1342 C  CD1 . ILE A 1 187 ? 5.174   13.251  -15.942 1.00 47.28  ? 184 ILE A CD1 1 
ATOM   1343 N  N   . LYS A 1 188 ? 1.017   8.889   -16.535 1.00 44.90  ? 185 LYS A N   1 
ATOM   1344 C  CA  . LYS A 1 188 ? 0.508   7.566   -16.993 1.00 48.80  ? 185 LYS A CA  1 
ATOM   1345 C  C   . LYS A 1 188 ? 0.755   7.399   -18.498 1.00 54.46  ? 185 LYS A C   1 
ATOM   1346 O  O   . LYS A 1 188 ? 0.867   6.237   -18.941 1.00 57.83  ? 185 LYS A O   1 
ATOM   1347 C  CB  . LYS A 1 188 ? -0.974  7.440   -16.636 1.00 48.07  ? 185 LYS A CB  1 
ATOM   1348 C  CG  . LYS A 1 188 ? -1.268  7.564   -15.148 1.00 46.80  ? 185 LYS A CG  1 
ATOM   1349 C  CD  . LYS A 1 188 ? -2.735  7.658   -14.812 1.00 48.12  ? 185 LYS A CD  1 
ATOM   1350 C  CE  . LYS A 1 188 ? -3.041  7.169   -13.412 1.00 49.05  ? 185 LYS A CE  1 
ATOM   1351 N  NZ  . LYS A 1 188 ? -4.258  7.811   -12.865 1.00 46.16  ? 185 LYS A NZ  1 
ATOM   1352 N  N   . ASP A 1 189 ? 0.846   8.507   -19.244 1.00 58.50  ? 186 ASP A N   1 
ATOM   1353 C  CA  . ASP A 1 189 ? 1.075   8.517   -20.715 1.00 65.82  ? 186 ASP A CA  1 
ATOM   1354 C  C   . ASP A 1 189 ? 2.508   8.054   -21.008 1.00 69.24  ? 186 ASP A C   1 
ATOM   1355 O  O   . ASP A 1 189 ? 3.404   8.921   -21.110 1.00 70.51  ? 186 ASP A O   1 
ATOM   1356 C  CB  . ASP A 1 189 ? 0.783   9.898   -21.313 1.00 68.35  ? 186 ASP A CB  1 
ATOM   1357 C  CG  . ASP A 1 189 ? 0.888   9.945   -22.829 1.00 72.41  ? 186 ASP A CG  1 
ATOM   1358 O  OD1 . ASP A 1 189 ? 1.711   10.733  -23.336 1.00 73.87  ? 186 ASP A OD1 1 
ATOM   1359 O  OD2 . ASP A 1 189 ? 0.143   9.191   -23.492 1.00 73.62  ? 186 ASP A OD2 1 
ATOM   1360 N  N   . ASP A 1 190 ? 2.711   6.735   -21.116 1.00 71.86  ? 187 ASP A N   1 
ATOM   1361 C  CA  . ASP A 1 190 ? 3.987   6.095   -21.547 1.00 70.65  ? 187 ASP A CA  1 
ATOM   1362 C  C   . ASP A 1 190 ? 3.673   4.721   -22.152 1.00 72.71  ? 187 ASP A C   1 
ATOM   1363 O  O   . ASP A 1 190 ? 4.231   4.340   -23.180 1.00 74.37  ? 187 ASP A O   1 
ATOM   1364 C  CB  . ASP A 1 190 ? 5.001   5.988   -20.400 1.00 68.53  ? 187 ASP A CB  1 
ATOM   1365 C  CG  . ASP A 1 190 ? 4.398   5.677   -19.037 1.00 67.44  ? 187 ASP A CG  1 
ATOM   1366 O  OD1 . ASP A 1 190 ? 3.618   6.518   -18.544 1.00 64.48  ? 187 ASP A OD1 1 
ATOM   1367 O  OD2 . ASP A 1 190 ? 4.723   4.605   -18.472 1.00 57.10  ? 187 ASP A OD2 1 
HETATM 1368 C  C1  A I7P B 2 .   ? 0.345   -8.551  6.035   0.50 109.25 ? 201 I7P A C1  1 
HETATM 1369 C  C1  B I7P B 2 .   ? 1.439   -8.092  7.057   0.50 63.31  ? 201 I7P A C1  1 
HETATM 1370 C  C2  A I7P B 2 .   ? 1.126   -9.237  4.928   0.50 106.87 ? 201 I7P A C2  1 
HETATM 1371 C  C2  B I7P B 2 .   ? 2.446   -7.129  6.448   0.50 62.15  ? 201 I7P A C2  1 
HETATM 1372 C  C3  A I7P B 2 .   ? 1.858   -8.146  4.171   0.50 105.88 ? 201 I7P A C3  1 
HETATM 1373 C  C3  B I7P B 2 .   ? 2.969   -7.657  5.123   0.50 62.35  ? 201 I7P A C3  1 
HETATM 1374 C  C4  A I7P B 2 .   ? 2.834   -7.470  5.117   0.50 106.32 ? 201 I7P A C4  1 
HETATM 1375 C  C4  B I7P B 2 .   ? 1.823   -7.945  4.174   0.50 60.36  ? 201 I7P A C4  1 
HETATM 1376 C  C5  A I7P B 2 .   ? 2.012   -6.824  6.215   0.50 105.29 ? 201 I7P A C5  1 
HETATM 1377 C  C5  B I7P B 2 .   ? 0.846   -8.925  4.791   0.50 61.29  ? 201 I7P A C5  1 
HETATM 1378 C  C6  A I7P B 2 .   ? 1.340   -7.935  7.000   0.50 109.24 ? 201 I7P A C6  1 
HETATM 1379 C  C6  B I7P B 2 .   ? 0.305   -8.338  6.078   0.50 62.73  ? 201 I7P A C6  1 
HETATM 1380 O  O11 A I7P B 2 .   ? -0.578  -9.476  6.687   0.50 112.09 ? 201 I7P A O11 1 
HETATM 1381 O  O11 B I7P B 2 .   ? 0.891   -7.490  8.276   0.50 67.75  ? 201 I7P A O11 1 
HETATM 1382 O  O12 A I7P B 2 .   ? 2.130   -10.130 5.519   0.50 104.12 ? 201 I7P A O12 1 
HETATM 1383 O  O12 B I7P B 2 .   ? 1.762   -5.859  6.178   0.50 60.20  ? 201 I7P A O12 1 
HETATM 1384 O  O13 A I7P B 2 .   ? 2.573   -8.685  3.019   0.50 105.51 ? 201 I7P A O13 1 
HETATM 1385 O  O13 B I7P B 2 .   ? 3.795   -6.626  4.498   0.50 65.56  ? 201 I7P A O13 1 
HETATM 1386 O  O14 A I7P B 2 .   ? 3.612   -6.457  4.405   0.50 109.40 ? 201 I7P A O14 1 
HETATM 1387 O  O14 B I7P B 2 .   ? 2.367   -8.509  2.944   0.50 59.04  ? 201 I7P A O14 1 
HETATM 1388 O  O15 A I7P B 2 .   ? 2.821   -5.962  7.075   0.50 98.09  ? 201 I7P A O15 1 
HETATM 1389 O  O15 B I7P B 2 .   ? -0.264  -9.129  3.861   0.50 60.36  ? 201 I7P A O15 1 
HETATM 1390 O  O16 A I7P B 2 .   ? 0.667   -7.403  8.186   0.50 116.08 ? 201 I7P A O16 1 
HETATM 1391 O  O16 B I7P B 2 .   ? -0.672  -9.269  6.647   0.50 63.51  ? 201 I7P A O16 1 
HETATM 1392 O  O21 A I7P B 2 .   ? -2.048  -8.638  4.854   0.50 112.88 ? 201 I7P A O21 1 
HETATM 1393 O  O21 B I7P B 2 .   ? 1.885   -9.404  9.579   0.50 71.51  ? 201 I7P A O21 1 
HETATM 1394 O  O22 A I7P B 2 .   ? 2.680   -12.552 5.183   0.50 96.81  ? 201 I7P A O22 1 
HETATM 1395 O  O22 B I7P B 2 .   ? 2.795   -3.627  5.621   0.50 57.15  ? 201 I7P A O22 1 
HETATM 1396 O  O23 A I7P B 2 .   ? 2.168   -6.344  2.312   0.50 106.85 ? 201 I7P A O23 1 
HETATM 1397 O  O23 B I7P B 2 .   ? 5.863   -7.758  5.412   0.50 60.48  ? 201 I7P A O23 1 
HETATM 1398 O  O24 A I7P B 2 .   ? 5.620   -7.799  5.076   0.50 107.22 ? 201 I7P A O24 1 
HETATM 1399 O  O24 B I7P B 2 .   ? 1.811   -6.301  2.014   0.50 56.97  ? 201 I7P A O24 1 
HETATM 1400 O  O25 A I7P B 2 .   ? 2.950   -3.625  6.111   0.50 88.69  ? 201 I7P A O25 1 
HETATM 1401 O  O25 B I7P B 2 .   ? 0.435   -11.537 3.532   0.50 61.29  ? 201 I7P A O25 1 
HETATM 1402 O  O26 A I7P B 2 .   ? 1.847   -9.238  9.432   0.50 122.81 ? 201 I7P A O26 1 
HETATM 1403 O  O26 B I7P B 2 .   ? -2.719  -8.084  7.426   0.50 62.01  ? 201 I7P A O26 1 
HETATM 1404 O  O31 A I7P B 2 .   ? -2.801  -10.601 6.241   0.50 114.53 ? 201 I7P A O31 1 
HETATM 1405 O  O31 B I7P B 2 .   ? 2.020   -7.046  10.474  0.50 70.98  ? 201 I7P A O31 1 
HETATM 1406 O  O32 A I7P B 2 .   ? 0.381   -11.894 5.972   0.50 99.46  ? 201 I7P A O32 1 
HETATM 1407 O  O32 B I7P B 2 .   ? 3.252   -4.716  7.846   0.50 58.81  ? 201 I7P A O32 1 
HETATM 1408 O  O33 A I7P B 2 .   ? 4.332   -7.487  1.694   0.50 105.44 ? 201 I7P A O33 1 
HETATM 1409 O  O33 B I7P B 2 .   ? 5.978   -6.227  3.399   0.50 65.43  ? 201 I7P A O33 1 
HETATM 1410 O  O34 A I7P B 2 .   ? 5.800   -6.079  3.239   0.50 106.82 ? 201 I7P A O34 1 
HETATM 1411 O  O34 B I7P B 2 .   ? 4.221   -7.046  2.068   0.50 55.50  ? 201 I7P A O34 1 
HETATM 1412 O  O35 A I7P B 2 .   ? 0.768   -4.517  7.089   0.50 89.34  ? 201 I7P A O35 1 
HETATM 1413 O  O35 B I7P B 2 .   ? -1.974  -10.937 4.134   0.50 60.49  ? 201 I7P A O35 1 
HETATM 1414 O  O36 A I7P B 2 .   ? 1.924   -6.875  10.304  0.50 120.65 ? 201 I7P A O36 1 
HETATM 1415 O  O36 B I7P B 2 .   ? -2.280  -8.377  4.959   0.50 65.22  ? 201 I7P A O36 1 
HETATM 1416 O  O41 A I7P B 2 .   ? -2.736  -8.295  7.254   0.50 112.42 ? 201 I7P A O41 1 
HETATM 1417 O  O41 B I7P B 2 .   ? -0.198  -8.248  10.411  0.50 69.46  ? 201 I7P A O41 1 
HETATM 1418 O  O42 A I7P B 2 .   ? 2.360   -11.640 7.512   0.50 98.41  ? 201 I7P A O42 1 
HETATM 1419 O  O42 B I7P B 2 .   ? 0.968   -3.777  7.347   0.50 57.12  ? 201 I7P A O42 1 
HETATM 1420 O  O43 A I7P B 2 .   ? 2.166   -8.183  0.582   0.50 108.05 ? 201 I7P A O43 1 
HETATM 1421 O  O43 B I7P B 2 .   ? 5.514   -5.275  5.695   0.50 64.31  ? 201 I7P A O43 1 
HETATM 1422 O  O44 A I7P B 2 .   ? 5.498   -5.345  5.635   0.50 109.97 ? 201 I7P A O44 1 
HETATM 1423 O  O44 B I7P B 2 .   ? 2.594   -8.127  0.464   0.50 58.42  ? 201 I7P A O44 1 
HETATM 1424 O  O45 A I7P B 2 .   ? 2.691   -3.994  8.623   0.50 82.63  ? 201 I7P A O45 1 
HETATM 1425 O  O45 B I7P B 2 .   ? -1.041  -10.319 1.864   0.50 56.59  ? 201 I7P A O45 1 
HETATM 1426 O  O46 A I7P B 2 .   ? -0.228  -8.184  10.403  0.50 120.80 ? 201 I7P A O46 1 
HETATM 1427 O  O46 B I7P B 2 .   ? -2.946  -10.358 6.361   0.50 65.15  ? 201 I7P A O46 1 
HETATM 1428 O  O55 A I7P B 2 .   ? 3.432   -2.180  10.150  0.50 73.58  ? 201 I7P A O55 1 
HETATM 1429 O  O55 B I7P B 2 .   ? -1.027  -11.126 -0.466  0.50 58.16  ? 201 I7P A O55 1 
HETATM 1430 O  O65 A I7P B 2 .   ? 4.734   -2.664  8.053   0.50 72.44  ? 201 I7P A O65 1 
HETATM 1431 O  O65 B I7P B 2 .   ? 1.126   -11.041 0.838   0.50 57.33  ? 201 I7P A O65 1 
HETATM 1432 O  O75 A I7P B 2 .   ? 4.763   -4.299  9.968   0.50 77.47  ? 201 I7P A O75 1 
HETATM 1433 O  O75 B I7P B 2 .   ? 0.019   -8.917  0.076   0.50 53.49  ? 201 I7P A O75 1 
HETATM 1434 P  PA1 A I7P B 2 .   ? -2.119  -9.248  6.246   0.50 113.25 ? 201 I7P A PA1 1 
HETATM 1435 P  PA1 B I7P B 2 .   ? 1.163   -8.078  9.755   0.50 72.47  ? 201 I7P A PA1 1 
HETATM 1436 P  PA2 A I7P B 2 .   ? 1.870   -11.626 6.073   0.50 99.80  ? 201 I7P A PA2 1 
HETATM 1437 P  PA2 B I7P B 2 .   ? 2.218   -4.425  6.778   0.50 55.20  ? 201 I7P A PA2 1 
HETATM 1438 P  PA3 A I7P B 2 .   ? 2.825   -7.628  1.835   0.50 107.19 ? 201 I7P A PA3 1 
HETATM 1439 P  PA3 B I7P B 2 .   ? 5.371   -6.473  4.771   0.50 65.30  ? 201 I7P A PA3 1 
HETATM 1440 P  PA4 A I7P B 2 .   ? 5.213   -6.417  4.597   0.50 110.40 ? 201 I7P A PA4 1 
HETATM 1441 P  PA4 B I7P B 2 .   ? 2.777   -7.450  1.810   0.50 57.80  ? 201 I7P A PA4 1 
HETATM 1442 P  PA5 A I7P B 2 .   ? 2.263   -4.457  7.150   0.50 88.20  ? 201 I7P A PA5 1 
HETATM 1443 P  PA5 B I7P B 2 .   ? -0.717  -10.598 3.407   0.50 61.21  ? 201 I7P A PA5 1 
HETATM 1444 P  PA6 A I7P B 2 .   ? 1.072   -7.949  9.653   0.50 122.59 ? 201 I7P A PA6 1 
HETATM 1445 P  PA6 B I7P B 2 .   ? -2.235  -9.019  6.334   0.50 62.52  ? 201 I7P A PA6 1 
HETATM 1446 P  PB5 A I7P B 2 .   ? 3.979   -3.239  9.231   0.50 77.29  ? 201 I7P A PB5 1 
HETATM 1447 P  PB5 B I7P B 2 .   ? -0.177  -10.347 0.505   0.50 57.33  ? 201 I7P A PB5 1 
HETATM 1448 C  C   . ACT C 3 .   ? -0.687  -4.465  4.172   1.00 56.13  ? 202 ACT A C   1 
HETATM 1449 O  O   . ACT C 3 .   ? -0.034  -3.503  4.650   1.00 52.18  ? 202 ACT A O   1 
HETATM 1450 O  OXT . ACT C 3 .   ? -0.506  -4.937  3.038   1.00 54.02  ? 202 ACT A OXT 1 
HETATM 1451 C  CH3 . ACT C 3 .   ? -1.788  -5.069  5.005   1.00 56.02  ? 202 ACT A CH3 1 
HETATM 1452 MG MG  . MG  D 4 .   ? 4.608   -3.093  5.862   0.50 63.24  ? 203 MG  A MG  1 
HETATM 1453 O  O   . HOH E 5 .   ? -6.362  -6.464  -2.532  1.00 45.41  ? 301 HOH A O   1 
HETATM 1454 O  O   . HOH E 5 .   ? 19.504  12.239  3.149   1.00 35.27  ? 302 HOH A O   1 
HETATM 1455 O  O   . HOH E 5 .   ? 4.216   -10.432 3.077   1.00 52.22  ? 303 HOH A O   1 
HETATM 1456 O  O   . HOH E 5 .   ? 3.833   -0.472  12.125  1.00 43.80  ? 304 HOH A O   1 
HETATM 1457 O  O   . HOH E 5 .   ? -10.083 1.244   17.514  1.00 45.07  ? 305 HOH A O   1 
HETATM 1458 O  O   . HOH E 5 .   ? 2.116   -12.875 2.366   1.00 63.45  ? 306 HOH A O   1 
HETATM 1459 O  O   . HOH E 5 .   ? -12.623 3.184   10.012  1.00 30.42  ? 307 HOH A O   1 
HETATM 1460 O  O   . HOH E 5 .   ? 4.387   -7.063  9.655   1.00 69.90  ? 308 HOH A O   1 
HETATM 1461 O  O   . HOH E 5 .   ? 25.819  2.674   11.734  1.00 32.23  ? 309 HOH A O   1 
HETATM 1462 O  O   . HOH E 5 .   ? -9.044  -5.066  -1.860  1.00 44.70  ? 310 HOH A O   1 
HETATM 1463 O  O   . HOH E 5 .   ? 9.054   1.445   14.143  1.00 58.42  ? 311 HOH A O   1 
HETATM 1464 O  O   . HOH E 5 .   ? -3.909  13.796  6.613   1.00 42.93  ? 312 HOH A O   1 
HETATM 1465 O  O   . HOH E 5 .   ? 5.259   6.833   -15.892 1.00 32.26  ? 313 HOH A O   1 
HETATM 1466 O  O   . HOH E 5 .   ? -4.084  -6.349  4.388   1.00 51.48  ? 314 HOH A O   1 
HETATM 1467 O  O   . HOH E 5 .   ? -1.660  10.453  -12.322 1.00 36.02  ? 315 HOH A O   1 
HETATM 1468 O  O   . HOH E 5 .   ? -12.207 -2.310  16.324  1.00 46.17  ? 316 HOH A O   1 
HETATM 1469 O  O   . HOH E 5 .   ? -15.808 -1.752  2.791   1.00 43.31  ? 317 HOH A O   1 
HETATM 1470 O  O   . HOH E 5 .   ? 4.980   -9.489  7.199   1.00 44.99  ? 318 HOH A O   1 
HETATM 1471 O  O   . HOH E 5 .   ? -9.549  -0.957  -4.446  1.00 59.61  ? 319 HOH A O   1 
HETATM 1472 O  O   . HOH E 5 .   ? -3.780  13.967  13.891  1.00 37.68  ? 320 HOH A O   1 
HETATM 1473 O  O   . HOH E 5 .   ? -1.901  -0.726  13.102  1.00 54.87  ? 321 HOH A O   1 
HETATM 1474 O  O   . HOH E 5 .   ? 5.809   4.309   -3.492  1.00 27.22  ? 322 HOH A O   1 
HETATM 1475 O  O   . HOH E 5 .   ? -12.560 0.052   7.515   1.00 33.62  ? 323 HOH A O   1 
HETATM 1476 O  O   . HOH E 5 .   ? 10.360  8.943   4.926   1.00 46.06  ? 324 HOH A O   1 
HETATM 1477 O  O   . HOH E 5 .   ? 10.251  11.586  4.364   1.00 31.73  ? 325 HOH A O   1 
HETATM 1478 O  O   . HOH E 5 .   ? 22.166  10.074  -2.055  1.00 49.85  ? 326 HOH A O   1 
HETATM 1479 O  O   . HOH E 5 .   ? -3.354  12.356  9.577   1.00 38.70  ? 327 HOH A O   1 
HETATM 1480 O  O   . HOH E 5 .   ? -4.791  9.298   3.596   1.00 40.03  ? 328 HOH A O   1 
HETATM 1481 O  O   . HOH E 5 .   ? -5.716  10.238  5.834   1.00 38.05  ? 329 HOH A O   1 
HETATM 1482 O  O   . HOH E 5 .   ? -10.077 -2.730  -2.878  1.00 46.68  ? 330 HOH A O   1 
HETATM 1483 O  O   . HOH E 5 .   ? 4.900   -3.015  3.232   1.00 40.65  ? 331 HOH A O   1 
HETATM 1484 O  O   . HOH E 5 .   ? -10.331 0.760   -1.950  1.00 41.22  ? 332 HOH A O   1 
HETATM 1485 O  O   . HOH E 5 .   ? 17.640  4.004   10.555  1.00 33.54  ? 333 HOH A O   1 
HETATM 1486 O  O   . HOH E 5 .   ? -16.316 0.508   4.849   1.00 38.72  ? 334 HOH A O   1 
HETATM 1487 O  O   . HOH E 5 .   ? -7.073  -0.136  -9.175  1.00 29.69  ? 335 HOH A O   1 
HETATM 1488 O  O   . HOH E 5 .   ? 17.313  -8.720  0.222   1.00 61.34  ? 336 HOH A O   1 
HETATM 1489 O  O   . HOH E 5 .   ? -3.843  16.875  -1.236  1.00 35.51  ? 337 HOH A O   1 
HETATM 1490 O  O   . HOH E 5 .   ? -0.515  11.463  -17.966 1.00 54.76  ? 338 HOH A O   1 
HETATM 1491 O  O   . HOH E 5 .   ? -10.911 5.193   11.238  0.50 30.73  ? 339 HOH A O   1 
HETATM 1492 O  O   . HOH E 5 .   ? 19.602  2.171   8.805   1.00 36.53  ? 340 HOH A O   1 
HETATM 1493 O  O   . HOH E 5 .   ? -11.889 3.320   -1.587  1.00 52.76  ? 341 HOH A O   1 
HETATM 1494 O  O   . HOH E 5 .   ? 1.105   -15.182 2.375   1.00 60.94  ? 342 HOH A O   1 
HETATM 1495 O  O   . HOH E 5 .   ? -1.545  -15.068 -0.269  1.00 52.11  ? 343 HOH A O   1 
HETATM 1496 O  O   . HOH E 5 .   ? -1.609  -16.376 3.117   1.00 66.40  ? 344 HOH A O   1 
HETATM 1497 O  O   . HOH E 5 .   ? -4.204  14.724  11.152  1.00 37.50  ? 345 HOH A O   1 
HETATM 1498 O  O   . HOH E 5 .   ? -10.876 3.378   18.817  0.50 42.09  ? 346 HOH A O   1 
# 
